data_3OB7
#
_entry.id   3OB7
#
_cell.length_a   201.798
_cell.length_b   123.106
_cell.length_c   99.928
_cell.angle_alpha   90.000
_cell.angle_beta   115.750
_cell.angle_gamma   90.000
#
_symmetry.space_group_name_H-M   'C 1 2 1'
#
loop_
_entity.id
_entity.type
_entity.pdbx_description
1 polymer 'Thymidylate synthase'
2 non-polymer GLUTATHIONE
3 non-polymer 'PHOSPHATE ION'
4 water water
#
_entity_poly.entity_id   1
_entity_poly.type   'polypeptide(L)'
_entity_poly.pdbx_seq_one_letter_code
;MPVAGSELPRRPLPPAAQERDAEPRPPHGELQYLGQIQHILRCGVRKDDRTGTGTLSVFGMQARYSLRDEFPLLTTKRVF
WKGVLEELLWFIKGSTNAKELSSKGVKIWDANGSRDFLDSLGFSTREEGDLGPVYGFQWRHFGAEYRDMESDYSGQGVDQ
LQKVIDTIKTNPDDRRIIMCAWNPRDLPLMALPPCHALCQFYVVNSELSCQLYQRSGDMGLGVPFNIASYALLTYMIAHI
TGLKPGDFIHTLGDAHIYLNHIEPLKIQLQREPRPFPKLRILRKVEKIDDFKAEDFQIEGYNPHPTIKMEMAV
;
_entity_poly.pdbx_strand_id   A,B,C,D,E
#
# COMPACT_ATOMS: atom_id res chain seq x y z
N PRO A 26 -25.73 -12.02 -38.14
CA PRO A 26 -24.41 -11.50 -37.75
C PRO A 26 -23.66 -10.86 -38.93
N PRO A 27 -24.21 -9.78 -39.52
CA PRO A 27 -23.58 -9.10 -40.66
C PRO A 27 -22.18 -8.59 -40.30
N HIS A 28 -21.17 -9.03 -41.05
CA HIS A 28 -19.79 -8.62 -40.78
C HIS A 28 -19.68 -7.12 -40.47
N GLY A 29 -18.84 -6.80 -39.48
CA GLY A 29 -18.66 -5.42 -39.10
C GLY A 29 -17.98 -4.60 -40.17
N GLU A 30 -17.01 -5.20 -40.85
CA GLU A 30 -16.26 -4.50 -41.87
C GLU A 30 -17.16 -4.01 -43.01
N LEU A 31 -18.40 -4.48 -43.03
CA LEU A 31 -19.34 -4.07 -44.06
C LEU A 31 -19.80 -2.63 -43.83
N GLN A 32 -19.75 -2.21 -42.56
CA GLN A 32 -20.11 -0.84 -42.22
C GLN A 32 -19.05 0.07 -42.86
N TYR A 33 -17.79 -0.37 -42.75
CA TYR A 33 -16.64 0.36 -43.28
C TYR A 33 -16.74 0.55 -44.79
N LEU A 34 -16.84 -0.55 -45.51
CA LEU A 34 -16.93 -0.46 -46.97
C LEU A 34 -18.14 0.39 -47.34
N GLY A 35 -19.23 0.20 -46.61
CA GLY A 35 -20.42 0.98 -46.89
C GLY A 35 -20.11 2.46 -46.96
N GLN A 36 -19.21 2.91 -46.09
CA GLN A 36 -18.81 4.31 -46.04
C GLN A 36 -18.08 4.72 -47.31
N ILE A 37 -17.24 3.83 -47.81
CA ILE A 37 -16.52 4.11 -49.04
C ILE A 37 -17.57 4.09 -50.17
N GLN A 38 -18.36 3.00 -50.23
CA GLN A 38 -19.40 2.87 -51.25
C GLN A 38 -20.19 4.18 -51.28
N HIS A 39 -20.37 4.76 -50.10
CA HIS A 39 -21.12 6.01 -49.93
C HIS A 39 -20.33 7.26 -50.32
N ILE A 40 -19.04 7.28 -50.01
CA ILE A 40 -18.28 8.46 -50.35
C ILE A 40 -18.23 8.57 -51.86
N LEU A 41 -18.10 7.42 -52.53
CA LEU A 41 -18.06 7.38 -53.98
C LEU A 41 -19.36 7.93 -54.58
N ARG A 42 -20.45 7.26 -54.25
CA ARG A 42 -21.77 7.60 -54.72
C ARG A 42 -22.25 9.02 -54.36
N CYS A 43 -22.00 9.45 -53.12
CA CYS A 43 -22.45 10.77 -52.67
C CYS A 43 -21.42 11.86 -52.42
N GLY A 44 -20.16 11.48 -52.22
CA GLY A 44 -19.15 12.49 -51.95
C GLY A 44 -18.91 13.49 -53.05
N VAL A 45 -18.13 14.54 -52.76
CA VAL A 45 -17.80 15.56 -53.77
C VAL A 45 -16.31 15.94 -53.69
N ARG A 46 -15.82 16.63 -54.72
CA ARG A 46 -14.42 16.99 -54.73
C ARG A 46 -14.12 18.12 -53.77
N LYS A 47 -13.05 17.93 -52.99
CA LYS A 47 -12.58 18.91 -52.01
C LYS A 47 -11.08 18.69 -51.99
N ASP A 48 -10.31 19.73 -52.25
CA ASP A 48 -8.85 19.64 -52.28
C ASP A 48 -8.26 19.86 -50.91
N ASP A 49 -7.19 19.12 -50.62
CA ASP A 49 -6.54 19.24 -49.34
C ASP A 49 -5.49 20.35 -49.31
N ARG A 50 -4.66 20.31 -48.27
CA ARG A 50 -3.61 21.28 -48.03
C ARG A 50 -2.62 21.48 -49.18
N THR A 51 -2.14 20.40 -49.76
CA THR A 51 -1.20 20.50 -50.88
C THR A 51 -1.85 20.69 -52.26
N GLY A 52 -3.15 20.96 -52.30
CA GLY A 52 -3.83 21.16 -53.58
C GLY A 52 -4.36 19.87 -54.23
N THR A 53 -3.91 18.74 -53.70
CA THR A 53 -4.32 17.43 -54.19
C THR A 53 -5.80 17.17 -53.95
N GLY A 54 -6.50 16.71 -54.98
CA GLY A 54 -7.93 16.46 -54.85
C GLY A 54 -8.37 15.20 -54.13
N THR A 55 -9.56 15.28 -53.54
CA THR A 55 -10.15 14.17 -52.83
C THR A 55 -11.67 14.15 -53.04
N LEU A 56 -12.28 13.00 -52.79
CA LEU A 56 -13.72 12.91 -52.91
C LEU A 56 -14.06 12.75 -51.45
N SER A 57 -14.94 13.60 -50.90
CA SER A 57 -15.27 13.48 -49.47
C SER A 57 -16.67 13.80 -48.97
N VAL A 58 -16.97 13.22 -47.81
CA VAL A 58 -18.24 13.40 -47.12
C VAL A 58 -17.92 13.89 -45.71
N PHE A 59 -18.63 14.91 -45.24
CA PHE A 59 -18.40 15.46 -43.90
C PHE A 59 -19.40 14.95 -42.87
N GLY A 60 -18.86 14.27 -41.87
CA GLY A 60 -19.68 13.72 -40.82
C GLY A 60 -20.16 12.31 -41.11
N MET A 61 -19.49 11.32 -40.53
CA MET A 61 -19.89 9.94 -40.71
C MET A 61 -19.78 9.20 -39.39
N GLN A 62 -20.39 8.02 -39.33
CA GLN A 62 -20.32 7.19 -38.13
C GLN A 62 -20.41 5.67 -38.43
N ALA A 63 -19.71 4.89 -37.61
CA ALA A 63 -19.73 3.44 -37.75
C ALA A 63 -19.55 2.86 -36.35
N ARG A 64 -20.10 1.67 -36.16
CA ARG A 64 -20.04 1.02 -34.86
C ARG A 64 -19.42 -0.33 -35.11
N TYR A 65 -18.55 -0.77 -34.20
CA TYR A 65 -17.91 -2.05 -34.36
C TYR A 65 -18.01 -2.83 -33.05
N SER A 66 -18.44 -4.09 -33.12
CA SER A 66 -18.53 -4.88 -31.91
C SER A 66 -17.10 -5.26 -31.52
N LEU A 67 -16.83 -5.20 -30.24
CA LEU A 67 -15.53 -5.54 -29.70
C LEU A 67 -15.70 -6.86 -28.96
N ARG A 68 -16.91 -7.40 -29.04
CA ARG A 68 -17.25 -8.64 -28.36
C ARG A 68 -16.68 -9.88 -29.00
N ASP A 69 -15.67 -10.43 -28.34
CA ASP A 69 -14.98 -11.64 -28.79
C ASP A 69 -14.24 -11.45 -30.11
N GLU A 70 -14.56 -10.37 -30.81
CA GLU A 70 -13.93 -10.06 -32.09
C GLU A 70 -12.96 -8.92 -31.87
N PHE A 71 -12.26 -8.55 -32.93
CA PHE A 71 -11.34 -7.42 -32.89
C PHE A 71 -11.21 -6.87 -34.30
N PRO A 72 -11.89 -5.74 -34.58
CA PRO A 72 -11.93 -5.03 -35.86
C PRO A 72 -10.63 -4.67 -36.56
N LEU A 73 -9.81 -5.67 -36.85
CA LEU A 73 -8.56 -5.44 -37.56
C LEU A 73 -8.88 -5.74 -39.02
N LEU A 74 -9.39 -4.74 -39.74
CA LEU A 74 -9.76 -4.86 -41.15
C LEU A 74 -9.01 -5.91 -41.97
N THR A 75 -9.78 -6.78 -42.63
CA THR A 75 -9.25 -7.87 -43.45
C THR A 75 -9.21 -7.64 -44.96
N THR A 76 -10.06 -6.75 -45.48
CA THR A 76 -10.07 -6.48 -46.93
C THR A 76 -8.81 -5.76 -47.45
N LYS A 77 -7.82 -5.60 -46.57
CA LYS A 77 -6.52 -4.98 -46.87
C LYS A 77 -5.73 -5.12 -45.59
N ARG A 78 -4.42 -5.25 -45.68
CA ARG A 78 -3.63 -5.40 -44.48
C ARG A 78 -3.46 -4.08 -43.71
N VAL A 79 -3.54 -4.18 -42.38
CA VAL A 79 -3.39 -3.03 -41.47
C VAL A 79 -2.09 -3.18 -40.68
N PHE A 80 -1.24 -2.16 -40.74
CA PHE A 80 0.04 -2.16 -40.03
C PHE A 80 -0.20 -2.31 -38.52
N TRP A 81 -0.57 -3.49 -38.07
CA TRP A 81 -0.81 -3.72 -36.66
C TRP A 81 0.39 -3.48 -35.74
N LYS A 82 1.60 -3.81 -36.18
CA LYS A 82 2.74 -3.56 -35.30
C LYS A 82 2.83 -2.06 -35.05
N GLY A 83 2.40 -1.28 -36.04
CA GLY A 83 2.44 0.16 -35.89
C GLY A 83 1.35 0.60 -34.93
N VAL A 84 0.20 -0.03 -35.02
CA VAL A 84 -0.90 0.32 -34.14
C VAL A 84 -0.47 0.09 -32.71
N LEU A 85 0.01 -1.12 -32.42
CA LEU A 85 0.40 -1.48 -31.06
C LEU A 85 1.63 -0.74 -30.47
N GLU A 86 2.71 -0.68 -31.22
CA GLU A 86 3.89 -0.02 -30.69
C GLU A 86 3.65 1.47 -30.48
N GLU A 87 2.81 2.08 -31.32
CA GLU A 87 2.51 3.51 -31.21
C GLU A 87 1.59 3.80 -30.01
N LEU A 88 0.59 2.96 -29.81
CA LEU A 88 -0.33 3.17 -28.72
C LEU A 88 0.49 3.10 -27.44
N LEU A 89 1.34 2.07 -27.34
CA LEU A 89 2.19 1.91 -26.18
C LEU A 89 3.08 3.14 -25.98
N TRP A 90 3.43 3.78 -27.10
CA TRP A 90 4.24 4.98 -27.13
C TRP A 90 3.40 6.15 -26.54
N PHE A 91 2.15 6.26 -26.96
CA PHE A 91 1.25 7.30 -26.49
C PHE A 91 1.09 7.17 -24.98
N ILE A 92 0.99 5.93 -24.50
CA ILE A 92 0.79 5.74 -23.06
C ILE A 92 1.98 6.17 -22.18
N LYS A 93 3.19 5.99 -22.70
CA LYS A 93 4.38 6.38 -21.97
C LYS A 93 4.37 7.86 -21.78
N GLY A 94 3.70 8.54 -22.69
CA GLY A 94 3.62 10.00 -22.63
C GLY A 94 4.73 10.62 -23.45
N SER A 95 5.49 9.78 -24.15
CA SER A 95 6.59 10.24 -24.99
C SER A 95 6.16 11.14 -26.14
N THR A 96 7.04 12.08 -26.51
CA THR A 96 6.76 12.97 -27.62
C THR A 96 7.98 12.97 -28.53
N ASN A 97 8.96 12.15 -28.16
CA ASN A 97 10.20 12.02 -28.92
C ASN A 97 10.01 10.90 -29.96
N ALA A 98 9.98 11.28 -31.23
CA ALA A 98 9.80 10.35 -32.33
C ALA A 98 10.79 9.20 -32.33
N LYS A 99 12.06 9.48 -32.09
CA LYS A 99 13.07 8.43 -32.09
C LYS A 99 12.71 7.30 -31.15
N GLU A 100 12.05 7.63 -30.05
CA GLU A 100 11.67 6.64 -29.05
C GLU A 100 10.67 5.64 -29.64
N LEU A 101 9.95 6.09 -30.66
CA LEU A 101 8.97 5.27 -31.35
C LEU A 101 9.71 4.51 -32.44
N SER A 102 10.41 5.27 -33.27
CA SER A 102 11.21 4.75 -34.35
C SER A 102 12.01 3.52 -33.85
N SER A 103 12.61 3.67 -32.68
CA SER A 103 13.40 2.62 -32.04
C SER A 103 12.79 1.23 -32.14
N LYS A 104 11.53 1.11 -31.73
CA LYS A 104 10.82 -0.17 -31.74
C LYS A 104 10.44 -0.70 -33.13
N GLY A 105 10.90 -0.02 -34.17
CA GLY A 105 10.58 -0.47 -35.52
C GLY A 105 9.55 0.35 -36.28
N VAL A 106 8.71 1.09 -35.56
CA VAL A 106 7.70 1.93 -36.22
C VAL A 106 8.34 3.25 -36.59
N LYS A 107 8.39 3.53 -37.89
CA LYS A 107 9.04 4.74 -38.40
C LYS A 107 8.07 5.82 -38.89
N ILE A 108 6.82 5.79 -38.45
CA ILE A 108 5.86 6.76 -38.98
C ILE A 108 5.88 8.21 -38.48
N TRP A 109 6.47 8.48 -37.33
CA TRP A 109 6.48 9.86 -36.85
C TRP A 109 7.77 10.55 -37.24
N ASP A 110 8.84 9.78 -37.31
CA ASP A 110 10.17 10.27 -37.65
C ASP A 110 10.21 11.43 -38.66
N ALA A 111 9.37 11.37 -39.68
CA ALA A 111 9.34 12.41 -40.69
C ALA A 111 8.94 13.78 -40.16
N ASN A 112 8.32 13.80 -38.98
CA ASN A 112 7.88 15.05 -38.37
C ASN A 112 8.86 15.59 -37.33
N GLY A 113 9.68 14.69 -36.80
CA GLY A 113 10.67 15.06 -35.82
C GLY A 113 12.04 15.20 -36.45
N SER A 114 12.07 15.13 -37.78
CA SER A 114 13.32 15.26 -38.55
C SER A 114 13.87 16.67 -38.42
N ARG A 115 15.18 16.81 -38.60
CA ARG A 115 15.82 18.10 -38.49
C ARG A 115 15.11 19.15 -39.31
N ASP A 116 15.27 19.06 -40.62
CA ASP A 116 14.68 20.01 -41.56
C ASP A 116 13.23 20.35 -41.29
N PHE A 117 12.41 19.34 -41.02
CA PHE A 117 11.01 19.60 -40.77
C PHE A 117 10.84 20.59 -39.64
N LEU A 118 11.60 20.38 -38.57
CA LEU A 118 11.53 21.25 -37.41
C LEU A 118 11.98 22.66 -37.77
N ASP A 119 13.22 22.79 -38.22
CA ASP A 119 13.75 24.10 -38.60
C ASP A 119 12.75 24.89 -39.44
N SER A 120 11.94 24.17 -40.22
CA SER A 120 10.95 24.80 -41.09
C SER A 120 9.72 25.38 -40.40
N LEU A 121 9.29 24.77 -39.31
CA LEU A 121 8.12 25.26 -38.59
C LEU A 121 8.53 26.35 -37.58
N GLY A 122 9.83 26.59 -37.49
CA GLY A 122 10.34 27.60 -36.58
C GLY A 122 10.96 27.02 -35.32
N PHE A 123 10.96 25.70 -35.22
CA PHE A 123 11.51 25.03 -34.05
C PHE A 123 12.99 24.69 -34.21
N SER A 124 13.77 25.68 -34.64
CA SER A 124 15.20 25.51 -34.84
C SER A 124 15.94 25.20 -33.53
N THR A 125 15.34 25.60 -32.42
CA THR A 125 15.90 25.40 -31.09
C THR A 125 15.65 24.00 -30.50
N ARG A 126 14.78 23.22 -31.13
CA ARG A 126 14.45 21.87 -30.66
C ARG A 126 15.43 20.83 -31.17
N GLU A 127 15.64 19.79 -30.36
CA GLU A 127 16.51 18.70 -30.76
C GLU A 127 15.73 17.74 -31.63
N GLU A 128 16.43 17.03 -32.51
CA GLU A 128 15.79 16.09 -33.40
C GLU A 128 14.96 15.03 -32.69
N GLY A 129 13.67 14.98 -33.02
CA GLY A 129 12.77 14.01 -32.43
C GLY A 129 11.64 14.66 -31.66
N ASP A 130 11.86 15.89 -31.19
CA ASP A 130 10.87 16.62 -30.43
C ASP A 130 9.66 17.03 -31.28
N LEU A 131 8.55 16.30 -31.11
CA LEU A 131 7.32 16.54 -31.84
C LEU A 131 6.47 17.62 -31.22
N GLY A 132 6.79 17.98 -29.98
CA GLY A 132 6.01 18.98 -29.28
C GLY A 132 4.98 18.35 -28.39
N PRO A 133 4.00 19.12 -27.93
CA PRO A 133 3.00 18.51 -27.06
C PRO A 133 1.95 17.72 -27.84
N VAL A 134 2.37 16.62 -28.47
CA VAL A 134 1.45 15.79 -29.23
C VAL A 134 0.73 14.76 -28.34
N TYR A 135 -0.08 13.89 -28.93
CA TYR A 135 -0.85 12.91 -28.15
C TYR A 135 -0.32 12.51 -26.76
N GLY A 136 0.86 11.91 -26.72
CA GLY A 136 1.40 11.49 -25.44
C GLY A 136 1.23 12.53 -24.34
N PHE A 137 1.83 13.69 -24.55
CA PHE A 137 1.75 14.80 -23.61
C PHE A 137 0.29 15.12 -23.21
N GLN A 138 -0.56 15.50 -24.18
CA GLN A 138 -1.97 15.82 -23.86
C GLN A 138 -2.68 14.73 -23.09
N TRP A 139 -2.29 13.49 -23.32
CA TRP A 139 -2.88 12.33 -22.67
C TRP A 139 -2.59 12.21 -21.20
N ARG A 140 -1.32 12.35 -20.85
CA ARG A 140 -0.92 12.23 -19.45
C ARG A 140 -0.66 13.57 -18.72
N HIS A 141 -0.54 14.66 -19.47
CA HIS A 141 -0.25 15.94 -18.85
C HIS A 141 -1.01 17.10 -19.48
N PHE A 142 -2.27 16.88 -19.87
CA PHE A 142 -3.01 17.97 -20.49
C PHE A 142 -2.87 19.22 -19.64
N GLY A 143 -2.48 20.32 -20.27
CA GLY A 143 -2.36 21.57 -19.55
C GLY A 143 -0.99 21.99 -19.05
N ALA A 144 -0.09 21.05 -18.78
CA ALA A 144 1.24 21.40 -18.28
C ALA A 144 2.02 22.25 -19.29
N GLU A 145 2.78 23.26 -18.85
CA GLU A 145 3.56 24.05 -19.79
C GLU A 145 4.58 23.12 -20.43
N TYR A 146 4.46 22.89 -21.74
CA TYR A 146 5.38 21.99 -22.43
C TYR A 146 6.73 22.68 -22.64
N ARG A 147 7.80 21.97 -22.28
CA ARG A 147 9.14 22.49 -22.44
C ARG A 147 9.87 21.64 -23.47
N ASP A 148 10.76 20.75 -23.07
CA ASP A 148 11.41 19.97 -24.10
C ASP A 148 10.91 18.53 -24.04
N MET A 149 11.28 17.72 -25.03
CA MET A 149 10.84 16.33 -25.07
C MET A 149 11.53 15.48 -24.02
N GLU A 150 12.18 16.15 -23.08
CA GLU A 150 12.90 15.49 -22.00
C GLU A 150 12.65 16.12 -20.63
N SER A 151 11.77 17.10 -20.58
CA SER A 151 11.43 17.73 -19.31
C SER A 151 10.70 16.66 -18.51
N ASP A 152 10.87 16.68 -17.19
CA ASP A 152 10.18 15.72 -16.32
C ASP A 152 8.83 16.36 -16.04
N TYR A 153 7.73 15.66 -16.33
CA TYR A 153 6.43 16.26 -16.10
C TYR A 153 5.59 15.67 -14.96
N SER A 154 6.22 14.82 -14.14
CA SER A 154 5.54 14.19 -13.00
C SER A 154 4.56 15.14 -12.34
N GLY A 155 3.38 14.62 -11.99
CA GLY A 155 2.37 15.41 -11.31
C GLY A 155 1.91 16.72 -11.97
N GLN A 156 2.50 17.08 -13.10
CA GLN A 156 2.09 18.30 -13.77
C GLN A 156 1.04 17.98 -14.85
N GLY A 157 0.04 18.86 -14.97
CA GLY A 157 -1.02 18.69 -15.95
C GLY A 157 -1.95 17.53 -15.66
N VAL A 158 -3.19 17.59 -16.18
CA VAL A 158 -4.18 16.52 -15.98
C VAL A 158 -3.82 15.19 -16.67
N ASP A 159 -3.77 14.11 -15.89
CA ASP A 159 -3.49 12.80 -16.45
C ASP A 159 -4.83 12.18 -16.84
N GLN A 160 -5.26 12.52 -18.05
CA GLN A 160 -6.53 12.04 -18.55
C GLN A 160 -6.65 10.53 -18.64
N LEU A 161 -5.60 9.86 -19.11
CA LEU A 161 -5.67 8.42 -19.26
C LEU A 161 -6.02 7.75 -17.93
N GLN A 162 -5.16 7.99 -16.94
CA GLN A 162 -5.40 7.43 -15.62
C GLN A 162 -6.77 7.86 -15.08
N LYS A 163 -7.17 9.09 -15.35
CA LYS A 163 -8.44 9.61 -14.87
C LYS A 163 -9.64 8.92 -15.53
N VAL A 164 -9.55 8.62 -16.82
CA VAL A 164 -10.63 7.91 -17.48
C VAL A 164 -10.77 6.55 -16.76
N ILE A 165 -9.65 5.84 -16.59
CA ILE A 165 -9.63 4.56 -15.93
C ILE A 165 -10.31 4.64 -14.55
N ASP A 166 -9.77 5.47 -13.67
CA ASP A 166 -10.32 5.63 -12.33
C ASP A 166 -11.84 5.85 -12.37
N THR A 167 -12.30 6.79 -13.20
CA THR A 167 -13.74 7.06 -13.32
C THR A 167 -14.51 5.78 -13.65
N ILE A 168 -14.08 5.05 -14.66
CA ILE A 168 -14.74 3.82 -15.03
C ILE A 168 -14.98 2.89 -13.81
N LYS A 169 -13.99 2.79 -12.92
CA LYS A 169 -14.09 1.94 -11.73
C LYS A 169 -15.07 2.45 -10.68
N THR A 170 -14.83 3.69 -10.25
CA THR A 170 -15.62 4.37 -9.23
C THR A 170 -17.02 4.81 -9.71
N ASN A 171 -17.15 5.35 -10.91
CA ASN A 171 -18.44 5.84 -11.37
C ASN A 171 -18.72 5.47 -12.83
N PRO A 172 -18.84 4.17 -13.15
CA PRO A 172 -19.10 3.71 -14.51
C PRO A 172 -20.29 4.35 -15.25
N ASP A 173 -21.29 4.83 -14.50
CA ASP A 173 -22.45 5.45 -15.14
C ASP A 173 -22.13 6.82 -15.73
N ASP A 174 -20.98 7.36 -15.31
CA ASP A 174 -20.52 8.66 -15.74
C ASP A 174 -20.67 8.87 -17.25
N ARG A 175 -21.07 10.08 -17.60
CA ARG A 175 -21.31 10.51 -18.95
C ARG A 175 -20.24 11.52 -19.39
N ARG A 176 -19.11 11.49 -18.68
CA ARG A 176 -18.00 12.41 -18.90
C ARG A 176 -16.62 11.76 -18.96
N ILE A 177 -16.58 10.45 -19.21
CA ILE A 177 -15.32 9.72 -19.27
C ILE A 177 -14.78 10.06 -20.64
N ILE A 178 -14.13 11.21 -20.72
CA ILE A 178 -13.61 11.71 -21.97
C ILE A 178 -12.15 12.05 -21.89
N MET A 179 -11.42 11.70 -22.94
CA MET A 179 -10.02 12.00 -23.03
C MET A 179 -9.96 12.93 -24.24
N CYS A 180 -9.24 14.02 -24.13
CA CYS A 180 -9.17 14.99 -25.22
C CYS A 180 -7.77 15.51 -25.51
N ALA A 181 -7.34 15.37 -26.76
CA ALA A 181 -6.03 15.85 -27.17
C ALA A 181 -6.08 17.22 -27.87
N TRP A 182 -7.27 17.77 -28.10
CA TRP A 182 -7.35 19.06 -28.74
C TRP A 182 -7.06 20.24 -27.78
N ASN A 183 -5.82 20.69 -27.75
CA ASN A 183 -5.42 21.78 -26.89
C ASN A 183 -5.16 23.02 -27.74
N PRO A 184 -6.18 23.84 -27.99
CA PRO A 184 -6.01 25.06 -28.80
C PRO A 184 -4.69 25.75 -28.52
N ARG A 185 -4.38 25.85 -27.24
CA ARG A 185 -3.17 26.48 -26.76
C ARG A 185 -1.92 25.82 -27.37
N ASP A 186 -1.77 24.51 -27.15
CA ASP A 186 -0.62 23.74 -27.64
C ASP A 186 -0.55 23.50 -29.15
N LEU A 187 -1.61 23.80 -29.87
CA LEU A 187 -1.60 23.59 -31.29
C LEU A 187 -0.35 24.13 -31.99
N PRO A 188 -0.19 25.47 -32.08
CA PRO A 188 1.00 26.00 -32.76
C PRO A 188 2.37 25.46 -32.33
N LEU A 189 2.41 24.67 -31.27
CA LEU A 189 3.65 24.10 -30.79
C LEU A 189 3.85 22.65 -31.25
N MET A 190 2.77 22.03 -31.73
CA MET A 190 2.81 20.65 -32.21
C MET A 190 3.34 20.52 -33.63
N ALA A 191 3.96 19.36 -33.91
CA ALA A 191 4.52 19.02 -35.22
C ALA A 191 3.42 19.05 -36.30
N LEU A 192 2.20 18.71 -35.87
CA LEU A 192 0.97 18.73 -36.68
C LEU A 192 -0.22 18.44 -35.76
N PRO A 193 -1.39 19.02 -36.04
CA PRO A 193 -2.61 18.86 -35.24
C PRO A 193 -2.96 17.42 -34.94
N PRO A 194 -3.81 17.20 -33.91
CA PRO A 194 -4.20 15.84 -33.59
C PRO A 194 -5.29 15.42 -34.56
N CYS A 195 -5.38 14.13 -34.88
CA CYS A 195 -6.44 13.68 -35.77
C CYS A 195 -7.57 13.13 -34.94
N HIS A 196 -7.25 12.35 -33.91
CA HIS A 196 -8.26 11.83 -33.01
C HIS A 196 -8.35 12.82 -31.85
N ALA A 197 -9.14 13.89 -32.07
CA ALA A 197 -9.33 14.99 -31.13
C ALA A 197 -9.82 14.60 -29.72
N LEU A 198 -10.86 13.80 -29.66
CA LEU A 198 -11.36 13.37 -28.37
C LEU A 198 -12.09 12.04 -28.50
N CYS A 199 -12.11 11.29 -27.41
CA CYS A 199 -12.77 10.01 -27.36
C CYS A 199 -13.60 9.92 -26.08
N GLN A 200 -14.73 9.23 -26.13
CA GLN A 200 -15.56 9.11 -24.93
C GLN A 200 -15.77 7.68 -24.53
N PHE A 201 -15.74 7.43 -23.22
CA PHE A 201 -15.96 6.08 -22.73
C PHE A 201 -17.30 5.90 -22.05
N TYR A 202 -17.95 4.80 -22.40
CA TYR A 202 -19.28 4.46 -21.89
C TYR A 202 -19.27 3.06 -21.25
N VAL A 203 -19.90 2.96 -20.09
CA VAL A 203 -20.01 1.67 -19.41
C VAL A 203 -21.47 1.28 -19.07
N VAL A 204 -21.92 0.16 -19.63
CA VAL A 204 -23.24 -0.37 -19.32
C VAL A 204 -23.28 -1.91 -19.41
N ASN A 205 -23.88 -2.54 -18.40
CA ASN A 205 -23.97 -4.00 -18.30
C ASN A 205 -22.59 -4.63 -18.34
N SER A 206 -21.67 -4.07 -17.56
CA SER A 206 -20.28 -4.55 -17.50
C SER A 206 -19.51 -4.45 -18.82
N GLU A 207 -20.13 -3.83 -19.82
CA GLU A 207 -19.48 -3.64 -21.11
C GLU A 207 -18.91 -2.22 -21.18
N LEU A 208 -17.74 -2.09 -21.79
CA LEU A 208 -17.07 -0.80 -21.95
C LEU A 208 -17.02 -0.40 -23.40
N SER A 209 -17.64 0.73 -23.73
CA SER A 209 -17.62 1.21 -25.11
C SER A 209 -16.78 2.47 -25.22
N CYS A 210 -16.42 2.81 -26.44
CA CYS A 210 -15.60 3.98 -26.67
C CYS A 210 -15.90 4.58 -28.01
N GLN A 211 -16.36 5.82 -28.02
CA GLN A 211 -16.57 6.49 -29.29
C GLN A 211 -15.30 7.35 -29.49
N LEU A 212 -14.92 7.52 -30.74
CA LEU A 212 -13.77 8.35 -31.08
C LEU A 212 -14.18 9.39 -32.13
N TYR A 213 -13.76 10.63 -31.93
CA TYR A 213 -14.06 11.65 -32.90
C TYR A 213 -12.81 11.99 -33.68
N GLN A 214 -12.81 11.61 -34.94
CA GLN A 214 -11.70 11.89 -35.83
C GLN A 214 -12.17 13.07 -36.69
N ARG A 215 -11.42 14.16 -36.64
CA ARG A 215 -11.81 15.35 -37.38
C ARG A 215 -11.68 15.13 -38.85
N SER A 216 -10.69 14.36 -39.22
CA SER A 216 -10.43 14.07 -40.59
C SER A 216 -9.76 12.71 -40.67
N GLY A 217 -10.18 11.93 -41.64
CA GLY A 217 -9.59 10.61 -41.85
C GLY A 217 -9.58 10.26 -43.32
N ASP A 218 -8.51 9.57 -43.75
CA ASP A 218 -8.37 9.10 -45.12
C ASP A 218 -8.91 7.68 -45.02
N MET A 219 -10.09 7.43 -45.60
CA MET A 219 -10.72 6.11 -45.56
C MET A 219 -9.79 4.99 -46.02
N GLY A 220 -8.94 5.30 -46.99
CA GLY A 220 -8.00 4.32 -47.53
C GLY A 220 -6.84 3.84 -46.67
N LEU A 221 -6.02 4.76 -46.16
CA LEU A 221 -4.87 4.36 -45.37
C LEU A 221 -4.99 4.48 -43.85
N GLY A 222 -5.28 5.68 -43.37
CA GLY A 222 -5.37 5.90 -41.94
C GLY A 222 -6.48 5.26 -41.16
N VAL A 223 -7.73 5.58 -41.48
CA VAL A 223 -8.89 5.06 -40.77
C VAL A 223 -8.78 3.59 -40.32
N PRO A 224 -8.40 2.68 -41.23
CA PRO A 224 -8.30 1.28 -40.76
C PRO A 224 -7.37 1.14 -39.54
N PHE A 225 -6.31 1.93 -39.54
CA PHE A 225 -5.30 1.97 -38.49
C PHE A 225 -5.98 2.50 -37.20
N ASN A 226 -6.67 3.62 -37.33
CA ASN A 226 -7.37 4.26 -36.22
C ASN A 226 -8.38 3.34 -35.58
N ILE A 227 -9.22 2.73 -36.41
CA ILE A 227 -10.22 1.79 -35.95
C ILE A 227 -9.51 0.76 -35.08
N ALA A 228 -8.32 0.34 -35.52
CA ALA A 228 -7.52 -0.62 -34.80
C ALA A 228 -7.00 -0.04 -33.50
N SER A 229 -6.33 1.12 -33.55
CA SER A 229 -5.81 1.75 -32.33
C SER A 229 -6.82 1.83 -31.16
N TYR A 230 -7.91 2.55 -31.36
CA TYR A 230 -8.89 2.70 -30.29
C TYR A 230 -9.59 1.40 -29.86
N ALA A 231 -9.61 0.41 -30.76
CA ALA A 231 -10.18 -0.90 -30.45
C ALA A 231 -9.18 -1.52 -29.48
N LEU A 232 -7.91 -1.47 -29.86
CA LEU A 232 -6.88 -1.99 -28.99
C LEU A 232 -7.00 -1.33 -27.61
N LEU A 233 -6.91 0.01 -27.59
CA LEU A 233 -7.01 0.81 -26.37
C LEU A 233 -8.19 0.42 -25.50
N THR A 234 -9.34 0.24 -26.15
CA THR A 234 -10.56 -0.16 -25.43
C THR A 234 -10.43 -1.57 -24.80
N TYR A 235 -9.75 -2.48 -25.51
CA TYR A 235 -9.55 -3.81 -24.96
C TYR A 235 -8.73 -3.68 -23.67
N MET A 236 -7.72 -2.82 -23.75
CA MET A 236 -6.83 -2.56 -22.62
C MET A 236 -7.52 -2.05 -21.35
N ILE A 237 -8.20 -0.92 -21.44
CA ILE A 237 -8.85 -0.37 -20.27
C ILE A 237 -9.88 -1.35 -19.71
N ALA A 238 -10.60 -2.02 -20.61
CA ALA A 238 -11.60 -3.02 -20.22
C ALA A 238 -10.92 -4.07 -19.31
N HIS A 239 -9.78 -4.59 -19.80
CA HIS A 239 -8.99 -5.58 -19.08
C HIS A 239 -8.62 -5.08 -17.70
N ILE A 240 -7.99 -3.92 -17.64
CA ILE A 240 -7.57 -3.28 -16.38
C ILE A 240 -8.70 -3.08 -15.36
N THR A 241 -9.90 -2.82 -15.87
CA THR A 241 -11.07 -2.55 -15.02
C THR A 241 -12.05 -3.70 -14.89
N GLY A 242 -11.76 -4.81 -15.57
CA GLY A 242 -12.61 -5.98 -15.48
C GLY A 242 -13.92 -5.92 -16.25
N LEU A 243 -13.92 -5.27 -17.40
CA LEU A 243 -15.12 -5.15 -18.21
C LEU A 243 -14.99 -5.87 -19.52
N LYS A 244 -16.12 -6.21 -20.12
CA LYS A 244 -16.11 -6.88 -21.41
C LYS A 244 -16.16 -5.80 -22.49
N PRO A 245 -15.23 -5.85 -23.46
CA PRO A 245 -15.27 -4.82 -24.50
C PRO A 245 -16.64 -4.82 -25.15
N GLY A 246 -17.29 -3.67 -25.20
CA GLY A 246 -18.60 -3.58 -25.83
C GLY A 246 -18.48 -3.19 -27.30
N ASP A 247 -18.78 -1.94 -27.58
CA ASP A 247 -18.69 -1.44 -28.94
C ASP A 247 -17.66 -0.33 -29.09
N PHE A 248 -17.34 -0.05 -30.35
CA PHE A 248 -16.44 1.02 -30.71
C PHE A 248 -17.09 1.91 -31.78
N ILE A 249 -17.59 3.05 -31.37
CA ILE A 249 -18.20 3.97 -32.33
C ILE A 249 -17.08 4.83 -32.95
N HIS A 250 -16.98 4.82 -34.27
CA HIS A 250 -15.98 5.64 -34.97
C HIS A 250 -16.71 6.79 -35.66
N THR A 251 -16.52 8.01 -35.16
CA THR A 251 -17.17 9.16 -35.77
C THR A 251 -16.17 10.08 -36.45
N LEU A 252 -16.51 10.50 -37.68
CA LEU A 252 -15.63 11.35 -38.46
C LEU A 252 -16.20 12.70 -38.88
N GLY A 253 -15.28 13.57 -39.24
CA GLY A 253 -15.64 14.89 -39.71
C GLY A 253 -15.46 14.81 -41.22
N ASP A 254 -14.26 15.10 -41.70
CA ASP A 254 -13.99 15.05 -43.13
C ASP A 254 -13.47 13.67 -43.52
N ALA A 255 -14.38 12.76 -43.84
CA ALA A 255 -13.99 11.42 -44.27
C ALA A 255 -13.73 11.56 -45.76
N HIS A 256 -12.53 11.20 -46.20
CA HIS A 256 -12.19 11.34 -47.61
C HIS A 256 -11.33 10.24 -48.21
N ILE A 257 -11.23 10.32 -49.53
CA ILE A 257 -10.45 9.39 -50.32
C ILE A 257 -9.73 10.19 -51.38
N TYR A 258 -8.50 9.80 -51.68
CA TYR A 258 -7.74 10.47 -52.71
C TYR A 258 -8.32 10.06 -54.05
N LEU A 259 -8.59 11.04 -54.93
CA LEU A 259 -9.13 10.74 -56.25
C LEU A 259 -8.23 9.72 -56.94
N ASN A 260 -6.90 9.89 -56.80
CA ASN A 260 -5.96 8.97 -57.42
C ASN A 260 -6.00 7.56 -56.84
N HIS A 261 -6.99 7.29 -55.99
CA HIS A 261 -7.12 5.97 -55.37
C HIS A 261 -8.47 5.33 -55.67
N ILE A 262 -9.39 6.14 -56.23
CA ILE A 262 -10.73 5.67 -56.53
C ILE A 262 -10.75 4.30 -57.15
N GLU A 263 -9.79 4.01 -58.01
CA GLU A 263 -9.76 2.71 -58.65
C GLU A 263 -9.29 1.66 -57.65
N PRO A 264 -8.08 1.83 -57.08
CA PRO A 264 -7.62 0.84 -56.11
C PRO A 264 -8.69 0.49 -55.09
N LEU A 265 -9.57 1.45 -54.79
CA LEU A 265 -10.63 1.25 -53.81
C LEU A 265 -11.84 0.45 -54.29
N LYS A 266 -12.21 0.63 -55.55
CA LYS A 266 -13.35 -0.09 -56.11
C LYS A 266 -13.00 -1.56 -56.19
N ILE A 267 -11.76 -1.83 -56.59
CA ILE A 267 -11.29 -3.20 -56.67
C ILE A 267 -11.39 -3.81 -55.28
N GLN A 268 -11.40 -2.97 -54.26
CA GLN A 268 -11.46 -3.45 -52.89
C GLN A 268 -12.85 -3.67 -52.35
N LEU A 269 -13.79 -2.82 -52.74
CA LEU A 269 -15.17 -2.94 -52.27
C LEU A 269 -15.83 -4.25 -52.69
N GLN A 270 -15.36 -4.83 -53.78
CA GLN A 270 -15.90 -6.08 -54.26
C GLN A 270 -15.35 -7.22 -53.42
N ARG A 271 -14.33 -6.91 -52.62
CA ARG A 271 -13.73 -7.90 -51.75
C ARG A 271 -14.68 -8.27 -50.64
N GLU A 272 -14.66 -9.55 -50.26
CA GLU A 272 -15.50 -10.03 -49.20
C GLU A 272 -14.68 -10.08 -47.93
N PRO A 273 -15.23 -9.53 -46.84
CA PRO A 273 -14.56 -9.49 -45.56
C PRO A 273 -14.37 -10.88 -44.96
N ARG A 274 -13.19 -11.12 -44.38
CA ARG A 274 -12.92 -12.39 -43.72
C ARG A 274 -13.18 -12.11 -42.24
N PRO A 275 -13.66 -13.11 -41.49
CA PRO A 275 -13.95 -12.93 -40.05
C PRO A 275 -12.83 -12.30 -39.23
N PHE A 276 -13.16 -11.19 -38.55
CA PHE A 276 -12.20 -10.44 -37.73
C PHE A 276 -11.42 -11.29 -36.77
N PRO A 277 -10.09 -11.13 -36.77
CA PRO A 277 -9.23 -11.92 -35.88
C PRO A 277 -9.64 -11.72 -34.43
N LYS A 278 -8.83 -12.22 -33.51
CA LYS A 278 -9.16 -12.05 -32.11
C LYS A 278 -7.96 -11.52 -31.38
N LEU A 279 -8.21 -10.64 -30.42
CA LEU A 279 -7.12 -10.10 -29.63
C LEU A 279 -7.20 -10.82 -28.31
N ARG A 280 -6.08 -11.38 -27.87
CA ARG A 280 -6.01 -12.11 -26.62
C ARG A 280 -4.89 -11.51 -25.80
N ILE A 281 -5.20 -11.06 -24.58
CA ILE A 281 -4.16 -10.50 -23.74
C ILE A 281 -3.62 -11.68 -22.95
N LEU A 282 -2.30 -11.79 -22.90
CA LEU A 282 -1.63 -12.89 -22.25
C LEU A 282 -1.60 -12.82 -20.72
N ARG A 283 -0.59 -12.18 -20.14
CA ARG A 283 -0.53 -12.08 -18.68
C ARG A 283 -1.63 -11.16 -18.15
N LYS A 284 -1.88 -11.18 -16.84
CA LYS A 284 -2.90 -10.29 -16.30
C LYS A 284 -2.28 -8.96 -15.87
N VAL A 285 -2.43 -7.93 -16.71
CA VAL A 285 -1.88 -6.61 -16.40
C VAL A 285 -2.92 -5.90 -15.54
N GLU A 286 -2.47 -5.10 -14.57
CA GLU A 286 -3.40 -4.40 -13.69
C GLU A 286 -3.31 -2.89 -13.79
N LYS A 287 -2.20 -2.42 -14.34
CA LYS A 287 -1.99 -1.00 -14.52
C LYS A 287 -1.69 -0.76 -15.99
N ILE A 288 -2.26 0.32 -16.53
CA ILE A 288 -2.09 0.64 -17.93
C ILE A 288 -0.64 0.89 -18.36
N ASP A 289 0.20 1.38 -17.46
CA ASP A 289 1.59 1.62 -17.84
C ASP A 289 2.39 0.33 -17.89
N ASP A 290 1.86 -0.71 -17.27
CA ASP A 290 2.52 -2.00 -17.23
C ASP A 290 2.41 -2.80 -18.55
N PHE A 291 1.36 -2.59 -19.33
CA PHE A 291 1.23 -3.29 -20.61
C PHE A 291 2.52 -3.17 -21.43
N LYS A 292 2.93 -4.29 -22.02
CA LYS A 292 4.13 -4.38 -22.87
C LYS A 292 3.64 -5.06 -24.15
N ALA A 293 4.39 -4.90 -25.25
CA ALA A 293 4.00 -5.50 -26.51
C ALA A 293 3.77 -7.02 -26.45
N GLU A 294 4.67 -7.70 -25.75
CA GLU A 294 4.60 -9.15 -25.62
C GLU A 294 3.33 -9.65 -24.92
N ASP A 295 2.40 -8.77 -24.61
CA ASP A 295 1.19 -9.18 -23.92
C ASP A 295 0.01 -9.35 -24.84
N PHE A 296 0.18 -8.97 -26.10
CA PHE A 296 -0.91 -9.08 -27.05
C PHE A 296 -0.63 -10.04 -28.19
N GLN A 297 -1.65 -10.78 -28.59
CA GLN A 297 -1.50 -11.72 -29.68
C GLN A 297 -2.73 -11.64 -30.58
N ILE A 298 -2.50 -11.31 -31.85
CA ILE A 298 -3.60 -11.24 -32.82
C ILE A 298 -3.66 -12.63 -33.43
N GLU A 299 -4.82 -13.27 -33.35
CA GLU A 299 -4.92 -14.60 -33.91
C GLU A 299 -6.08 -14.74 -34.89
N GLY A 300 -5.79 -15.33 -36.04
CA GLY A 300 -6.81 -15.51 -37.04
C GLY A 300 -6.91 -14.35 -38.00
N TYR A 301 -5.87 -13.53 -38.05
CA TYR A 301 -5.89 -12.38 -38.96
C TYR A 301 -5.47 -12.84 -40.35
N ASN A 302 -6.46 -13.05 -41.21
CA ASN A 302 -6.20 -13.48 -42.57
C ASN A 302 -6.81 -12.46 -43.53
N PRO A 303 -6.01 -11.46 -43.96
CA PRO A 303 -6.46 -10.41 -44.88
C PRO A 303 -6.15 -10.67 -46.36
N HIS A 304 -6.95 -10.04 -47.23
CA HIS A 304 -6.79 -10.16 -48.67
C HIS A 304 -5.51 -9.47 -49.17
N PRO A 305 -4.58 -10.24 -49.75
CA PRO A 305 -3.34 -9.63 -50.25
C PRO A 305 -3.57 -8.60 -51.36
N THR A 306 -2.49 -7.95 -51.78
CA THR A 306 -2.50 -6.95 -52.85
C THR A 306 -1.27 -6.04 -52.74
N PRO B 26 -38.58 13.46 -50.99
CA PRO B 26 -37.45 13.84 -50.12
C PRO B 26 -37.89 13.80 -48.66
N PRO B 27 -37.42 12.80 -47.89
CA PRO B 27 -37.77 12.63 -46.47
C PRO B 27 -37.67 13.91 -45.64
N HIS B 28 -38.61 14.08 -44.71
CA HIS B 28 -38.63 15.27 -43.86
C HIS B 28 -37.54 15.22 -42.78
N GLY B 29 -36.98 16.39 -42.47
CA GLY B 29 -35.92 16.48 -41.48
C GLY B 29 -36.12 15.87 -40.10
N GLU B 30 -37.20 16.25 -39.43
CA GLU B 30 -37.49 15.78 -38.08
C GLU B 30 -37.56 14.26 -37.97
N LEU B 31 -37.72 13.57 -39.10
CA LEU B 31 -37.78 12.11 -39.04
C LEU B 31 -36.53 11.59 -38.36
N GLN B 32 -35.42 12.34 -38.51
CA GLN B 32 -34.14 11.99 -37.93
C GLN B 32 -34.29 11.89 -36.41
N TYR B 33 -34.50 13.05 -35.80
CA TYR B 33 -34.67 13.16 -34.35
C TYR B 33 -35.71 12.22 -33.77
N LEU B 34 -36.81 12.00 -34.48
CA LEU B 34 -37.83 11.09 -33.97
C LEU B 34 -37.30 9.66 -34.09
N GLY B 35 -36.79 9.32 -35.27
CA GLY B 35 -36.24 8.00 -35.52
C GLY B 35 -35.25 7.61 -34.45
N GLN B 36 -34.63 8.60 -33.84
CA GLN B 36 -33.66 8.36 -32.77
C GLN B 36 -34.39 8.13 -31.46
N ILE B 37 -35.53 8.81 -31.30
CA ILE B 37 -36.32 8.66 -30.09
C ILE B 37 -36.81 7.22 -30.07
N GLN B 38 -37.25 6.75 -31.23
CA GLN B 38 -37.74 5.39 -31.37
C GLN B 38 -36.65 4.36 -31.10
N HIS B 39 -35.51 4.52 -31.75
CA HIS B 39 -34.42 3.58 -31.56
C HIS B 39 -33.97 3.50 -30.11
N ILE B 40 -33.98 4.63 -29.41
CA ILE B 40 -33.57 4.67 -28.01
C ILE B 40 -34.64 3.96 -27.21
N LEU B 41 -35.81 3.78 -27.82
CA LEU B 41 -36.89 3.09 -27.15
C LEU B 41 -36.81 1.61 -27.47
N ARG B 42 -36.44 1.30 -28.71
CA ARG B 42 -36.33 -0.09 -29.11
C ARG B 42 -35.19 -0.75 -28.33
N CYS B 43 -34.00 -0.16 -28.40
CA CYS B 43 -32.82 -0.74 -27.76
C CYS B 43 -32.28 -0.06 -26.52
N GLY B 44 -32.70 1.17 -26.27
CA GLY B 44 -32.21 1.89 -25.10
C GLY B 44 -32.13 1.07 -23.82
N VAL B 45 -30.93 0.60 -23.49
CA VAL B 45 -30.71 -0.20 -22.28
C VAL B 45 -30.81 0.65 -21.01
N ARG B 46 -31.23 0.04 -19.91
CA ARG B 46 -31.38 0.76 -18.65
C ARG B 46 -30.02 1.21 -18.15
N LYS B 47 -29.96 2.42 -17.59
CA LYS B 47 -28.72 2.98 -17.08
C LYS B 47 -29.13 4.18 -16.25
N ASP B 48 -28.52 4.34 -15.08
CA ASP B 48 -28.86 5.47 -14.19
C ASP B 48 -27.91 6.65 -14.33
N ASP B 49 -28.37 7.82 -13.89
CA ASP B 49 -27.56 9.02 -13.97
C ASP B 49 -26.90 9.31 -12.63
N ARG B 50 -26.60 10.57 -12.35
CA ARG B 50 -25.97 10.94 -11.10
C ARG B 50 -27.00 11.26 -10.02
N THR B 51 -28.19 10.69 -10.16
CA THR B 51 -29.26 10.86 -9.19
C THR B 51 -30.12 9.59 -9.21
N GLY B 52 -29.65 8.60 -9.96
CA GLY B 52 -30.33 7.32 -10.07
C GLY B 52 -31.71 7.40 -10.69
N THR B 53 -31.97 8.47 -11.44
CA THR B 53 -33.26 8.68 -12.07
C THR B 53 -33.57 7.65 -13.15
N GLY B 54 -32.59 6.82 -13.48
CA GLY B 54 -32.80 5.78 -14.49
C GLY B 54 -33.29 6.27 -15.83
N THR B 55 -32.71 5.72 -16.90
CA THR B 55 -33.09 6.14 -18.24
C THR B 55 -32.88 5.01 -19.23
N LEU B 56 -33.39 5.21 -20.45
CA LEU B 56 -33.20 4.26 -21.53
C LEU B 56 -32.06 4.90 -22.31
N SER B 57 -30.90 4.27 -22.30
CA SER B 57 -29.78 4.87 -22.99
C SER B 57 -29.15 4.07 -24.10
N VAL B 58 -28.50 4.82 -25.00
CA VAL B 58 -27.77 4.29 -26.15
C VAL B 58 -26.51 5.15 -26.22
N PHE B 59 -25.45 4.58 -26.78
CA PHE B 59 -24.21 5.33 -26.88
C PHE B 59 -23.73 5.36 -28.32
N GLY B 60 -23.62 6.55 -28.89
CA GLY B 60 -23.17 6.66 -30.26
C GLY B 60 -24.31 6.78 -31.28
N MET B 61 -24.72 8.01 -31.57
CA MET B 61 -25.77 8.29 -32.55
C MET B 61 -25.32 9.48 -33.39
N GLN B 62 -25.93 9.65 -34.56
CA GLN B 62 -25.59 10.75 -35.45
C GLN B 62 -26.74 11.07 -36.39
N ALA B 63 -27.24 12.30 -36.31
CA ALA B 63 -28.34 12.74 -37.16
C ALA B 63 -27.81 13.82 -38.10
N ARG B 64 -28.46 13.96 -39.26
CA ARG B 64 -28.05 14.96 -40.25
C ARG B 64 -29.23 15.85 -40.52
N TYR B 65 -29.00 17.15 -40.45
CA TYR B 65 -30.05 18.12 -40.67
C TYR B 65 -29.68 19.16 -41.72
N SER B 66 -30.44 19.21 -42.81
CA SER B 66 -30.17 20.17 -43.86
C SER B 66 -30.51 21.57 -43.38
N LEU B 67 -29.62 22.52 -43.67
CA LEU B 67 -29.81 23.90 -43.29
C LEU B 67 -30.08 24.73 -44.55
N ARG B 68 -30.42 24.04 -45.64
CA ARG B 68 -30.67 24.70 -46.91
C ARG B 68 -32.11 25.19 -47.04
N ASP B 69 -32.27 26.51 -47.03
CA ASP B 69 -33.58 27.16 -47.16
C ASP B 69 -34.56 26.91 -46.02
N GLU B 70 -34.25 25.93 -45.18
CA GLU B 70 -35.11 25.60 -44.05
C GLU B 70 -34.25 25.71 -42.81
N PHE B 71 -34.89 25.76 -41.64
CA PHE B 71 -34.19 25.83 -40.37
C PHE B 71 -34.77 24.70 -39.52
N PRO B 72 -33.92 23.86 -38.92
CA PRO B 72 -34.38 22.74 -38.10
C PRO B 72 -34.88 23.07 -36.70
N LEU B 73 -36.05 23.71 -36.61
CA LEU B 73 -36.62 24.02 -35.31
C LEU B 73 -37.78 23.06 -35.10
N LEU B 74 -37.49 21.95 -34.41
CA LEU B 74 -38.46 20.90 -34.14
C LEU B 74 -39.89 21.35 -33.94
N THR B 75 -40.79 20.68 -34.64
CA THR B 75 -42.21 20.98 -34.62
C THR B 75 -43.11 20.06 -33.78
N THR B 76 -42.73 18.82 -33.53
CA THR B 76 -43.60 17.95 -32.74
C THR B 76 -43.58 18.33 -31.25
N LYS B 77 -43.00 19.50 -30.96
CA LYS B 77 -42.90 20.01 -29.60
C LYS B 77 -42.14 21.29 -29.76
N ARG B 78 -42.80 22.42 -29.56
CA ARG B 78 -42.13 23.70 -29.74
C ARG B 78 -40.84 23.76 -28.94
N VAL B 79 -39.91 24.57 -29.45
CA VAL B 79 -38.59 24.73 -28.85
C VAL B 79 -38.39 26.18 -28.37
N PHE B 80 -37.98 26.34 -27.12
CA PHE B 80 -37.76 27.66 -26.54
C PHE B 80 -36.74 28.48 -27.34
N TRP B 81 -37.16 28.99 -28.48
CA TRP B 81 -36.28 29.78 -29.34
C TRP B 81 -35.69 31.03 -28.67
N LYS B 82 -36.50 31.69 -27.86
CA LYS B 82 -36.02 32.89 -27.19
C LYS B 82 -34.75 32.54 -26.40
N GLY B 83 -34.66 31.28 -25.99
CA GLY B 83 -33.51 30.80 -25.24
C GLY B 83 -32.37 30.45 -26.17
N VAL B 84 -32.67 29.58 -27.14
CA VAL B 84 -31.69 29.15 -28.14
C VAL B 84 -30.89 30.34 -28.65
N LEU B 85 -31.62 31.36 -29.08
CA LEU B 85 -31.01 32.56 -29.61
C LEU B 85 -30.34 33.44 -28.55
N GLU B 86 -31.07 33.77 -27.49
CA GLU B 86 -30.51 34.62 -26.45
C GLU B 86 -29.32 34.03 -25.72
N GLU B 87 -29.31 32.70 -25.57
CA GLU B 87 -28.20 32.06 -24.88
C GLU B 87 -26.94 32.04 -25.76
N LEU B 88 -27.11 31.67 -27.03
CA LEU B 88 -26.00 31.59 -27.97
C LEU B 88 -25.30 32.97 -28.02
N LEU B 89 -26.12 34.02 -28.00
CA LEU B 89 -25.63 35.39 -28.03
C LEU B 89 -24.85 35.66 -26.75
N TRP B 90 -25.34 35.08 -25.67
CA TRP B 90 -24.73 35.15 -24.35
C TRP B 90 -23.38 34.46 -24.42
N PHE B 91 -23.30 33.33 -25.14
CA PHE B 91 -22.04 32.59 -25.32
C PHE B 91 -21.04 33.46 -26.05
N ILE B 92 -21.48 33.95 -27.20
CA ILE B 92 -20.64 34.77 -28.05
C ILE B 92 -20.02 35.93 -27.28
N LYS B 93 -20.76 36.45 -26.29
CA LYS B 93 -20.28 37.55 -25.45
C LYS B 93 -19.14 37.10 -24.53
N GLY B 94 -19.10 35.81 -24.20
CA GLY B 94 -18.06 35.30 -23.32
C GLY B 94 -18.49 35.40 -21.87
N SER B 95 -19.77 35.71 -21.69
CA SER B 95 -20.35 35.89 -20.39
C SER B 95 -20.56 34.62 -19.59
N THR B 96 -19.88 34.55 -18.45
CA THR B 96 -20.01 33.42 -17.57
C THR B 96 -20.80 33.85 -16.34
N ASN B 97 -21.78 34.73 -16.57
CA ASN B 97 -22.68 35.23 -15.52
C ASN B 97 -24.05 34.76 -15.93
N ALA B 98 -24.74 34.08 -15.02
CA ALA B 98 -26.07 33.55 -15.30
C ALA B 98 -27.16 34.60 -15.24
N LYS B 99 -26.89 35.71 -14.57
CA LYS B 99 -27.86 36.79 -14.47
C LYS B 99 -27.90 37.55 -15.78
N GLU B 100 -26.75 37.56 -16.45
CA GLU B 100 -26.60 38.24 -17.73
C GLU B 100 -27.56 37.62 -18.73
N LEU B 101 -27.73 36.30 -18.66
CA LEU B 101 -28.63 35.60 -19.56
C LEU B 101 -30.01 35.64 -18.90
N SER B 102 -30.01 36.02 -17.62
CA SER B 102 -31.26 36.12 -16.87
C SER B 102 -31.99 37.42 -17.24
N SER B 103 -31.25 38.53 -17.21
CA SER B 103 -31.81 39.84 -17.54
C SER B 103 -32.52 39.87 -18.89
N LYS B 104 -32.08 39.03 -19.82
CA LYS B 104 -32.67 38.98 -21.15
C LYS B 104 -33.99 38.21 -21.20
N GLY B 105 -34.54 37.87 -20.05
CA GLY B 105 -35.79 37.16 -20.03
C GLY B 105 -35.70 35.66 -20.17
N VAL B 106 -34.56 35.09 -19.77
CA VAL B 106 -34.33 33.64 -19.84
C VAL B 106 -33.65 33.12 -18.57
N LYS B 107 -34.23 32.10 -17.96
CA LYS B 107 -33.68 31.51 -16.74
C LYS B 107 -33.50 29.99 -16.83
N ILE B 108 -32.32 29.54 -17.25
CA ILE B 108 -32.08 28.09 -17.32
C ILE B 108 -30.67 27.80 -16.84
N TRP B 109 -29.88 28.87 -16.68
CA TRP B 109 -28.52 28.75 -16.19
C TRP B 109 -28.38 29.48 -14.86
N ASP B 110 -29.49 29.95 -14.30
CA ASP B 110 -29.43 30.65 -13.02
C ASP B 110 -29.57 29.68 -11.86
N ALA B 111 -30.27 28.59 -12.09
CA ALA B 111 -30.41 27.58 -11.05
C ALA B 111 -29.01 27.19 -10.61
N ASN B 112 -28.12 26.99 -11.57
CA ASN B 112 -26.74 26.58 -11.32
C ASN B 112 -25.91 27.70 -10.71
N GLY B 113 -26.50 28.88 -10.58
CA GLY B 113 -25.76 29.99 -10.01
C GLY B 113 -26.39 30.61 -8.78
N SER B 114 -27.45 29.97 -8.28
CA SER B 114 -28.18 30.45 -7.10
C SER B 114 -27.25 30.81 -5.92
N ARG B 115 -27.04 29.86 -5.01
CA ARG B 115 -26.17 30.08 -3.85
C ARG B 115 -25.81 28.77 -3.18
N ASP B 116 -26.82 28.01 -2.78
CA ASP B 116 -26.57 26.73 -2.13
C ASP B 116 -25.72 25.91 -3.08
N PHE B 117 -26.06 26.01 -4.37
CA PHE B 117 -25.36 25.29 -5.42
C PHE B 117 -23.86 25.59 -5.47
N LEU B 118 -23.51 26.86 -5.54
CA LEU B 118 -22.11 27.25 -5.60
C LEU B 118 -21.35 26.64 -4.42
N ASP B 119 -21.84 26.92 -3.22
CA ASP B 119 -21.23 26.38 -2.01
C ASP B 119 -21.27 24.86 -2.07
N SER B 120 -22.35 24.33 -2.66
CA SER B 120 -22.55 22.89 -2.80
C SER B 120 -21.40 22.20 -3.54
N LEU B 121 -20.55 23.00 -4.17
CA LEU B 121 -19.43 22.44 -4.91
C LEU B 121 -18.10 22.98 -4.41
N GLY B 122 -18.14 23.63 -3.25
CA GLY B 122 -16.93 24.19 -2.68
C GLY B 122 -16.69 25.62 -3.12
N PHE B 123 -17.56 26.11 -4.01
CA PHE B 123 -17.44 27.47 -4.54
C PHE B 123 -18.26 28.44 -3.68
N SER B 124 -17.62 28.99 -2.65
CA SER B 124 -18.27 29.93 -1.77
C SER B 124 -17.89 31.36 -2.15
N THR B 125 -16.60 31.58 -2.32
CA THR B 125 -16.05 32.89 -2.68
C THR B 125 -16.65 33.49 -3.95
N ARG B 126 -17.34 32.66 -4.73
CA ARG B 126 -17.96 33.09 -5.98
C ARG B 126 -19.23 33.90 -5.77
N GLU B 127 -19.40 34.92 -6.62
CA GLU B 127 -20.56 35.80 -6.56
C GLU B 127 -21.79 34.99 -6.89
N GLU B 128 -22.95 35.63 -6.76
CA GLU B 128 -24.21 34.96 -7.08
C GLU B 128 -24.32 35.00 -8.60
N GLY B 129 -24.39 33.83 -9.23
CA GLY B 129 -24.51 33.77 -10.68
C GLY B 129 -23.20 33.60 -11.45
N ASP B 130 -22.11 33.33 -10.75
CA ASP B 130 -20.80 33.12 -11.40
C ASP B 130 -20.70 31.64 -11.77
N LEU B 131 -20.84 31.35 -13.06
CA LEU B 131 -20.83 29.99 -13.57
C LEU B 131 -19.50 29.28 -13.75
N GLY B 132 -18.39 30.02 -13.75
CA GLY B 132 -17.09 29.40 -13.92
C GLY B 132 -16.70 29.35 -15.38
N PRO B 133 -15.53 28.75 -15.71
CA PRO B 133 -15.00 28.62 -17.06
C PRO B 133 -15.89 27.85 -18.05
N VAL B 134 -17.18 28.17 -18.11
CA VAL B 134 -18.07 27.47 -19.01
C VAL B 134 -18.03 28.01 -20.45
N TYR B 135 -18.81 27.39 -21.33
CA TYR B 135 -18.84 27.74 -22.76
C TYR B 135 -18.24 29.07 -23.16
N GLY B 136 -19.07 30.10 -23.12
CA GLY B 136 -18.60 31.43 -23.48
C GLY B 136 -17.12 31.62 -23.21
N PHE B 137 -16.69 31.41 -21.98
CA PHE B 137 -15.29 31.58 -21.66
C PHE B 137 -14.36 30.71 -22.52
N GLN B 138 -14.76 29.47 -22.82
CA GLN B 138 -13.94 28.57 -23.62
C GLN B 138 -13.90 29.00 -25.09
N TRP B 139 -15.03 29.46 -25.59
CA TRP B 139 -15.11 29.95 -26.97
C TRP B 139 -14.23 31.16 -27.19
N ARG B 140 -14.26 32.13 -26.27
CA ARG B 140 -13.45 33.32 -26.48
C ARG B 140 -12.12 33.40 -25.73
N HIS B 141 -11.90 32.53 -24.74
CA HIS B 141 -10.64 32.63 -23.99
C HIS B 141 -10.00 31.32 -23.58
N PHE B 142 -10.13 30.28 -24.41
CA PHE B 142 -9.56 28.98 -24.05
C PHE B 142 -8.11 29.09 -23.63
N GLY B 143 -7.82 28.69 -22.40
CA GLY B 143 -6.45 28.71 -21.89
C GLY B 143 -6.11 29.86 -20.97
N ALA B 144 -6.97 30.88 -20.93
CA ALA B 144 -6.75 32.03 -20.09
C ALA B 144 -7.07 31.67 -18.64
N GLU B 145 -6.17 32.02 -17.71
CA GLU B 145 -6.38 31.73 -16.29
C GLU B 145 -7.64 32.41 -15.79
N TYR B 146 -8.59 31.61 -15.30
CA TYR B 146 -9.87 32.12 -14.82
C TYR B 146 -9.89 32.76 -13.44
N ARG B 147 -10.85 33.67 -13.23
CA ARG B 147 -11.00 34.38 -11.97
C ARG B 147 -12.46 34.50 -11.51
N ASP B 148 -13.24 35.35 -12.16
CA ASP B 148 -14.63 35.53 -11.78
C ASP B 148 -15.53 36.10 -12.89
N MET B 149 -16.82 35.78 -12.83
CA MET B 149 -17.79 36.20 -13.84
C MET B 149 -17.67 37.63 -14.33
N GLU B 150 -17.13 38.50 -13.50
CA GLU B 150 -17.00 39.89 -13.89
C GLU B 150 -15.58 40.42 -13.75
N SER B 151 -14.75 40.03 -14.70
CA SER B 151 -13.36 40.45 -14.79
C SER B 151 -13.10 40.49 -16.29
N ASP B 152 -12.06 41.21 -16.71
CA ASP B 152 -11.77 41.35 -18.13
C ASP B 152 -10.67 40.43 -18.62
N TYR B 153 -11.03 39.57 -19.58
CA TYR B 153 -10.10 38.60 -20.16
C TYR B 153 -9.63 39.00 -21.56
N SER B 154 -9.53 40.30 -21.82
CA SER B 154 -9.09 40.78 -23.12
C SER B 154 -7.67 40.33 -23.42
N GLY B 155 -7.42 39.95 -24.67
CA GLY B 155 -6.10 39.50 -25.06
C GLY B 155 -5.71 38.29 -24.25
N GLN B 156 -6.71 37.54 -23.80
CA GLN B 156 -6.47 36.35 -22.99
C GLN B 156 -7.11 35.11 -23.59
N GLY B 157 -6.35 34.01 -23.55
CA GLY B 157 -6.83 32.76 -24.09
C GLY B 157 -6.71 32.74 -25.59
N VAL B 158 -7.42 31.80 -26.21
CA VAL B 158 -7.43 31.66 -27.64
C VAL B 158 -8.87 31.93 -28.02
N ASP B 159 -9.08 32.92 -28.87
CA ASP B 159 -10.43 33.28 -29.27
C ASP B 159 -10.92 32.39 -30.40
N GLN B 160 -11.06 31.11 -30.09
CA GLN B 160 -11.49 30.12 -31.05
C GLN B 160 -12.55 30.62 -32.01
N LEU B 161 -13.67 31.10 -31.48
CA LEU B 161 -14.74 31.58 -32.34
C LEU B 161 -14.31 32.48 -33.52
N GLN B 162 -13.51 33.49 -33.25
CA GLN B 162 -13.07 34.35 -34.34
C GLN B 162 -12.08 33.59 -35.19
N LYS B 163 -11.19 32.86 -34.53
CA LYS B 163 -10.17 32.08 -35.21
C LYS B 163 -10.79 31.10 -36.22
N VAL B 164 -11.96 30.57 -35.88
CA VAL B 164 -12.65 29.64 -36.75
C VAL B 164 -13.07 30.39 -38.02
N ILE B 165 -13.82 31.47 -37.83
CA ILE B 165 -14.30 32.29 -38.94
C ILE B 165 -13.16 32.80 -39.83
N ASP B 166 -12.13 33.37 -39.23
CA ASP B 166 -10.99 33.85 -39.99
C ASP B 166 -10.58 32.76 -40.95
N THR B 167 -10.37 31.57 -40.40
CA THR B 167 -9.95 30.40 -41.17
C THR B 167 -10.97 29.99 -42.21
N ILE B 168 -12.24 30.03 -41.85
CA ILE B 168 -13.25 29.67 -42.83
C ILE B 168 -13.08 30.56 -44.05
N LYS B 169 -12.67 31.81 -43.82
CA LYS B 169 -12.49 32.78 -44.90
C LYS B 169 -11.19 32.69 -45.69
N THR B 170 -10.11 32.40 -45.00
CA THR B 170 -8.84 32.32 -45.68
C THR B 170 -8.44 30.91 -46.13
N ASN B 171 -9.18 29.89 -45.68
CA ASN B 171 -8.87 28.50 -46.04
C ASN B 171 -10.06 27.58 -45.80
N PRO B 172 -11.08 27.67 -46.66
CA PRO B 172 -12.27 26.81 -46.49
C PRO B 172 -12.02 25.30 -46.50
N ASP B 173 -10.84 24.87 -46.94
CA ASP B 173 -10.53 23.44 -47.01
C ASP B 173 -10.03 22.85 -45.70
N ASP B 174 -9.51 23.70 -44.82
CA ASP B 174 -8.97 23.27 -43.54
C ASP B 174 -9.82 22.18 -42.86
N ARG B 175 -9.17 21.06 -42.55
CA ARG B 175 -9.83 19.92 -41.91
C ARG B 175 -9.64 19.97 -40.39
N ARG B 176 -9.34 21.17 -39.89
CA ARG B 176 -9.12 21.37 -38.47
C ARG B 176 -9.84 22.59 -37.90
N ILE B 177 -10.85 23.08 -38.61
CA ILE B 177 -11.63 24.23 -38.13
C ILE B 177 -12.47 23.72 -36.96
N ILE B 178 -11.91 23.87 -35.76
CA ILE B 178 -12.55 23.37 -34.55
C ILE B 178 -12.56 24.32 -33.39
N MET B 179 -13.67 24.25 -32.65
CA MET B 179 -13.92 25.04 -31.46
C MET B 179 -14.18 24.00 -30.34
N CYS B 180 -13.36 24.01 -29.30
CA CYS B 180 -13.55 23.04 -28.22
C CYS B 180 -13.86 23.66 -26.86
N ALA B 181 -15.00 23.29 -26.28
CA ALA B 181 -15.39 23.81 -24.95
C ALA B 181 -14.91 22.87 -23.84
N TRP B 182 -14.39 21.71 -24.21
CA TRP B 182 -13.92 20.73 -23.23
C TRP B 182 -12.47 20.90 -22.81
N ASN B 183 -12.29 21.58 -21.67
CA ASN B 183 -10.96 21.86 -21.14
C ASN B 183 -10.70 21.13 -19.83
N PRO B 184 -9.96 20.02 -19.87
CA PRO B 184 -9.64 19.23 -18.68
C PRO B 184 -9.13 20.03 -17.48
N ARG B 185 -8.40 21.12 -17.72
CA ARG B 185 -7.88 21.93 -16.61
C ARG B 185 -8.98 22.67 -15.82
N ASP B 186 -9.91 23.29 -16.54
CA ASP B 186 -10.98 24.07 -15.94
C ASP B 186 -12.20 23.25 -15.53
N LEU B 187 -12.32 22.05 -16.08
CA LEU B 187 -13.46 21.20 -15.78
C LEU B 187 -13.86 21.18 -14.30
N PRO B 188 -12.91 21.38 -13.37
CA PRO B 188 -13.26 21.36 -11.94
C PRO B 188 -13.95 22.64 -11.46
N LEU B 189 -13.55 23.79 -12.01
CA LEU B 189 -14.10 25.09 -11.63
C LEU B 189 -15.43 25.44 -12.29
N MET B 190 -16.07 24.46 -12.93
CA MET B 190 -17.32 24.71 -13.60
C MET B 190 -18.48 24.25 -12.77
N ALA B 191 -19.68 24.74 -13.09
CA ALA B 191 -20.86 24.29 -12.38
C ALA B 191 -21.04 22.88 -12.94
N LEU B 192 -21.44 22.81 -14.21
CA LEU B 192 -21.63 21.55 -14.90
C LEU B 192 -20.60 21.47 -16.02
N PRO B 193 -20.02 20.29 -16.24
CA PRO B 193 -19.03 20.18 -17.32
C PRO B 193 -19.78 20.24 -18.65
N PRO B 194 -19.16 20.84 -19.67
CA PRO B 194 -19.73 21.00 -21.00
C PRO B 194 -20.34 19.76 -21.65
N CYS B 195 -21.53 19.93 -22.21
CA CYS B 195 -22.23 18.87 -22.91
C CYS B 195 -21.87 19.00 -24.38
N HIS B 196 -21.40 20.21 -24.74
CA HIS B 196 -20.98 20.54 -26.09
C HIS B 196 -19.45 20.43 -26.19
N ALA B 197 -18.89 19.27 -25.93
CA ALA B 197 -17.45 19.08 -26.00
C ALA B 197 -16.83 19.93 -27.13
N LEU B 198 -16.96 19.47 -28.37
CA LEU B 198 -16.40 20.21 -29.48
C LEU B 198 -17.32 20.23 -30.68
N CYS B 199 -16.97 21.06 -31.66
CA CYS B 199 -17.75 21.16 -32.88
C CYS B 199 -16.75 21.40 -34.00
N GLN B 200 -17.10 21.00 -35.21
CA GLN B 200 -16.20 21.18 -36.33
C GLN B 200 -16.96 21.76 -37.51
N PHE B 201 -16.30 22.70 -38.17
CA PHE B 201 -16.88 23.37 -39.33
C PHE B 201 -16.26 22.82 -40.60
N TYR B 202 -17.06 22.77 -41.65
CA TYR B 202 -16.62 22.21 -42.92
C TYR B 202 -17.11 23.09 -44.06
N VAL B 203 -16.28 23.27 -45.07
CA VAL B 203 -16.70 24.07 -46.20
C VAL B 203 -16.44 23.34 -47.51
N VAL B 204 -17.36 23.45 -48.44
CA VAL B 204 -17.22 22.83 -49.76
C VAL B 204 -18.38 23.26 -50.62
N ASN B 205 -18.07 23.60 -51.88
CA ASN B 205 -19.06 24.07 -52.84
C ASN B 205 -19.74 25.31 -52.25
N SER B 206 -18.89 26.20 -51.70
CA SER B 206 -19.33 27.45 -51.06
C SER B 206 -20.44 27.25 -50.01
N GLU B 207 -20.39 26.12 -49.33
CA GLU B 207 -21.36 25.78 -48.29
C GLU B 207 -20.67 25.56 -46.95
N LEU B 208 -21.27 26.07 -45.88
CA LEU B 208 -20.71 25.89 -44.54
C LEU B 208 -21.52 24.84 -43.78
N SER B 209 -20.86 23.77 -43.38
CA SER B 209 -21.50 22.71 -42.60
C SER B 209 -20.86 22.65 -41.24
N CYS B 210 -21.58 22.08 -40.27
CA CYS B 210 -21.08 22.00 -38.92
C CYS B 210 -21.48 20.70 -38.22
N GLN B 211 -20.52 20.05 -37.59
CA GLN B 211 -20.80 18.82 -36.84
C GLN B 211 -20.51 19.13 -35.39
N LEU B 212 -21.44 18.75 -34.53
CA LEU B 212 -21.30 18.97 -33.09
C LEU B 212 -21.20 17.66 -32.33
N TYR B 213 -20.17 17.53 -31.50
CA TYR B 213 -20.03 16.33 -30.69
C TYR B 213 -20.62 16.59 -29.29
N GLN B 214 -21.78 16.02 -29.05
CA GLN B 214 -22.48 16.16 -27.78
C GLN B 214 -22.35 14.90 -26.91
N ARG B 215 -21.51 14.97 -25.88
CA ARG B 215 -21.27 13.83 -25.00
C ARG B 215 -22.53 13.15 -24.41
N SER B 216 -23.37 13.93 -23.72
CA SER B 216 -24.61 13.37 -23.17
C SER B 216 -25.75 14.20 -23.71
N GLY B 217 -26.94 13.60 -23.82
CA GLY B 217 -28.06 14.35 -24.34
C GLY B 217 -29.44 13.85 -23.97
N ASP B 218 -30.20 14.73 -23.32
CA ASP B 218 -31.57 14.45 -22.92
C ASP B 218 -32.43 14.64 -24.19
N MET B 219 -32.75 13.53 -24.84
CA MET B 219 -33.53 13.53 -26.06
C MET B 219 -34.82 14.36 -26.03
N GLY B 220 -35.53 14.31 -24.90
CA GLY B 220 -36.80 15.01 -24.79
C GLY B 220 -36.89 16.41 -24.20
N LEU B 221 -35.77 16.99 -23.83
CA LEU B 221 -35.80 18.34 -23.26
C LEU B 221 -34.56 19.14 -23.61
N GLY B 222 -33.55 18.47 -24.16
CA GLY B 222 -32.32 19.14 -24.53
C GLY B 222 -32.07 19.06 -26.03
N VAL B 223 -31.63 17.88 -26.49
CA VAL B 223 -31.33 17.61 -27.89
C VAL B 223 -31.95 18.60 -28.90
N PRO B 224 -33.28 18.82 -28.84
CA PRO B 224 -33.93 19.75 -29.76
C PRO B 224 -33.36 21.16 -29.61
N PHE B 225 -33.21 21.57 -28.36
CA PHE B 225 -32.68 22.88 -28.05
C PHE B 225 -31.27 23.13 -28.60
N ASN B 226 -30.36 22.18 -28.47
CA ASN B 226 -29.02 22.45 -29.00
C ASN B 226 -28.93 22.21 -30.50
N ILE B 227 -29.81 21.38 -31.05
CA ILE B 227 -29.79 21.14 -32.49
C ILE B 227 -29.92 22.51 -33.12
N ALA B 228 -31.01 23.18 -32.75
CA ALA B 228 -31.28 24.51 -33.23
C ALA B 228 -30.13 25.43 -32.80
N SER B 229 -29.79 25.41 -31.52
CA SER B 229 -28.76 26.28 -31.00
C SER B 229 -27.49 26.31 -31.87
N TYR B 230 -27.08 25.15 -32.37
CA TYR B 230 -25.88 25.10 -33.21
C TYR B 230 -26.22 25.36 -34.66
N ALA B 231 -27.46 25.04 -35.05
CA ALA B 231 -27.89 25.32 -36.40
C ALA B 231 -27.81 26.85 -36.51
N LEU B 232 -28.40 27.54 -35.53
CA LEU B 232 -28.37 28.98 -35.52
C LEU B 232 -26.93 29.45 -35.66
N LEU B 233 -26.04 28.87 -34.86
CA LEU B 233 -24.64 29.27 -34.92
C LEU B 233 -24.06 29.16 -36.35
N THR B 234 -24.40 28.10 -37.07
CA THR B 234 -23.90 27.93 -38.42
C THR B 234 -24.36 29.11 -39.29
N TYR B 235 -25.67 29.32 -39.34
CA TYR B 235 -26.31 30.40 -40.10
C TYR B 235 -25.66 31.75 -39.86
N MET B 236 -25.22 31.99 -38.63
CA MET B 236 -24.57 33.24 -38.27
C MET B 236 -23.20 33.37 -38.90
N ILE B 237 -22.35 32.39 -38.64
CA ILE B 237 -21.01 32.35 -39.19
C ILE B 237 -21.05 32.36 -40.73
N ALA B 238 -22.05 31.71 -41.31
CA ALA B 238 -22.20 31.68 -42.77
C ALA B 238 -22.44 33.10 -43.25
N HIS B 239 -23.36 33.80 -42.61
CA HIS B 239 -23.71 35.16 -42.95
C HIS B 239 -22.48 36.11 -42.92
N ILE B 240 -21.53 35.85 -42.02
CA ILE B 240 -20.38 36.74 -41.94
C ILE B 240 -19.17 36.26 -42.74
N THR B 241 -19.29 35.07 -43.30
CA THR B 241 -18.21 34.50 -44.11
C THR B 241 -18.66 34.41 -45.56
N GLY B 242 -19.93 34.72 -45.78
CA GLY B 242 -20.49 34.71 -47.13
C GLY B 242 -20.75 33.34 -47.71
N LEU B 243 -20.68 32.31 -46.89
CA LEU B 243 -20.93 30.96 -47.38
C LEU B 243 -22.38 30.65 -47.12
N LYS B 244 -22.90 29.62 -47.78
CA LYS B 244 -24.30 29.24 -47.63
C LYS B 244 -24.44 27.97 -46.75
N PRO B 245 -25.40 27.99 -45.81
CA PRO B 245 -25.63 26.86 -44.90
C PRO B 245 -25.76 25.53 -45.59
N GLY B 246 -25.05 24.53 -45.06
CA GLY B 246 -25.12 23.19 -45.61
C GLY B 246 -25.94 22.30 -44.70
N ASP B 247 -25.28 21.35 -44.02
CA ASP B 247 -25.99 20.48 -43.08
C ASP B 247 -25.36 20.52 -41.68
N PHE B 248 -26.18 20.29 -40.66
CA PHE B 248 -25.71 20.23 -39.28
C PHE B 248 -25.71 18.76 -38.90
N ILE B 249 -24.56 18.24 -38.50
CA ILE B 249 -24.44 16.84 -38.13
C ILE B 249 -24.43 16.77 -36.62
N HIS B 250 -25.41 16.10 -36.04
CA HIS B 250 -25.46 16.00 -34.59
C HIS B 250 -25.03 14.62 -34.14
N THR B 251 -23.82 14.53 -33.58
CA THR B 251 -23.27 13.28 -33.07
C THR B 251 -23.41 13.24 -31.56
N LEU B 252 -23.95 12.11 -31.06
CA LEU B 252 -24.16 11.93 -29.65
C LEU B 252 -23.29 10.84 -29.00
N GLY B 253 -23.11 10.98 -27.70
CA GLY B 253 -22.34 10.01 -26.95
C GLY B 253 -23.40 9.20 -26.23
N ASP B 254 -23.70 9.58 -25.00
CA ASP B 254 -24.74 8.90 -24.24
C ASP B 254 -26.04 9.59 -24.61
N ALA B 255 -26.77 8.99 -25.54
CA ALA B 255 -28.06 9.54 -25.95
C ALA B 255 -29.12 8.83 -25.11
N HIS B 256 -29.82 9.59 -24.29
CA HIS B 256 -30.82 8.99 -23.42
C HIS B 256 -32.22 9.61 -23.38
N ILE B 257 -33.12 8.85 -22.78
CA ILE B 257 -34.51 9.24 -22.57
C ILE B 257 -34.78 8.97 -21.10
N TYR B 258 -35.19 10.00 -20.36
CA TYR B 258 -35.49 9.82 -18.95
C TYR B 258 -36.72 8.94 -18.81
N LEU B 259 -36.65 8.00 -17.88
CA LEU B 259 -37.73 7.05 -17.63
C LEU B 259 -39.15 7.65 -17.66
N ASN B 260 -39.38 8.73 -16.93
CA ASN B 260 -40.70 9.35 -16.95
C ASN B 260 -41.05 9.78 -18.37
N HIS B 261 -40.19 10.62 -18.96
CA HIS B 261 -40.34 11.12 -20.33
C HIS B 261 -40.82 10.07 -21.35
N ILE B 262 -40.80 8.79 -20.98
CA ILE B 262 -41.19 7.73 -21.91
C ILE B 262 -42.64 7.76 -22.44
N GLU B 263 -43.59 8.15 -21.59
CA GLU B 263 -44.98 8.19 -22.02
C GLU B 263 -45.31 9.39 -22.91
N PRO B 264 -44.93 10.61 -22.49
CA PRO B 264 -45.21 11.80 -23.30
C PRO B 264 -44.58 11.66 -24.68
N LEU B 265 -43.40 11.03 -24.73
CA LEU B 265 -42.68 10.83 -25.97
C LEU B 265 -43.40 9.87 -26.92
N LYS B 266 -44.30 9.04 -26.38
CA LYS B 266 -45.05 8.12 -27.23
C LYS B 266 -46.13 8.89 -28.00
N ILE B 267 -46.68 9.92 -27.34
CA ILE B 267 -47.70 10.73 -27.97
C ILE B 267 -47.05 11.84 -28.82
N GLN B 268 -45.86 12.30 -28.42
CA GLN B 268 -45.18 13.32 -29.20
C GLN B 268 -44.62 12.61 -30.43
N LEU B 269 -44.40 11.30 -30.27
CA LEU B 269 -43.85 10.44 -31.32
C LEU B 269 -44.86 10.16 -32.43
N GLN B 270 -46.12 10.51 -32.21
CA GLN B 270 -47.13 10.28 -33.23
C GLN B 270 -47.41 11.54 -34.03
N ARG B 271 -47.29 12.68 -33.35
CA ARG B 271 -47.50 13.98 -34.00
C ARG B 271 -46.71 13.99 -35.30
N GLU B 272 -47.40 14.15 -36.41
CA GLU B 272 -46.74 14.17 -37.72
C GLU B 272 -46.06 15.51 -37.92
N PRO B 273 -44.78 15.50 -38.34
CA PRO B 273 -43.98 16.70 -38.57
C PRO B 273 -44.50 17.71 -39.60
N ARG B 274 -44.51 18.96 -39.17
CA ARG B 274 -44.94 20.09 -39.99
C ARG B 274 -43.68 20.76 -40.52
N PRO B 275 -43.73 21.32 -41.74
CA PRO B 275 -42.59 21.98 -42.40
C PRO B 275 -41.70 22.85 -41.51
N PHE B 276 -40.39 22.64 -41.60
CA PHE B 276 -39.44 23.41 -40.81
C PHE B 276 -39.64 24.87 -41.12
N PRO B 277 -39.49 25.74 -40.10
CA PRO B 277 -39.66 27.17 -40.37
C PRO B 277 -38.50 27.65 -41.26
N LYS B 278 -38.12 28.91 -41.13
CA LYS B 278 -37.02 29.47 -41.90
C LYS B 278 -36.49 30.62 -41.10
N LEU B 279 -35.17 30.68 -40.96
CA LEU B 279 -34.56 31.77 -40.22
C LEU B 279 -34.11 32.83 -41.20
N ARG B 280 -34.52 34.06 -40.98
CA ARG B 280 -34.14 35.15 -41.86
C ARG B 280 -33.33 36.16 -41.09
N ILE B 281 -32.11 36.39 -41.55
CA ILE B 281 -31.26 37.37 -40.92
C ILE B 281 -31.60 38.63 -41.71
N LEU B 282 -32.67 39.30 -41.29
CA LEU B 282 -33.14 40.51 -41.93
C LEU B 282 -32.03 41.55 -42.09
N ARG B 283 -31.41 41.99 -40.99
CA ARG B 283 -30.32 42.96 -41.05
C ARG B 283 -29.06 42.29 -41.64
N LYS B 284 -28.02 43.07 -41.92
CA LYS B 284 -26.78 42.54 -42.49
C LYS B 284 -25.55 43.03 -41.73
N VAL B 285 -24.84 42.10 -41.06
CA VAL B 285 -23.66 42.47 -40.26
C VAL B 285 -22.31 41.90 -40.67
N GLU B 286 -21.25 42.50 -40.15
CA GLU B 286 -19.89 42.07 -40.44
C GLU B 286 -19.40 41.13 -39.33
N LYS B 287 -18.82 41.70 -38.27
CA LYS B 287 -18.31 40.90 -37.15
C LYS B 287 -19.44 40.12 -36.45
N ILE B 288 -19.07 39.09 -35.68
CA ILE B 288 -20.04 38.25 -34.97
C ILE B 288 -20.44 38.82 -33.63
N ASP B 289 -19.61 39.71 -33.09
CA ASP B 289 -19.87 40.34 -31.80
C ASP B 289 -20.91 41.44 -32.01
N ASP B 290 -21.56 41.47 -33.17
CA ASP B 290 -22.54 42.51 -33.49
C ASP B 290 -23.97 42.06 -33.73
N PHE B 291 -24.21 40.75 -33.71
CA PHE B 291 -25.57 40.26 -33.92
C PHE B 291 -26.42 40.63 -32.69
N LYS B 292 -27.74 40.73 -32.89
CA LYS B 292 -28.64 41.08 -31.81
C LYS B 292 -29.99 40.40 -32.02
N ALA B 293 -30.63 40.03 -30.91
CA ALA B 293 -31.91 39.35 -30.94
C ALA B 293 -32.90 39.76 -32.04
N GLU B 294 -32.94 41.04 -32.37
CA GLU B 294 -33.88 41.54 -33.39
C GLU B 294 -33.47 41.22 -34.82
N ASP B 295 -32.23 40.77 -35.02
CA ASP B 295 -31.76 40.48 -36.37
C ASP B 295 -32.26 39.16 -36.95
N PHE B 296 -33.18 38.47 -36.26
CA PHE B 296 -33.64 37.20 -36.78
C PHE B 296 -35.17 37.02 -36.83
N GLN B 297 -35.62 36.09 -37.68
CA GLN B 297 -37.04 35.78 -37.85
C GLN B 297 -37.29 34.31 -38.19
N ILE B 298 -38.36 33.74 -37.66
CA ILE B 298 -38.70 32.35 -37.95
C ILE B 298 -40.11 32.32 -38.52
N GLU B 299 -40.25 31.85 -39.76
CA GLU B 299 -41.56 31.80 -40.39
C GLU B 299 -41.89 30.44 -41.01
N GLY B 300 -43.08 29.92 -40.69
CA GLY B 300 -43.50 28.63 -41.20
C GLY B 300 -43.47 27.68 -40.03
N TYR B 301 -43.19 28.27 -38.88
CA TYR B 301 -43.08 27.54 -37.62
C TYR B 301 -44.42 27.37 -36.93
N ASN B 302 -45.16 26.34 -37.31
CA ASN B 302 -46.44 26.06 -36.70
C ASN B 302 -46.29 24.78 -35.88
N PRO B 303 -45.85 24.92 -34.60
CA PRO B 303 -45.64 23.79 -33.68
C PRO B 303 -46.90 23.00 -33.41
N HIS B 304 -46.72 21.74 -33.01
CA HIS B 304 -47.86 20.89 -32.69
C HIS B 304 -48.36 21.36 -31.34
N PRO B 305 -49.63 21.07 -31.01
CA PRO B 305 -50.22 21.49 -29.73
C PRO B 305 -49.27 21.39 -28.55
N THR B 306 -49.21 22.47 -27.76
CA THR B 306 -48.33 22.54 -26.60
C THR B 306 -48.71 21.57 -25.49
N PRO C 26 72.78 -8.65 36.36
CA PRO C 26 71.37 -8.70 35.89
C PRO C 26 70.50 -9.67 36.71
N PRO C 27 69.98 -9.20 37.87
CA PRO C 27 69.13 -10.02 38.75
C PRO C 27 67.88 -10.53 38.06
N HIS C 28 66.99 -11.16 38.83
CA HIS C 28 65.74 -11.66 38.27
C HIS C 28 64.53 -11.01 38.96
N GLY C 29 63.64 -10.47 38.14
CA GLY C 29 62.46 -9.81 38.67
C GLY C 29 61.65 -10.65 39.64
N GLU C 30 61.52 -11.94 39.38
CA GLU C 30 60.72 -12.75 40.27
C GLU C 30 61.21 -12.76 41.71
N LEU C 31 62.49 -12.50 41.92
CA LEU C 31 63.01 -12.48 43.29
C LEU C 31 62.19 -11.47 44.08
N GLN C 32 61.85 -10.37 43.39
CA GLN C 32 61.04 -9.30 43.94
C GLN C 32 59.91 -9.92 44.73
N TYR C 33 59.01 -10.60 44.02
CA TYR C 33 57.85 -11.23 44.64
C TYR C 33 58.10 -12.11 45.86
N LEU C 34 59.05 -13.03 45.76
CA LEU C 34 59.34 -13.95 46.88
C LEU C 34 59.98 -13.20 48.03
N GLY C 35 60.88 -12.28 47.69
CA GLY C 35 61.54 -11.49 48.72
C GLY C 35 60.49 -10.90 49.65
N GLN C 36 59.31 -10.66 49.09
CA GLN C 36 58.21 -10.08 49.83
C GLN C 36 57.52 -11.17 50.66
N ILE C 37 57.61 -12.41 50.19
CA ILE C 37 57.02 -13.50 50.93
C ILE C 37 57.87 -13.73 52.17
N GLN C 38 59.18 -13.53 52.02
CA GLN C 38 60.10 -13.70 53.14
C GLN C 38 59.97 -12.50 54.06
N HIS C 39 59.96 -11.30 53.48
CA HIS C 39 59.84 -10.10 54.29
C HIS C 39 58.57 -10.12 55.14
N ILE C 40 57.45 -10.58 54.57
CA ILE C 40 56.21 -10.66 55.34
C ILE C 40 56.33 -11.77 56.35
N LEU C 41 56.84 -12.92 55.91
CA LEU C 41 56.99 -14.07 56.79
C LEU C 41 57.97 -13.78 57.93
N ARG C 42 58.66 -12.65 57.83
CA ARG C 42 59.60 -12.24 58.87
C ARG C 42 58.92 -11.21 59.76
N CYS C 43 58.75 -9.99 59.24
CA CYS C 43 58.13 -8.90 59.99
C CYS C 43 56.62 -8.76 59.75
N GLY C 44 55.95 -9.87 59.48
CA GLY C 44 54.52 -9.80 59.22
C GLY C 44 53.62 -9.97 60.42
N VAL C 45 52.90 -8.91 60.78
CA VAL C 45 51.99 -8.94 61.92
C VAL C 45 50.72 -9.74 61.64
N ARG C 46 50.15 -10.35 62.69
CA ARG C 46 48.93 -11.13 62.56
C ARG C 46 47.73 -10.19 62.52
N LYS C 47 46.82 -10.42 61.57
CA LYS C 47 45.62 -9.59 61.42
C LYS C 47 44.48 -10.48 60.93
N ASP C 48 43.24 -10.02 61.11
CA ASP C 48 42.05 -10.77 60.68
C ASP C 48 41.40 -10.18 59.41
N ASP C 49 40.62 -11.00 58.72
CA ASP C 49 39.97 -10.56 57.49
C ASP C 49 38.56 -10.05 57.75
N ARG C 50 37.74 -10.10 56.70
CA ARG C 50 36.36 -9.66 56.74
C ARG C 50 35.44 -10.51 57.62
N THR C 51 35.68 -11.82 57.68
CA THR C 51 34.85 -12.74 58.48
C THR C 51 35.50 -13.16 59.80
N GLY C 52 36.72 -13.69 59.70
CA GLY C 52 37.43 -14.15 60.87
C GLY C 52 38.38 -15.27 60.52
N THR C 53 39.51 -14.91 59.91
CA THR C 53 40.51 -15.89 59.51
C THR C 53 41.80 -15.71 60.32
N GLY C 54 42.85 -15.31 59.62
CA GLY C 54 44.13 -15.10 60.26
C GLY C 54 45.13 -14.97 59.13
N THR C 55 45.96 -13.94 59.19
CA THR C 55 46.94 -13.72 58.14
C THR C 55 48.16 -13.00 58.68
N LEU C 56 49.26 -13.10 57.93
CA LEU C 56 50.47 -12.38 58.29
C LEU C 56 50.20 -11.12 57.47
N SER C 57 50.62 -9.95 57.94
CA SER C 57 50.34 -8.73 57.18
C SER C 57 51.33 -7.58 57.27
N VAL C 58 51.51 -6.89 56.15
CA VAL C 58 52.39 -5.73 56.07
C VAL C 58 51.61 -4.68 55.31
N PHE C 59 52.01 -3.43 55.44
CA PHE C 59 51.34 -2.33 54.77
C PHE C 59 52.39 -1.48 54.10
N GLY C 60 52.43 -1.53 52.78
CA GLY C 60 53.41 -0.74 52.05
C GLY C 60 54.48 -1.60 51.45
N MET C 61 54.40 -1.82 50.14
CA MET C 61 55.36 -2.65 49.42
C MET C 61 55.41 -2.10 48.01
N GLN C 62 56.52 -2.31 47.30
CA GLN C 62 56.63 -1.79 45.94
C GLN C 62 57.62 -2.49 45.01
N ALA C 63 57.32 -3.73 44.66
CA ALA C 63 58.17 -4.48 43.75
C ALA C 63 58.07 -3.84 42.38
N ARG C 64 59.07 -4.06 41.53
CA ARG C 64 59.08 -3.53 40.18
C ARG C 64 59.38 -4.69 39.23
N TYR C 65 58.87 -4.61 38.01
CA TYR C 65 59.07 -5.65 37.02
C TYR C 65 59.24 -5.08 35.62
N SER C 66 60.27 -5.53 34.91
CA SER C 66 60.48 -5.06 33.55
C SER C 66 59.70 -5.90 32.58
N LEU C 67 59.19 -5.27 31.53
CA LEU C 67 58.40 -5.94 30.52
C LEU C 67 59.17 -6.01 29.21
N ARG C 68 60.42 -5.55 29.25
CA ARG C 68 61.30 -5.56 28.08
C ARG C 68 61.81 -6.96 27.75
N ASP C 69 61.30 -7.51 26.66
CA ASP C 69 61.66 -8.83 26.19
C ASP C 69 61.37 -9.96 27.17
N GLU C 70 60.29 -9.80 27.92
CA GLU C 70 59.88 -10.83 28.86
C GLU C 70 58.57 -10.41 29.50
N PHE C 71 57.91 -11.38 30.11
CA PHE C 71 56.64 -11.13 30.73
C PHE C 71 56.56 -11.77 32.11
N PRO C 72 56.43 -10.93 33.15
CA PRO C 72 56.33 -11.29 34.57
C PRO C 72 55.25 -12.29 34.95
N LEU C 73 55.26 -13.46 34.32
CA LEU C 73 54.31 -14.51 34.65
C LEU C 73 55.07 -15.53 35.52
N LEU C 74 55.13 -15.23 36.81
CA LEU C 74 55.83 -16.04 37.80
C LEU C 74 55.97 -17.53 37.48
N THR C 75 57.17 -18.06 37.75
CA THR C 75 57.49 -19.46 37.48
C THR C 75 57.43 -20.37 38.71
N THR C 76 57.85 -19.86 39.87
CA THR C 76 57.84 -20.65 41.10
C THR C 76 56.49 -21.28 41.39
N LYS C 77 55.53 -21.00 40.52
CA LYS C 77 54.17 -21.54 40.62
C LYS C 77 53.41 -21.14 39.34
N ARG C 78 52.65 -22.07 38.77
CA ARG C 78 51.91 -21.77 37.55
C ARG C 78 50.70 -20.87 37.79
N VAL C 79 50.61 -19.79 37.02
CA VAL C 79 49.52 -18.83 37.11
C VAL C 79 48.42 -19.16 36.10
N PHE C 80 47.16 -19.03 36.50
CA PHE C 80 46.02 -19.31 35.65
C PHE C 80 45.87 -18.28 34.52
N TRP C 81 46.86 -18.24 33.63
CA TRP C 81 46.90 -17.29 32.50
C TRP C 81 45.61 -17.14 31.66
N LYS C 82 44.94 -18.24 31.33
CA LYS C 82 43.70 -18.16 30.56
C LYS C 82 42.69 -17.41 31.41
N GLY C 83 43.03 -17.18 32.67
CA GLY C 83 42.17 -16.43 33.57
C GLY C 83 42.54 -14.97 33.42
N VAL C 84 43.83 -14.68 33.46
CA VAL C 84 44.32 -13.31 33.31
C VAL C 84 43.76 -12.69 32.04
N LEU C 85 44.15 -13.27 30.91
CA LEU C 85 43.76 -12.83 29.58
C LEU C 85 42.25 -12.65 29.33
N GLU C 86 41.48 -13.69 29.63
CA GLU C 86 40.04 -13.65 29.41
C GLU C 86 39.30 -12.60 30.23
N GLU C 87 39.75 -12.39 31.47
CA GLU C 87 39.12 -11.44 32.39
C GLU C 87 39.46 -10.00 32.04
N LEU C 88 40.67 -9.78 31.55
CA LEU C 88 41.08 -8.43 31.18
C LEU C 88 40.28 -8.01 29.94
N LEU C 89 39.96 -8.96 29.07
CA LEU C 89 39.18 -8.68 27.86
C LEU C 89 37.77 -8.37 28.32
N TRP C 90 37.38 -9.07 29.37
CA TRP C 90 36.07 -8.93 30.00
C TRP C 90 35.94 -7.50 30.53
N PHE C 91 37.03 -7.00 31.12
CA PHE C 91 37.07 -5.64 31.64
C PHE C 91 36.96 -4.71 30.42
N ILE C 92 37.89 -4.83 29.49
CA ILE C 92 37.88 -3.99 28.30
C ILE C 92 36.51 -3.88 27.65
N LYS C 93 35.68 -4.93 27.73
CA LYS C 93 34.33 -4.92 27.15
C LYS C 93 33.39 -4.07 27.98
N GLY C 94 33.76 -3.83 29.24
CA GLY C 94 32.91 -3.04 30.11
C GLY C 94 31.84 -3.92 30.72
N SER C 95 32.13 -5.21 30.78
CA SER C 95 31.21 -6.18 31.31
C SER C 95 31.08 -6.18 32.83
N THR C 96 29.85 -6.29 33.31
CA THR C 96 29.62 -6.39 34.74
C THR C 96 28.76 -7.63 34.93
N ASN C 97 28.76 -8.49 33.91
CA ASN C 97 28.00 -9.73 33.95
C ASN C 97 28.94 -10.87 34.26
N ALA C 98 28.68 -11.53 35.39
CA ALA C 98 29.50 -12.64 35.85
C ALA C 98 29.51 -13.80 34.87
N LYS C 99 28.41 -13.96 34.14
CA LYS C 99 28.30 -15.06 33.18
C LYS C 99 29.09 -14.81 31.90
N GLU C 100 29.04 -13.60 31.36
CA GLU C 100 29.77 -13.28 30.13
C GLU C 100 31.25 -13.69 30.26
N LEU C 101 31.66 -14.03 31.48
CA LEU C 101 33.03 -14.45 31.69
C LEU C 101 33.06 -15.95 31.96
N SER C 102 32.08 -16.42 32.72
CA SER C 102 32.00 -17.86 33.01
C SER C 102 31.97 -18.64 31.70
N SER C 103 31.07 -18.20 30.82
CA SER C 103 30.84 -18.78 29.51
C SER C 103 32.07 -18.90 28.62
N LYS C 104 33.25 -18.65 29.17
CA LYS C 104 34.46 -18.74 28.38
C LYS C 104 35.55 -19.41 29.19
N GLY C 105 35.13 -20.16 30.21
CA GLY C 105 36.08 -20.86 31.05
C GLY C 105 36.22 -20.36 32.47
N VAL C 106 36.73 -19.13 32.60
CA VAL C 106 36.95 -18.50 33.90
C VAL C 106 35.68 -18.24 34.71
N LYS C 107 35.64 -18.78 35.93
CA LYS C 107 34.49 -18.63 36.81
C LYS C 107 34.81 -17.89 38.11
N ILE C 108 36.01 -17.32 38.16
CA ILE C 108 36.48 -16.59 39.33
C ILE C 108 35.51 -15.51 39.84
N TRP C 109 34.38 -15.34 39.17
CA TRP C 109 33.43 -14.33 39.60
C TRP C 109 32.02 -14.90 39.74
N ASP C 110 31.81 -16.14 39.31
CA ASP C 110 30.47 -16.72 39.41
C ASP C 110 30.01 -16.75 40.85
N ALA C 111 30.96 -16.99 41.75
CA ALA C 111 30.70 -17.04 43.18
C ALA C 111 29.98 -15.77 43.59
N ASN C 112 30.61 -14.64 43.31
CA ASN C 112 30.11 -13.32 43.63
C ASN C 112 28.88 -12.93 42.82
N GLY C 113 28.46 -13.81 41.92
CA GLY C 113 27.30 -13.54 41.09
C GLY C 113 26.14 -14.48 41.33
N SER C 114 26.16 -15.17 42.47
CA SER C 114 25.10 -16.10 42.82
C SER C 114 23.89 -15.36 43.39
N ARG C 115 22.71 -15.91 43.12
CA ARG C 115 21.45 -15.32 43.58
C ARG C 115 21.35 -15.31 45.11
N ASP C 116 22.13 -16.16 45.74
CA ASP C 116 22.14 -16.27 47.19
C ASP C 116 23.01 -15.15 47.74
N PHE C 117 24.16 -14.97 47.11
CA PHE C 117 25.13 -13.96 47.48
C PHE C 117 24.54 -12.58 47.20
N LEU C 118 23.90 -12.42 46.04
CA LEU C 118 23.31 -11.14 45.69
C LEU C 118 22.28 -10.75 46.75
N ASP C 119 21.69 -11.76 47.37
CA ASP C 119 20.69 -11.54 48.40
C ASP C 119 21.28 -11.20 49.76
N SER C 120 22.30 -11.93 50.17
CA SER C 120 22.92 -11.65 51.46
C SER C 120 23.30 -10.18 51.50
N LEU C 121 23.52 -9.61 50.31
CA LEU C 121 23.88 -8.20 50.16
C LEU C 121 22.68 -7.27 50.00
N GLY C 122 21.49 -7.85 49.94
CA GLY C 122 20.28 -7.05 49.80
C GLY C 122 19.90 -6.76 48.36
N PHE C 123 20.56 -7.43 47.43
CA PHE C 123 20.28 -7.24 46.02
C PHE C 123 19.26 -8.26 45.51
N SER C 124 18.06 -8.22 46.07
CA SER C 124 16.99 -9.14 45.68
C SER C 124 16.57 -8.83 44.25
N THR C 125 16.14 -7.59 44.05
CA THR C 125 15.68 -7.09 42.77
C THR C 125 16.65 -7.32 41.61
N ARG C 126 17.93 -7.41 41.92
CA ARG C 126 18.94 -7.59 40.89
C ARG C 126 18.94 -8.97 40.24
N GLU C 127 19.10 -8.98 38.92
CA GLU C 127 19.16 -10.23 38.17
C GLU C 127 20.42 -10.99 38.57
N GLU C 128 20.41 -12.30 38.42
CA GLU C 128 21.56 -13.11 38.79
C GLU C 128 22.75 -12.83 37.89
N GLY C 129 23.95 -12.90 38.44
CA GLY C 129 25.15 -12.64 37.65
C GLY C 129 25.57 -11.18 37.57
N ASP C 130 24.66 -10.30 37.93
CA ASP C 130 24.90 -8.87 37.91
C ASP C 130 25.78 -8.44 39.08
N LEU C 131 27.07 -8.25 38.79
CA LEU C 131 28.06 -7.85 39.80
C LEU C 131 27.89 -6.38 40.20
N GLY C 132 27.16 -5.61 39.39
CA GLY C 132 26.99 -4.21 39.68
C GLY C 132 28.14 -3.46 39.04
N PRO C 133 28.36 -2.19 39.40
CA PRO C 133 29.39 -1.27 38.91
C PRO C 133 30.87 -1.65 39.07
N VAL C 134 31.23 -2.91 38.88
CA VAL C 134 32.64 -3.33 39.04
C VAL C 134 33.63 -2.87 37.94
N TYR C 135 34.86 -3.36 37.99
CA TYR C 135 35.93 -2.96 37.05
C TYR C 135 35.57 -2.51 35.64
N GLY C 136 34.98 -3.41 34.86
CA GLY C 136 34.62 -3.08 33.49
C GLY C 136 33.86 -1.78 33.37
N PHE C 137 32.82 -1.64 34.20
CA PHE C 137 31.99 -0.45 34.19
C PHE C 137 32.75 0.79 34.66
N GLN C 138 33.68 0.64 35.61
CA GLN C 138 34.40 1.83 36.08
C GLN C 138 35.45 2.28 35.07
N TRP C 139 35.87 1.36 34.21
CA TRP C 139 36.88 1.63 33.19
C TRP C 139 36.35 2.31 31.95
N ARG C 140 35.10 2.03 31.60
CA ARG C 140 34.55 2.58 30.38
C ARG C 140 33.43 3.60 30.52
N HIS C 141 32.71 3.57 31.65
CA HIS C 141 31.62 4.53 31.89
C HIS C 141 31.73 4.98 33.33
N PHE C 142 32.89 5.47 33.73
CA PHE C 142 33.05 5.92 35.11
C PHE C 142 32.12 7.11 35.35
N GLY C 143 31.31 7.02 36.39
CA GLY C 143 30.39 8.09 36.69
C GLY C 143 28.94 7.86 36.25
N ALA C 144 28.74 7.14 35.14
CA ALA C 144 27.40 6.88 34.63
C ALA C 144 26.54 6.28 35.73
N GLU C 145 25.24 6.51 35.65
CA GLU C 145 24.32 5.97 36.63
C GLU C 145 24.13 4.49 36.27
N TYR C 146 24.62 3.59 37.10
CA TYR C 146 24.47 2.16 36.83
C TYR C 146 23.05 1.71 37.09
N ARG C 147 22.55 0.82 36.25
CA ARG C 147 21.20 0.30 36.39
C ARG C 147 21.26 -1.21 36.53
N ASP C 148 21.66 -1.91 35.48
CA ASP C 148 21.78 -3.37 35.53
C ASP C 148 22.77 -3.86 34.49
N MET C 149 23.27 -5.09 34.65
CA MET C 149 24.26 -5.62 33.73
C MET C 149 23.89 -5.61 32.26
N GLU C 150 22.59 -5.59 31.97
CA GLU C 150 22.09 -5.58 30.60
C GLU C 150 21.96 -4.20 29.93
N SER C 151 21.92 -3.14 30.73
CA SER C 151 21.77 -1.78 30.22
C SER C 151 22.83 -1.39 29.20
N ASP C 152 22.61 -0.25 28.56
CA ASP C 152 23.54 0.31 27.59
C ASP C 152 24.01 1.62 28.17
N TYR C 153 25.33 1.80 28.16
CA TYR C 153 25.92 3.00 28.71
C TYR C 153 26.76 3.78 27.71
N SER C 154 26.61 3.51 26.42
CA SER C 154 27.39 4.23 25.41
C SER C 154 27.18 5.74 25.58
N GLY C 155 28.29 6.47 25.62
CA GLY C 155 28.22 7.92 25.81
C GLY C 155 28.33 8.21 27.28
N GLN C 156 27.41 7.63 28.05
CA GLN C 156 27.34 7.78 29.49
C GLN C 156 28.68 7.51 30.18
N GLY C 157 29.01 8.35 31.16
CA GLY C 157 30.25 8.15 31.91
C GLY C 157 31.51 8.60 31.22
N VAL C 158 32.65 8.37 31.86
CA VAL C 158 33.95 8.74 31.33
C VAL C 158 34.69 7.46 30.93
N ASP C 159 35.06 7.37 29.66
CA ASP C 159 35.78 6.19 29.19
C ASP C 159 37.25 6.41 29.49
N GLN C 160 37.60 6.06 30.73
CA GLN C 160 38.96 6.20 31.19
C GLN C 160 39.97 5.51 30.27
N LEU C 161 39.71 4.23 29.95
CA LEU C 161 40.58 3.41 29.09
C LEU C 161 40.90 4.01 27.72
N GLN C 162 39.88 4.43 26.99
CA GLN C 162 40.13 5.01 25.70
C GLN C 162 40.93 6.27 25.94
N LYS C 163 40.58 6.96 27.04
CA LYS C 163 41.22 8.21 27.44
C LYS C 163 42.71 8.09 27.75
N VAL C 164 43.09 7.05 28.51
CA VAL C 164 44.49 6.85 28.82
C VAL C 164 45.19 6.74 27.49
N ILE C 165 44.59 5.94 26.60
CA ILE C 165 45.12 5.71 25.26
C ILE C 165 45.26 6.99 24.45
N ASP C 166 44.16 7.71 24.27
CA ASP C 166 44.19 8.98 23.53
C ASP C 166 45.34 9.86 24.00
N THR C 167 45.47 9.97 25.33
CA THR C 167 46.51 10.80 25.90
C THR C 167 47.90 10.35 25.54
N ILE C 168 48.21 9.09 25.82
CA ILE C 168 49.52 8.59 25.51
C ILE C 168 49.84 9.00 24.10
N LYS C 169 48.86 8.92 23.21
CA LYS C 169 49.07 9.30 21.83
C LYS C 169 49.40 10.77 21.66
N THR C 170 48.49 11.65 22.08
CA THR C 170 48.69 13.09 21.94
C THR C 170 49.65 13.79 22.93
N ASN C 171 49.78 13.26 24.15
CA ASN C 171 50.67 13.87 25.13
C ASN C 171 51.33 12.82 26.01
N PRO C 172 52.43 12.24 25.52
CA PRO C 172 53.17 11.21 26.24
C PRO C 172 53.80 11.76 27.51
N ASP C 173 53.97 13.08 27.53
CA ASP C 173 54.59 13.75 28.67
C ASP C 173 53.66 13.95 29.88
N ASP C 174 52.37 13.80 29.65
CA ASP C 174 51.34 13.97 30.67
C ASP C 174 51.60 13.18 31.95
N ARG C 175 51.52 13.90 33.06
CA ARG C 175 51.73 13.31 34.38
C ARG C 175 50.40 13.05 35.08
N ARG C 176 49.34 12.91 34.29
CA ARG C 176 48.01 12.64 34.79
C ARG C 176 47.35 11.51 33.97
N ILE C 177 48.12 10.55 33.46
CA ILE C 177 47.54 9.46 32.66
C ILE C 177 47.12 8.36 33.65
N ILE C 178 45.93 8.54 34.20
CA ILE C 178 45.40 7.65 35.22
C ILE C 178 44.06 7.04 34.90
N MET C 179 43.88 5.83 35.42
CA MET C 179 42.65 5.11 35.26
C MET C 179 42.33 4.73 36.70
N CYS C 180 41.12 5.08 37.15
CA CYS C 180 40.74 4.82 38.54
C CYS C 180 39.47 3.98 38.65
N ALA C 181 39.54 2.95 39.48
CA ALA C 181 38.42 2.05 39.70
C ALA C 181 37.67 2.39 40.99
N TRP C 182 38.29 3.18 41.86
CA TRP C 182 37.67 3.57 43.14
C TRP C 182 36.65 4.69 43.01
N ASN C 183 35.38 4.32 43.14
CA ASN C 183 34.30 5.28 43.04
C ASN C 183 33.48 5.14 44.30
N PRO C 184 33.69 6.05 45.26
CA PRO C 184 33.01 6.08 46.55
C PRO C 184 31.50 5.92 46.46
N ARG C 185 30.86 6.61 45.52
CA ARG C 185 29.41 6.52 45.33
C ARG C 185 28.93 5.12 44.93
N ASP C 186 29.67 4.45 44.04
CA ASP C 186 29.31 3.14 43.53
C ASP C 186 29.67 1.88 44.36
N LEU C 187 30.68 1.91 45.23
CA LEU C 187 30.98 0.66 45.96
C LEU C 187 29.82 0.14 46.81
N PRO C 188 28.89 1.02 47.19
CA PRO C 188 27.77 0.49 47.99
C PRO C 188 26.98 -0.55 47.16
N LEU C 189 27.17 -0.52 45.83
CA LEU C 189 26.47 -1.40 44.88
C LEU C 189 27.31 -2.53 44.32
N MET C 190 28.61 -2.53 44.61
CA MET C 190 29.46 -3.58 44.09
C MET C 190 29.35 -4.85 44.94
N ALA C 191 29.73 -6.00 44.38
CA ALA C 191 29.69 -7.28 45.10
C ALA C 191 30.90 -7.26 46.02
N LEU C 192 32.03 -6.85 45.46
CA LEU C 192 33.28 -6.72 46.18
C LEU C 192 33.99 -5.47 45.68
N PRO C 193 34.49 -4.63 46.61
CA PRO C 193 35.20 -3.40 46.23
C PRO C 193 36.44 -3.74 45.39
N PRO C 194 36.99 -2.73 44.71
CA PRO C 194 38.17 -2.95 43.88
C PRO C 194 39.45 -3.17 44.68
N CYS C 195 40.30 -4.09 44.23
CA CYS C 195 41.59 -4.34 44.87
C CYS C 195 42.59 -3.47 44.13
N HIS C 196 42.53 -3.56 42.80
CA HIS C 196 43.39 -2.72 41.98
C HIS C 196 42.50 -1.49 41.72
N ALA C 197 42.62 -0.52 42.63
CA ALA C 197 41.82 0.71 42.63
C ALA C 197 42.34 1.91 41.83
N LEU C 198 43.53 1.82 41.27
CA LEU C 198 44.05 2.98 40.55
C LEU C 198 45.40 2.65 39.96
N CYS C 199 45.58 2.90 38.66
CA CYS C 199 46.86 2.69 38.01
C CYS C 199 47.21 3.95 37.23
N GLN C 200 48.51 4.12 36.96
CA GLN C 200 48.98 5.28 36.25
C GLN C 200 49.98 4.84 35.19
N PHE C 201 49.85 5.44 34.01
CA PHE C 201 50.73 5.14 32.88
C PHE C 201 51.79 6.23 32.69
N TYR C 202 53.01 5.81 32.35
CA TYR C 202 54.16 6.69 32.15
C TYR C 202 54.80 6.55 30.77
N VAL C 203 55.26 7.65 30.18
CA VAL C 203 55.88 7.59 28.85
C VAL C 203 57.21 8.33 28.71
N VAL C 204 58.28 7.56 28.56
CA VAL C 204 59.63 8.11 28.37
C VAL C 204 60.22 7.41 27.13
N ASN C 205 60.73 8.21 26.20
CA ASN C 205 61.33 7.71 24.96
C ASN C 205 60.90 6.30 24.50
N SER C 206 59.70 6.21 23.94
CA SER C 206 59.17 4.96 23.41
C SER C 206 58.72 3.89 24.40
N GLU C 207 59.02 4.08 25.68
CA GLU C 207 58.63 3.09 26.67
C GLU C 207 57.33 3.42 27.41
N LEU C 208 56.48 2.41 27.56
CA LEU C 208 55.20 2.55 28.24
C LEU C 208 55.10 1.78 29.54
N SER C 209 55.49 2.40 30.66
CA SER C 209 55.37 1.76 31.97
C SER C 209 54.00 2.03 32.60
N CYS C 210 53.69 1.34 33.69
CA CYS C 210 52.41 1.50 34.35
C CYS C 210 52.48 1.03 35.79
N GLN C 211 52.17 1.93 36.71
CA GLN C 211 52.18 1.56 38.12
C GLN C 211 50.75 1.35 38.54
N LEU C 212 50.52 0.24 39.23
CA LEU C 212 49.20 -0.10 39.73
C LEU C 212 49.20 0.03 41.25
N TYR C 213 48.07 0.47 41.80
CA TYR C 213 47.95 0.61 43.24
C TYR C 213 46.93 -0.38 43.73
N GLN C 214 47.44 -1.44 44.36
CA GLN C 214 46.58 -2.50 44.87
C GLN C 214 46.39 -2.39 46.40
N ARG C 215 45.30 -1.73 46.82
CA ARG C 215 45.05 -1.55 48.24
C ARG C 215 45.10 -2.80 49.08
N SER C 216 44.81 -3.94 48.48
CA SER C 216 44.83 -5.19 49.24
C SER C 216 45.36 -6.34 48.40
N GLY C 217 46.59 -6.74 48.66
CA GLY C 217 47.18 -7.83 47.89
C GLY C 217 47.36 -9.16 48.62
N ASP C 218 46.58 -10.17 48.23
CA ASP C 218 46.68 -11.50 48.80
C ASP C 218 47.93 -12.16 48.22
N MET C 219 49.08 -11.82 48.80
CA MET C 219 50.38 -12.33 48.39
C MET C 219 50.38 -13.76 47.88
N GLY C 220 49.63 -14.63 48.56
CA GLY C 220 49.56 -16.02 48.14
C GLY C 220 49.07 -16.10 46.71
N LEU C 221 47.75 -16.15 46.54
CA LEU C 221 47.16 -16.20 45.21
C LEU C 221 46.44 -14.91 44.86
N GLY C 222 46.92 -14.23 43.83
CA GLY C 222 46.30 -12.99 43.41
C GLY C 222 47.39 -12.02 43.03
N VAL C 223 48.32 -11.77 43.93
CA VAL C 223 49.37 -10.83 43.59
C VAL C 223 50.15 -11.27 42.36
N PRO C 224 50.22 -12.59 42.08
CA PRO C 224 50.97 -13.01 40.89
C PRO C 224 50.08 -12.84 39.64
N PHE C 225 48.78 -13.06 39.87
CA PHE C 225 47.74 -12.96 38.85
C PHE C 225 47.60 -11.49 38.42
N ASN C 226 47.62 -10.60 39.40
CA ASN C 226 47.48 -9.18 39.16
C ASN C 226 48.66 -8.62 38.38
N ILE C 227 49.86 -9.15 38.61
CA ILE C 227 51.04 -8.66 37.90
C ILE C 227 50.91 -9.02 36.42
N ALA C 228 50.17 -10.08 36.13
CA ALA C 228 49.96 -10.49 34.75
C ALA C 228 48.92 -9.57 34.11
N SER C 229 47.73 -9.54 34.72
CA SER C 229 46.63 -8.71 34.23
C SER C 229 47.11 -7.32 33.85
N TYR C 230 47.87 -6.68 34.74
CA TYR C 230 48.33 -5.34 34.41
C TYR C 230 49.52 -5.34 33.48
N ALA C 231 50.34 -6.37 33.56
CA ALA C 231 51.51 -6.45 32.67
C ALA C 231 50.98 -6.64 31.26
N LEU C 232 49.94 -7.46 31.16
CA LEU C 232 49.33 -7.74 29.88
C LEU C 232 48.79 -6.42 29.33
N LEU C 233 47.91 -5.81 30.09
CA LEU C 233 47.29 -4.54 29.69
C LEU C 233 48.33 -3.49 29.30
N THR C 234 49.49 -3.50 29.97
CA THR C 234 50.53 -2.55 29.65
C THR C 234 51.10 -2.89 28.27
N TYR C 235 50.99 -4.16 27.88
CA TYR C 235 51.46 -4.59 26.58
C TYR C 235 50.44 -4.10 25.55
N MET C 236 49.17 -4.41 25.82
CA MET C 236 48.10 -4.02 24.94
C MET C 236 48.16 -2.56 24.52
N ILE C 237 48.23 -1.66 25.49
CA ILE C 237 48.27 -0.24 25.19
C ILE C 237 49.59 0.14 24.50
N ALA C 238 50.64 -0.60 24.81
CA ALA C 238 51.94 -0.34 24.21
C ALA C 238 51.80 -0.60 22.71
N HIS C 239 51.09 -1.69 22.38
CA HIS C 239 50.87 -2.08 20.99
C HIS C 239 50.18 -0.90 20.33
N ILE C 240 48.88 -0.81 20.56
CA ILE C 240 48.02 0.26 20.05
C ILE C 240 48.67 1.63 19.87
N THR C 241 49.47 2.05 20.86
CA THR C 241 50.09 3.35 20.83
C THR C 241 51.43 3.46 20.08
N GLY C 242 51.99 2.33 19.69
CA GLY C 242 53.25 2.34 18.96
C GLY C 242 54.49 2.46 19.83
N LEU C 243 54.42 1.98 21.07
CA LEU C 243 55.57 2.08 21.97
C LEU C 243 55.99 0.71 22.48
N LYS C 244 57.18 0.65 23.07
CA LYS C 244 57.66 -0.62 23.62
C LYS C 244 57.54 -0.67 25.14
N PRO C 245 56.94 -1.75 25.64
CA PRO C 245 56.72 -2.01 27.06
C PRO C 245 57.93 -1.76 27.96
N GLY C 246 57.74 -0.87 28.94
CA GLY C 246 58.81 -0.56 29.87
C GLY C 246 58.67 -1.39 31.12
N ASP C 247 58.43 -0.72 32.25
CA ASP C 247 58.27 -1.39 33.56
C ASP C 247 56.82 -1.40 34.00
N PHE C 248 56.56 -2.22 35.01
CA PHE C 248 55.25 -2.32 35.63
C PHE C 248 55.48 -2.24 37.12
N ILE C 249 55.38 -1.05 37.68
CA ILE C 249 55.59 -0.91 39.11
C ILE C 249 54.33 -1.41 39.79
N HIS C 250 54.49 -2.14 40.88
CA HIS C 250 53.35 -2.69 41.59
C HIS C 250 53.39 -2.27 43.05
N THR C 251 52.46 -1.41 43.45
CA THR C 251 52.40 -0.96 44.84
C THR C 251 51.30 -1.69 45.57
N LEU C 252 51.54 -1.99 46.85
CA LEU C 252 50.56 -2.70 47.66
C LEU C 252 50.23 -1.96 48.93
N GLY C 253 48.96 -1.97 49.30
CA GLY C 253 48.54 -1.30 50.52
C GLY C 253 48.75 -2.31 51.61
N ASP C 254 47.71 -3.09 51.89
CA ASP C 254 47.75 -4.13 52.91
C ASP C 254 48.22 -5.41 52.26
N ALA C 255 49.53 -5.61 52.19
CA ALA C 255 50.08 -6.83 51.63
C ALA C 255 49.97 -7.87 52.73
N HIS C 256 49.40 -9.03 52.42
CA HIS C 256 49.23 -10.07 53.43
C HIS C 256 49.42 -11.49 52.90
N ILE C 257 49.59 -12.43 53.83
CA ILE C 257 49.79 -13.84 53.51
C ILE C 257 48.90 -14.65 54.45
N TYR C 258 47.91 -15.33 53.91
CA TYR C 258 47.02 -16.12 54.76
C TYR C 258 47.80 -17.17 55.57
N LEU C 259 47.13 -17.79 56.55
CA LEU C 259 47.74 -18.80 57.41
C LEU C 259 48.10 -20.12 56.75
N ASN C 260 47.09 -20.85 56.28
CA ASN C 260 47.31 -22.13 55.63
C ASN C 260 48.29 -22.02 54.46
N HIS C 261 48.58 -20.78 54.05
CA HIS C 261 49.50 -20.52 52.95
C HIS C 261 50.94 -20.49 53.43
N ILE C 262 51.14 -20.24 54.72
CA ILE C 262 52.49 -20.16 55.29
C ILE C 262 53.41 -21.30 54.90
N GLU C 263 52.97 -22.54 55.19
CA GLU C 263 53.77 -23.72 54.88
C GLU C 263 54.11 -23.85 53.39
N PRO C 264 53.09 -23.81 52.52
CA PRO C 264 53.33 -23.92 51.07
C PRO C 264 54.31 -22.89 50.51
N LEU C 265 54.32 -21.69 51.09
CA LEU C 265 55.22 -20.64 50.63
C LEU C 265 56.65 -20.92 51.10
N LYS C 266 56.75 -21.48 52.31
CA LYS C 266 58.03 -21.84 52.89
C LYS C 266 58.62 -22.81 51.88
N ILE C 267 57.71 -23.60 51.30
CA ILE C 267 58.02 -24.59 50.30
C ILE C 267 58.45 -23.95 48.98
N GLN C 268 57.70 -22.93 48.56
CA GLN C 268 57.97 -22.25 47.30
C GLN C 268 59.27 -21.42 47.34
N LEU C 269 59.53 -20.78 48.47
CA LEU C 269 60.73 -19.97 48.62
C LEU C 269 61.98 -20.80 48.31
N GLN C 270 61.83 -22.11 48.42
CA GLN C 270 62.93 -23.04 48.15
C GLN C 270 63.18 -23.08 46.64
N ARG C 271 62.11 -23.23 45.87
CA ARG C 271 62.19 -23.31 44.41
C ARG C 271 62.91 -22.13 43.79
N GLU C 272 63.75 -22.42 42.80
CA GLU C 272 64.51 -21.37 42.13
C GLU C 272 63.77 -21.03 40.85
N PRO C 273 63.67 -19.74 40.52
CA PRO C 273 62.99 -19.24 39.33
C PRO C 273 63.64 -19.62 38.00
N ARG C 274 62.81 -19.81 36.97
CA ARG C 274 63.26 -20.15 35.63
C ARG C 274 62.87 -18.95 34.76
N PRO C 275 63.81 -18.40 33.97
CA PRO C 275 63.53 -17.26 33.11
C PRO C 275 62.06 -17.08 32.69
N PHE C 276 61.58 -15.84 32.75
CA PHE C 276 60.20 -15.49 32.39
C PHE C 276 59.92 -15.75 30.92
N PRO C 277 58.63 -15.94 30.55
CA PRO C 277 58.28 -16.19 29.16
C PRO C 277 58.57 -14.93 28.34
N LYS C 278 57.80 -14.73 27.29
CA LYS C 278 57.93 -13.57 26.45
C LYS C 278 56.52 -13.47 25.88
N LEU C 279 56.02 -12.25 25.67
CA LEU C 279 54.67 -12.16 25.16
C LEU C 279 54.69 -11.81 23.68
N ARG C 280 53.96 -12.60 22.90
CA ARG C 280 53.89 -12.38 21.46
C ARG C 280 52.49 -12.02 20.98
N ILE C 281 52.41 -10.92 20.25
CA ILE C 281 51.16 -10.45 19.68
C ILE C 281 51.12 -10.92 18.23
N LEU C 282 50.04 -11.63 17.89
CA LEU C 282 49.90 -12.18 16.56
C LEU C 282 49.65 -11.12 15.49
N ARG C 283 48.43 -10.60 15.39
CA ARG C 283 48.16 -9.58 14.37
C ARG C 283 48.60 -8.18 14.78
N LYS C 284 48.20 -7.21 13.97
CA LYS C 284 48.48 -5.82 14.25
C LYS C 284 47.15 -5.20 14.61
N VAL C 285 46.90 -5.04 15.91
CA VAL C 285 45.65 -4.46 16.38
C VAL C 285 45.88 -2.96 16.59
N GLU C 286 44.81 -2.19 16.45
CA GLU C 286 44.93 -0.74 16.63
C GLU C 286 43.79 -0.11 17.43
N LYS C 287 43.05 -0.94 18.13
CA LYS C 287 41.96 -0.49 18.97
C LYS C 287 41.76 -1.52 20.07
N ILE C 288 41.95 -1.08 21.31
CA ILE C 288 41.80 -1.92 22.50
C ILE C 288 40.56 -2.82 22.42
N ASP C 289 39.59 -2.40 21.64
CA ASP C 289 38.36 -3.17 21.49
C ASP C 289 38.48 -4.41 20.61
N ASP C 290 39.28 -4.37 19.54
CA ASP C 290 39.38 -5.57 18.69
C ASP C 290 40.48 -6.55 19.05
N PHE C 291 40.84 -6.59 20.32
CA PHE C 291 41.82 -7.56 20.75
C PHE C 291 40.98 -8.76 21.08
N LYS C 292 41.46 -9.94 20.67
CA LYS C 292 40.75 -11.18 20.94
C LYS C 292 41.72 -12.16 21.62
N ALA C 293 41.18 -13.06 22.45
CA ALA C 293 41.98 -14.03 23.19
C ALA C 293 43.10 -14.67 22.38
N GLU C 294 42.77 -15.00 21.13
CA GLU C 294 43.69 -15.64 20.21
C GLU C 294 44.72 -14.73 19.52
N ASP C 295 45.06 -13.60 20.14
CA ASP C 295 46.03 -12.69 19.56
C ASP C 295 47.31 -12.69 20.38
N PHE C 296 47.30 -13.41 21.50
CA PHE C 296 48.47 -13.45 22.36
C PHE C 296 49.02 -14.85 22.50
N GLN C 297 50.34 -14.95 22.46
CA GLN C 297 51.00 -16.25 22.58
C GLN C 297 52.10 -16.18 23.63
N ILE C 298 52.03 -17.10 24.59
CA ILE C 298 53.02 -17.19 25.67
C ILE C 298 54.09 -18.19 25.25
N GLU C 299 55.15 -17.68 24.63
CA GLU C 299 56.23 -18.55 24.15
C GLU C 299 57.35 -18.80 25.15
N GLY C 300 57.30 -19.96 25.81
CA GLY C 300 58.34 -20.33 26.75
C GLY C 300 58.03 -20.26 28.22
N TYR C 301 56.84 -20.70 28.61
CA TYR C 301 56.47 -20.67 30.02
C TYR C 301 56.65 -22.03 30.67
N ASN C 302 57.75 -22.19 31.40
CA ASN C 302 58.07 -23.45 32.06
C ASN C 302 58.16 -23.28 33.59
N PRO C 303 57.02 -23.41 34.28
CA PRO C 303 56.91 -23.28 35.74
C PRO C 303 57.15 -24.56 36.51
N HIS C 304 57.20 -24.42 37.84
CA HIS C 304 57.38 -25.56 38.72
C HIS C 304 56.00 -26.07 39.08
N PRO C 305 55.83 -27.40 39.21
CA PRO C 305 54.51 -27.94 39.55
C PRO C 305 54.28 -28.09 41.06
N PRO D 26 -27.35 2.96 25.13
CA PRO D 26 -26.09 3.52 24.62
C PRO D 26 -26.33 4.09 23.22
N PRO D 27 -25.36 4.85 22.66
CA PRO D 27 -25.52 5.43 21.32
C PRO D 27 -25.89 4.34 20.32
N HIS D 28 -26.08 4.70 19.06
CA HIS D 28 -26.45 3.69 18.08
C HIS D 28 -25.26 2.93 17.52
N GLY D 29 -25.52 1.69 17.09
CA GLY D 29 -24.47 0.84 16.55
C GLY D 29 -23.87 1.20 15.22
N GLU D 30 -24.60 1.92 14.38
CA GLU D 30 -24.06 2.29 13.07
C GLU D 30 -23.20 3.53 13.16
N LEU D 31 -23.30 4.24 14.28
CA LEU D 31 -22.48 5.42 14.51
C LEU D 31 -21.05 4.92 14.65
N GLN D 32 -20.93 3.59 14.71
CA GLN D 32 -19.66 2.90 14.85
C GLN D 32 -18.95 2.86 13.49
N TYR D 33 -19.66 2.35 12.48
CA TYR D 33 -19.17 2.22 11.11
C TYR D 33 -18.95 3.60 10.49
N LEU D 34 -19.87 4.51 10.77
CA LEU D 34 -19.74 5.89 10.33
C LEU D 34 -18.74 6.29 11.41
N GLY D 35 -18.22 7.51 11.41
CA GLY D 35 -17.26 7.84 12.43
C GLY D 35 -15.93 7.22 12.02
N GLN D 36 -15.97 5.97 11.60
CA GLN D 36 -14.77 5.30 11.12
C GLN D 36 -14.56 5.90 9.73
N ILE D 37 -15.65 5.96 8.95
CA ILE D 37 -15.59 6.55 7.62
C ILE D 37 -15.23 8.00 7.81
N GLN D 38 -15.57 8.52 8.97
CA GLN D 38 -15.28 9.90 9.31
C GLN D 38 -13.78 10.05 9.59
N HIS D 39 -13.22 9.13 10.37
CA HIS D 39 -11.81 9.20 10.69
C HIS D 39 -11.00 9.24 9.40
N ILE D 40 -11.20 8.22 8.56
CA ILE D 40 -10.51 8.16 7.28
C ILE D 40 -10.58 9.53 6.59
N LEU D 41 -11.79 10.04 6.39
CA LEU D 41 -11.98 11.34 5.74
C LEU D 41 -11.09 12.41 6.36
N ARG D 42 -10.98 12.38 7.69
CA ARG D 42 -10.19 13.36 8.43
C ARG D 42 -8.70 13.04 8.55
N CYS D 43 -8.37 11.82 8.95
CA CYS D 43 -6.96 11.44 9.12
C CYS D 43 -6.28 10.61 8.03
N GLY D 44 -7.03 9.77 7.31
CA GLY D 44 -6.42 8.95 6.28
C GLY D 44 -5.60 9.71 5.26
N VAL D 45 -4.66 9.02 4.61
CA VAL D 45 -3.84 9.64 3.57
C VAL D 45 -4.10 8.93 2.25
N ARG D 46 -3.49 9.45 1.18
CA ARG D 46 -3.68 8.92 -0.16
C ARG D 46 -2.88 7.67 -0.48
N LYS D 47 -3.59 6.63 -0.91
CA LYS D 47 -2.96 5.38 -1.30
C LYS D 47 -3.63 4.87 -2.58
N ASP D 48 -2.80 4.46 -3.53
CA ASP D 48 -3.26 3.95 -4.81
C ASP D 48 -3.48 2.47 -4.72
N ASP D 49 -4.43 1.94 -5.50
CA ASP D 49 -4.71 0.51 -5.51
C ASP D 49 -3.99 -0.15 -6.66
N ARG D 50 -4.41 -1.36 -7.00
CA ARG D 50 -3.79 -2.16 -8.06
C ARG D 50 -3.86 -1.57 -9.47
N THR D 51 -4.89 -0.78 -9.71
CA THR D 51 -5.10 -0.14 -11.00
C THR D 51 -4.49 1.26 -11.08
N GLY D 52 -4.16 1.85 -9.94
CA GLY D 52 -3.62 3.19 -9.93
C GLY D 52 -4.66 4.17 -9.44
N THR D 53 -5.88 3.68 -9.22
CA THR D 53 -6.96 4.51 -8.73
C THR D 53 -6.68 4.96 -7.29
N GLY D 54 -7.05 6.20 -6.96
CA GLY D 54 -6.78 6.74 -5.62
C GLY D 54 -7.78 6.57 -4.50
N THR D 55 -7.27 6.40 -3.29
CA THR D 55 -8.15 6.18 -2.14
C THR D 55 -7.60 6.82 -0.87
N LEU D 56 -8.50 7.13 0.06
CA LEU D 56 -8.05 7.65 1.34
C LEU D 56 -7.95 6.37 2.17
N SER D 57 -6.82 6.18 2.83
CA SER D 57 -6.59 4.95 3.57
C SER D 57 -6.04 5.08 4.97
N VAL D 58 -6.50 4.18 5.83
CA VAL D 58 -6.05 4.09 7.20
C VAL D 58 -5.75 2.62 7.47
N PHE D 59 -4.66 2.37 8.21
CA PHE D 59 -4.26 1.01 8.55
C PHE D 59 -4.54 0.69 10.04
N GLY D 60 -5.40 -0.28 10.29
CA GLY D 60 -5.66 -0.61 11.67
C GLY D 60 -6.91 0.03 12.22
N MET D 61 -8.01 -0.71 12.11
CA MET D 61 -9.28 -0.24 12.61
C MET D 61 -10.08 -1.37 13.20
N GLN D 62 -10.84 -1.02 14.23
CA GLN D 62 -11.69 -1.98 14.92
C GLN D 62 -12.97 -1.30 15.36
N ALA D 63 -14.04 -2.08 15.41
CA ALA D 63 -15.34 -1.58 15.82
C ALA D 63 -16.15 -2.71 16.45
N ARG D 64 -16.91 -2.35 17.49
CA ARG D 64 -17.73 -3.32 18.21
C ARG D 64 -19.22 -3.22 17.81
N TYR D 65 -19.78 -4.34 17.36
CA TYR D 65 -21.16 -4.38 16.94
C TYR D 65 -21.98 -5.44 17.66
N SER D 66 -22.84 -5.02 18.58
CA SER D 66 -23.68 -5.95 19.33
C SER D 66 -24.77 -6.57 18.46
N LEU D 67 -25.18 -7.78 18.82
CA LEU D 67 -26.22 -8.49 18.10
C LEU D 67 -27.40 -8.74 19.05
N ARG D 68 -27.22 -8.34 20.30
CA ARG D 68 -28.26 -8.51 21.32
C ARG D 68 -29.38 -7.49 21.18
N ASP D 69 -30.57 -7.99 20.80
CA ASP D 69 -31.76 -7.16 20.62
C ASP D 69 -31.87 -6.59 19.22
N GLU D 70 -30.99 -7.05 18.32
CA GLU D 70 -31.00 -6.58 16.94
C GLU D 70 -29.98 -7.29 16.07
N PHE D 71 -29.88 -6.83 14.83
CA PHE D 71 -28.94 -7.36 13.85
C PHE D 71 -28.39 -6.23 13.00
N PRO D 72 -27.07 -6.01 13.04
CA PRO D 72 -26.45 -4.94 12.26
C PRO D 72 -26.59 -5.11 10.74
N LEU D 73 -27.28 -4.17 10.12
CA LEU D 73 -27.48 -4.17 8.68
C LEU D 73 -27.61 -2.71 8.32
N LEU D 74 -26.50 -2.13 7.87
CA LEU D 74 -26.45 -0.73 7.50
C LEU D 74 -27.78 -0.13 7.08
N THR D 75 -28.07 1.03 7.66
CA THR D 75 -29.30 1.71 7.38
C THR D 75 -29.04 3.00 6.61
N THR D 76 -27.81 3.52 6.67
CA THR D 76 -27.49 4.75 5.96
C THR D 76 -27.24 4.46 4.47
N LYS D 77 -27.56 3.23 4.07
CA LYS D 77 -27.44 2.79 2.67
C LYS D 77 -27.84 1.33 2.63
N ARG D 78 -28.53 0.93 1.57
CA ARG D 78 -28.97 -0.45 1.49
C ARG D 78 -27.83 -1.42 1.27
N VAL D 79 -28.02 -2.62 1.81
CA VAL D 79 -27.05 -3.70 1.70
C VAL D 79 -27.75 -4.78 0.90
N PHE D 80 -27.09 -5.27 -0.16
CA PHE D 80 -27.65 -6.34 -0.99
C PHE D 80 -27.72 -7.65 -0.20
N TRP D 81 -28.60 -7.68 0.79
CA TRP D 81 -28.80 -8.82 1.68
C TRP D 81 -29.07 -10.17 1.04
N LYS D 82 -29.81 -10.18 -0.07
CA LYS D 82 -30.06 -11.42 -0.77
C LYS D 82 -28.69 -12.07 -1.03
N GLY D 83 -27.70 -11.22 -1.32
CA GLY D 83 -26.36 -11.68 -1.56
C GLY D 83 -25.71 -12.18 -0.28
N VAL D 84 -25.62 -11.30 0.71
CA VAL D 84 -25.04 -11.65 2.00
C VAL D 84 -25.48 -13.04 2.41
N LEU D 85 -26.80 -13.25 2.42
CA LEU D 85 -27.39 -14.52 2.80
C LEU D 85 -27.03 -15.63 1.81
N GLU D 86 -27.28 -15.40 0.51
CA GLU D 86 -27.00 -16.41 -0.50
C GLU D 86 -25.51 -16.78 -0.61
N GLU D 87 -24.64 -15.92 -0.09
CA GLU D 87 -23.21 -16.20 -0.16
C GLU D 87 -22.73 -17.02 1.03
N LEU D 88 -23.00 -16.53 2.23
CA LEU D 88 -22.57 -17.24 3.45
C LEU D 88 -23.05 -18.68 3.35
N LEU D 89 -24.17 -18.84 2.66
CA LEU D 89 -24.85 -20.11 2.42
C LEU D 89 -24.32 -20.78 1.15
N TRP D 90 -23.37 -20.12 0.51
CA TRP D 90 -22.76 -20.62 -0.70
C TRP D 90 -21.40 -21.15 -0.32
N PHE D 91 -20.79 -20.49 0.67
CA PHE D 91 -19.47 -20.90 1.19
C PHE D 91 -19.75 -22.20 1.93
N ILE D 92 -20.72 -22.12 2.84
CA ILE D 92 -21.16 -23.24 3.66
C ILE D 92 -21.24 -24.54 2.86
N LYS D 93 -21.97 -24.51 1.76
CA LYS D 93 -22.12 -25.67 0.90
C LYS D 93 -20.72 -26.12 0.48
N GLY D 94 -19.74 -25.26 0.75
CA GLY D 94 -18.35 -25.55 0.40
C GLY D 94 -18.16 -25.30 -1.07
N SER D 95 -19.06 -24.49 -1.63
CA SER D 95 -19.05 -24.17 -3.05
C SER D 95 -17.91 -23.29 -3.52
N THR D 96 -17.37 -23.67 -4.67
CA THR D 96 -16.31 -22.94 -5.31
C THR D 96 -16.68 -22.88 -6.78
N ASN D 97 -17.93 -22.48 -7.04
CA ASN D 97 -18.42 -22.38 -8.39
C ASN D 97 -19.29 -21.15 -8.60
N ALA D 98 -18.97 -20.38 -9.65
CA ALA D 98 -19.70 -19.17 -9.98
C ALA D 98 -21.12 -19.53 -10.42
N LYS D 99 -21.20 -20.20 -11.57
CA LYS D 99 -22.48 -20.63 -12.12
C LYS D 99 -23.45 -21.05 -11.01
N GLU D 100 -23.00 -21.92 -10.11
CA GLU D 100 -23.85 -22.40 -9.02
C GLU D 100 -24.41 -21.28 -8.15
N LEU D 101 -23.75 -20.13 -8.14
CA LEU D 101 -24.26 -19.02 -7.35
C LEU D 101 -25.00 -18.02 -8.25
N SER D 102 -24.58 -17.93 -9.50
CA SER D 102 -25.22 -17.02 -10.47
C SER D 102 -26.46 -17.68 -11.08
N SER D 103 -26.88 -18.79 -10.47
CA SER D 103 -28.07 -19.52 -10.88
C SER D 103 -29.06 -19.09 -9.83
N LYS D 104 -28.51 -18.58 -8.72
CA LYS D 104 -29.29 -18.08 -7.60
C LYS D 104 -29.33 -16.57 -7.79
N GLY D 105 -30.04 -15.86 -6.92
CA GLY D 105 -30.18 -14.42 -7.02
C GLY D 105 -28.93 -13.55 -7.06
N VAL D 106 -27.78 -14.10 -6.66
CA VAL D 106 -26.55 -13.32 -6.64
C VAL D 106 -25.60 -13.64 -7.80
N LYS D 107 -24.91 -12.60 -8.30
CA LYS D 107 -24.00 -12.77 -9.43
C LYS D 107 -22.65 -12.07 -9.21
N ILE D 108 -22.30 -11.87 -7.95
CA ILE D 108 -21.06 -11.21 -7.56
C ILE D 108 -19.77 -11.79 -8.14
N TRP D 109 -19.60 -13.09 -7.98
CA TRP D 109 -18.40 -13.78 -8.44
C TRP D 109 -18.31 -14.08 -9.93
N ASP D 110 -19.46 -14.13 -10.60
CA ASP D 110 -19.51 -14.44 -12.03
C ASP D 110 -18.34 -13.88 -12.85
N ALA D 111 -17.95 -12.65 -12.52
CA ALA D 111 -16.87 -11.98 -13.23
C ALA D 111 -15.54 -12.71 -13.08
N ASN D 112 -15.22 -13.10 -11.85
CA ASN D 112 -13.99 -13.82 -11.56
C ASN D 112 -14.00 -15.21 -12.19
N GLY D 113 -15.20 -15.72 -12.43
CA GLY D 113 -15.34 -17.03 -13.05
C GLY D 113 -15.46 -16.90 -14.55
N SER D 114 -15.47 -15.68 -15.06
CA SER D 114 -15.58 -15.47 -16.49
C SER D 114 -14.48 -16.21 -17.24
N ARG D 115 -14.80 -16.70 -18.42
CA ARG D 115 -13.88 -17.44 -19.27
C ARG D 115 -12.57 -16.72 -19.59
N ASP D 116 -12.66 -15.41 -19.87
CA ASP D 116 -11.49 -14.62 -20.22
C ASP D 116 -10.67 -14.12 -19.02
N PHE D 117 -11.25 -14.21 -17.82
CA PHE D 117 -10.55 -13.78 -16.61
C PHE D 117 -9.59 -14.89 -16.20
N LEU D 118 -9.94 -16.10 -16.58
CA LEU D 118 -9.14 -17.28 -16.29
C LEU D 118 -7.98 -17.37 -17.27
N ASP D 119 -8.30 -17.37 -18.56
CA ASP D 119 -7.28 -17.46 -19.60
C ASP D 119 -6.08 -16.57 -19.26
N SER D 120 -6.35 -15.27 -19.11
CA SER D 120 -5.31 -14.29 -18.79
C SER D 120 -4.64 -14.51 -17.44
N LEU D 121 -5.24 -15.34 -16.59
CA LEU D 121 -4.68 -15.59 -15.28
C LEU D 121 -3.89 -16.89 -15.23
N GLY D 122 -3.78 -17.57 -16.38
CA GLY D 122 -3.05 -18.81 -16.46
C GLY D 122 -3.85 -20.10 -16.42
N PHE D 123 -5.02 -20.07 -15.78
CA PHE D 123 -5.89 -21.24 -15.65
C PHE D 123 -6.69 -21.56 -16.92
N SER D 124 -6.00 -21.63 -18.05
CA SER D 124 -6.64 -21.92 -19.34
C SER D 124 -7.62 -23.09 -19.30
N THR D 125 -7.30 -24.10 -18.51
CA THR D 125 -8.15 -25.29 -18.37
C THR D 125 -9.52 -24.98 -17.75
N ARG D 126 -9.58 -24.94 -16.42
CA ARG D 126 -10.80 -24.65 -15.67
C ARG D 126 -12.01 -24.25 -16.50
N GLU D 127 -13.14 -24.92 -16.27
CA GLU D 127 -14.37 -24.61 -17.00
C GLU D 127 -14.86 -23.27 -16.49
N GLU D 128 -15.87 -22.70 -17.14
CA GLU D 128 -16.40 -21.41 -16.69
C GLU D 128 -17.02 -21.53 -15.31
N GLY D 129 -16.63 -20.62 -14.41
CA GLY D 129 -17.17 -20.62 -13.07
C GLY D 129 -16.30 -21.25 -12.00
N ASP D 130 -15.08 -21.66 -12.35
CA ASP D 130 -14.17 -22.28 -11.39
C ASP D 130 -13.34 -21.26 -10.63
N LEU D 131 -13.90 -20.75 -9.53
CA LEU D 131 -13.25 -19.76 -8.69
C LEU D 131 -12.09 -20.33 -7.89
N GLY D 132 -11.58 -21.49 -8.29
CA GLY D 132 -10.47 -22.09 -7.57
C GLY D 132 -10.74 -22.34 -6.10
N PRO D 133 -9.69 -22.66 -5.32
CA PRO D 133 -9.80 -22.93 -3.89
C PRO D 133 -10.10 -21.75 -2.96
N VAL D 134 -11.17 -21.01 -3.23
CA VAL D 134 -11.48 -19.86 -2.38
C VAL D 134 -12.16 -20.18 -1.05
N TYR D 135 -12.85 -19.18 -0.49
CA TYR D 135 -13.53 -19.28 0.80
C TYR D 135 -14.24 -20.59 1.15
N GLY D 136 -15.06 -21.11 0.24
CA GLY D 136 -15.73 -22.37 0.54
C GLY D 136 -14.70 -23.40 0.90
N PHE D 137 -13.96 -23.81 -0.12
CA PHE D 137 -12.90 -24.80 0.00
C PHE D 137 -12.08 -24.68 1.29
N GLN D 138 -11.68 -23.48 1.67
CA GLN D 138 -10.88 -23.31 2.88
C GLN D 138 -11.70 -23.44 4.15
N TRP D 139 -13.01 -23.62 4.00
CA TRP D 139 -13.86 -23.73 5.17
C TRP D 139 -14.06 -25.17 5.68
N ARG D 140 -14.15 -26.13 4.77
CA ARG D 140 -14.37 -27.52 5.15
C ARG D 140 -13.28 -28.47 4.67
N HIS D 141 -12.26 -27.94 4.00
CA HIS D 141 -11.18 -28.78 3.48
C HIS D 141 -9.82 -28.09 3.42
N PHE D 142 -9.59 -27.13 4.31
CA PHE D 142 -8.34 -26.39 4.34
C PHE D 142 -7.16 -27.26 3.91
N GLY D 143 -6.51 -26.88 2.82
CA GLY D 143 -5.38 -27.66 2.34
C GLY D 143 -5.80 -29.09 2.06
N ALA D 144 -6.42 -29.28 0.91
CA ALA D 144 -6.88 -30.61 0.49
C ALA D 144 -6.53 -30.83 -0.98
N GLU D 145 -5.32 -30.43 -1.37
CA GLU D 145 -4.85 -30.57 -2.74
C GLU D 145 -5.99 -30.38 -3.73
N TYR D 146 -6.32 -29.13 -4.03
CA TYR D 146 -7.41 -28.80 -4.94
C TYR D 146 -7.39 -29.60 -6.25
N ARG D 147 -8.58 -29.85 -6.76
CA ARG D 147 -8.76 -30.55 -8.02
C ARG D 147 -9.53 -29.54 -8.87
N ASP D 148 -10.86 -29.58 -8.82
CA ASP D 148 -11.69 -28.64 -9.57
C ASP D 148 -12.98 -28.33 -8.82
N MET D 149 -13.66 -27.25 -9.20
CA MET D 149 -14.89 -26.80 -8.56
C MET D 149 -15.88 -27.94 -8.31
N GLU D 150 -16.10 -28.77 -9.33
CA GLU D 150 -17.02 -29.89 -9.23
C GLU D 150 -16.32 -31.23 -8.99
N SER D 151 -15.99 -31.48 -7.73
CA SER D 151 -15.34 -32.72 -7.32
C SER D 151 -15.61 -32.86 -5.83
N ASP D 152 -15.70 -34.11 -5.35
CA ASP D 152 -15.96 -34.35 -3.94
C ASP D 152 -14.66 -34.27 -3.14
N TYR D 153 -14.64 -33.36 -2.16
CA TYR D 153 -13.46 -33.19 -1.33
C TYR D 153 -13.70 -33.74 0.07
N SER D 154 -14.87 -34.35 0.26
CA SER D 154 -15.25 -34.94 1.55
C SER D 154 -14.13 -35.81 2.11
N GLY D 155 -13.96 -35.76 3.42
CA GLY D 155 -12.92 -36.56 4.05
C GLY D 155 -11.57 -35.87 3.96
N GLN D 156 -11.26 -35.34 2.76
CA GLN D 156 -9.99 -34.64 2.50
C GLN D 156 -9.95 -33.29 3.21
N GLY D 157 -8.73 -32.84 3.56
CA GLY D 157 -8.56 -31.57 4.24
C GLY D 157 -9.41 -31.37 5.48
N VAL D 158 -9.02 -30.40 6.31
CA VAL D 158 -9.74 -30.11 7.55
C VAL D 158 -11.03 -29.29 7.35
N ASP D 159 -12.09 -29.70 8.04
CA ASP D 159 -13.38 -29.01 7.99
C ASP D 159 -13.41 -28.13 9.23
N GLN D 160 -12.69 -27.02 9.17
CA GLN D 160 -12.62 -26.11 10.29
C GLN D 160 -13.99 -25.52 10.63
N LEU D 161 -14.89 -25.52 9.66
CA LEU D 161 -16.24 -24.99 9.90
C LEU D 161 -16.88 -25.79 11.03
N GLN D 162 -16.80 -27.11 10.91
CA GLN D 162 -17.36 -28.00 11.92
C GLN D 162 -16.55 -27.95 13.19
N LYS D 163 -15.26 -28.23 13.06
CA LYS D 163 -14.33 -28.23 14.18
C LYS D 163 -14.66 -27.10 15.15
N VAL D 164 -15.22 -26.01 14.64
CA VAL D 164 -15.54 -24.85 15.45
C VAL D 164 -16.84 -24.99 16.25
N ILE D 165 -17.87 -25.58 15.64
CA ILE D 165 -19.14 -25.74 16.34
C ILE D 165 -18.93 -26.68 17.53
N ASP D 166 -18.34 -27.83 17.24
CA ASP D 166 -18.04 -28.85 18.25
C ASP D 166 -17.31 -28.22 19.43
N THR D 167 -16.19 -27.56 19.13
CA THR D 167 -15.36 -26.92 20.13
C THR D 167 -16.11 -25.88 20.99
N ILE D 168 -17.15 -25.25 20.43
CA ILE D 168 -17.90 -24.26 21.20
C ILE D 168 -18.78 -24.96 22.24
N LYS D 169 -19.57 -25.94 21.79
CA LYS D 169 -20.45 -26.70 22.67
C LYS D 169 -19.62 -27.42 23.73
N THR D 170 -18.67 -28.23 23.25
CA THR D 170 -17.80 -28.99 24.14
C THR D 170 -16.88 -28.08 24.95
N ASN D 171 -16.06 -27.28 24.27
CA ASN D 171 -15.12 -26.38 24.95
C ASN D 171 -15.54 -24.91 24.76
N PRO D 172 -16.57 -24.46 25.50
CA PRO D 172 -17.10 -23.09 25.44
C PRO D 172 -16.21 -21.94 25.93
N ASP D 173 -14.91 -22.14 25.93
CA ASP D 173 -14.00 -21.09 26.38
C ASP D 173 -12.59 -21.31 25.84
N ASP D 174 -12.49 -22.24 24.90
CA ASP D 174 -11.25 -22.59 24.21
C ASP D 174 -10.87 -21.36 23.37
N ARG D 175 -9.65 -20.86 23.51
CA ARG D 175 -9.25 -19.69 22.73
C ARG D 175 -8.47 -20.05 21.47
N ARG D 176 -8.85 -21.17 20.87
CA ARG D 176 -8.27 -21.68 19.64
C ARG D 176 -9.42 -21.78 18.64
N ILE D 177 -10.49 -21.02 18.90
CA ILE D 177 -11.65 -21.01 18.02
C ILE D 177 -11.25 -20.23 16.77
N ILE D 178 -10.87 -20.94 15.72
CA ILE D 178 -10.44 -20.27 14.50
C ILE D 178 -10.71 -20.90 13.15
N MET D 179 -11.18 -20.03 12.26
CA MET D 179 -11.48 -20.35 10.87
C MET D 179 -10.51 -19.45 10.08
N CYS D 180 -9.62 -20.04 9.28
CA CYS D 180 -8.67 -19.24 8.52
C CYS D 180 -8.78 -19.54 7.01
N ALA D 181 -9.16 -18.53 6.24
CA ALA D 181 -9.32 -18.66 4.80
C ALA D 181 -8.00 -18.41 4.07
N TRP D 182 -7.06 -17.78 4.76
CA TRP D 182 -5.76 -17.51 4.16
C TRP D 182 -4.96 -18.82 4.02
N ASN D 183 -4.48 -19.09 2.81
CA ASN D 183 -3.72 -20.32 2.59
C ASN D 183 -2.55 -20.13 1.64
N PRO D 184 -1.40 -19.70 2.17
CA PRO D 184 -0.18 -19.46 1.40
C PRO D 184 0.14 -20.45 0.28
N ARG D 185 -0.30 -21.70 0.42
CA ARG D 185 -0.01 -22.68 -0.62
C ARG D 185 -1.08 -22.65 -1.71
N ASP D 186 -2.28 -22.22 -1.33
CA ASP D 186 -3.42 -22.16 -2.25
C ASP D 186 -3.57 -20.87 -3.07
N LEU D 187 -3.17 -19.74 -2.48
CA LEU D 187 -3.28 -18.43 -3.12
C LEU D 187 -3.07 -18.39 -4.64
N PRO D 188 -1.87 -18.75 -5.11
CA PRO D 188 -1.57 -18.75 -6.55
C PRO D 188 -2.59 -19.45 -7.45
N LEU D 189 -3.64 -20.00 -6.85
CA LEU D 189 -4.66 -20.70 -7.63
C LEU D 189 -6.07 -20.16 -7.45
N MET D 190 -6.19 -19.07 -6.70
CA MET D 190 -7.49 -18.47 -6.46
C MET D 190 -7.76 -17.34 -7.44
N ALA D 191 -8.98 -17.27 -7.94
CA ALA D 191 -9.33 -16.23 -8.90
C ALA D 191 -9.50 -14.92 -8.13
N LEU D 192 -9.02 -14.91 -6.88
CA LEU D 192 -9.10 -13.75 -6.01
C LEU D 192 -8.61 -14.08 -4.59
N PRO D 193 -7.46 -13.52 -4.19
CA PRO D 193 -6.90 -13.76 -2.87
C PRO D 193 -7.91 -13.48 -1.74
N PRO D 194 -8.27 -14.51 -0.96
CA PRO D 194 -9.23 -14.39 0.14
C PRO D 194 -9.05 -13.09 0.88
N CYS D 195 -10.15 -12.56 1.39
CA CYS D 195 -10.04 -11.37 2.17
C CYS D 195 -11.02 -11.28 3.35
N HIS D 196 -10.94 -12.32 4.16
CA HIS D 196 -11.59 -12.46 5.46
C HIS D 196 -10.51 -13.45 5.84
N ALA D 197 -9.43 -12.94 6.39
CA ALA D 197 -8.30 -13.80 6.74
C ALA D 197 -8.74 -14.92 7.68
N LEU D 198 -9.16 -14.51 8.87
CA LEU D 198 -9.62 -15.44 9.87
C LEU D 198 -10.63 -14.78 10.81
N CYS D 199 -11.30 -15.60 11.61
CA CYS D 199 -12.26 -15.12 12.59
C CYS D 199 -12.12 -16.04 13.80
N GLN D 200 -12.10 -15.45 14.98
CA GLN D 200 -11.94 -16.18 16.23
C GLN D 200 -13.20 -15.99 17.10
N PHE D 201 -13.76 -17.09 17.58
CA PHE D 201 -14.97 -17.03 18.42
C PHE D 201 -14.68 -17.19 19.90
N TYR D 202 -15.34 -16.37 20.70
CA TYR D 202 -15.18 -16.35 22.14
C TYR D 202 -16.57 -16.49 22.79
N VAL D 203 -16.62 -16.83 24.08
CA VAL D 203 -17.91 -16.99 24.78
C VAL D 203 -17.78 -16.68 26.27
N VAL D 204 -18.62 -15.80 26.78
CA VAL D 204 -18.63 -15.46 28.21
C VAL D 204 -20.10 -15.22 28.61
N ASN D 205 -20.53 -15.83 29.72
CA ASN D 205 -21.92 -15.70 30.16
C ASN D 205 -22.88 -16.16 29.06
N SER D 206 -22.47 -17.21 28.34
CA SER D 206 -23.25 -17.79 27.25
C SER D 206 -23.45 -16.82 26.07
N GLU D 207 -22.41 -16.01 25.80
CA GLU D 207 -22.45 -15.01 24.73
C GLU D 207 -21.46 -15.25 23.58
N LEU D 208 -21.88 -15.99 22.57
CA LEU D 208 -21.03 -16.25 21.41
C LEU D 208 -20.67 -14.95 20.71
N SER D 209 -19.47 -14.44 21.00
CA SER D 209 -18.98 -13.21 20.40
C SER D 209 -18.17 -13.57 19.15
N CYS D 210 -17.81 -12.56 18.36
CA CYS D 210 -17.04 -12.82 17.15
C CYS D 210 -16.24 -11.63 16.63
N GLN D 211 -15.01 -11.91 16.24
CA GLN D 211 -14.13 -10.89 15.69
C GLN D 211 -13.64 -11.38 14.35
N LEU D 212 -13.58 -10.45 13.41
CA LEU D 212 -13.12 -10.76 12.07
C LEU D 212 -11.82 -9.98 11.75
N TYR D 213 -11.04 -10.55 10.83
CA TYR D 213 -9.85 -9.86 10.40
C TYR D 213 -9.97 -9.76 8.90
N GLN D 214 -10.18 -8.53 8.45
CA GLN D 214 -10.29 -8.24 7.02
C GLN D 214 -9.03 -7.49 6.62
N ARG D 215 -8.26 -8.06 5.68
CA ARG D 215 -7.00 -7.42 5.27
C ARG D 215 -7.22 -6.02 4.70
N SER D 216 -8.25 -5.89 3.86
CA SER D 216 -8.59 -4.61 3.27
C SER D 216 -10.11 -4.52 3.06
N GLY D 217 -10.66 -3.34 3.25
CA GLY D 217 -12.08 -3.18 3.05
C GLY D 217 -12.47 -1.83 2.54
N ASP D 218 -13.37 -1.81 1.56
CA ASP D 218 -13.89 -0.58 0.99
C ASP D 218 -14.93 -0.11 2.00
N MET D 219 -14.61 0.93 2.75
CA MET D 219 -15.51 1.42 3.76
C MET D 219 -16.92 1.79 3.34
N GLY D 220 -17.24 1.66 2.05
CA GLY D 220 -18.57 2.02 1.60
C GLY D 220 -19.04 1.33 0.34
N LEU D 221 -18.45 0.19 0.01
CA LEU D 221 -18.87 -0.56 -1.18
C LEU D 221 -18.93 -2.05 -0.89
N GLY D 222 -18.54 -2.41 0.33
CA GLY D 222 -18.56 -3.81 0.71
C GLY D 222 -18.36 -4.10 2.18
N VAL D 223 -17.60 -3.26 2.87
CA VAL D 223 -17.38 -3.43 4.30
C VAL D 223 -18.72 -3.74 4.98
N PRO D 224 -19.78 -3.00 4.61
CA PRO D 224 -21.10 -3.23 5.21
C PRO D 224 -21.67 -4.62 4.87
N PHE D 225 -21.44 -5.07 3.65
CA PHE D 225 -21.90 -6.38 3.20
C PHE D 225 -21.17 -7.47 4.02
N ASN D 226 -19.99 -7.10 4.51
CA ASN D 226 -19.17 -7.99 5.32
C ASN D 226 -19.71 -7.96 6.73
N ILE D 227 -19.74 -6.77 7.32
CA ILE D 227 -20.24 -6.63 8.69
C ILE D 227 -21.51 -7.45 8.84
N ALA D 228 -22.37 -7.36 7.82
CA ALA D 228 -23.65 -8.08 7.82
C ALA D 228 -23.47 -9.57 7.54
N SER D 229 -22.44 -9.93 6.78
CA SER D 229 -22.19 -11.33 6.45
C SER D 229 -21.54 -12.05 7.64
N TYR D 230 -20.92 -11.26 8.52
CA TYR D 230 -20.27 -11.82 9.70
C TYR D 230 -21.03 -11.54 10.99
N ALA D 231 -22.34 -11.73 10.92
CA ALA D 231 -23.23 -11.55 12.04
C ALA D 231 -24.28 -12.59 11.71
N LEU D 232 -24.30 -12.96 10.43
CA LEU D 232 -25.22 -13.97 9.93
C LEU D 232 -24.62 -15.30 10.38
N LEU D 233 -23.29 -15.35 10.38
CA LEU D 233 -22.58 -16.54 10.77
C LEU D 233 -22.54 -16.67 12.30
N THR D 234 -22.69 -15.53 12.98
CA THR D 234 -22.70 -15.54 14.44
C THR D 234 -24.07 -16.03 14.92
N TYR D 235 -25.08 -15.91 14.06
CA TYR D 235 -26.43 -16.37 14.37
C TYR D 235 -26.54 -17.84 14.00
N MET D 236 -26.12 -18.18 12.79
CA MET D 236 -26.17 -19.56 12.34
C MET D 236 -25.28 -20.44 13.23
N ILE D 237 -24.78 -19.84 14.31
CA ILE D 237 -23.95 -20.57 15.25
C ILE D 237 -24.46 -20.42 16.68
N ALA D 238 -24.97 -19.24 17.05
CA ALA D 238 -25.50 -19.06 18.40
C ALA D 238 -26.81 -19.85 18.50
N HIS D 239 -27.33 -20.18 17.32
CA HIS D 239 -28.54 -20.97 17.16
C HIS D 239 -28.07 -22.25 16.48
N ILE D 240 -27.41 -23.10 17.27
CA ILE D 240 -26.89 -24.37 16.80
C ILE D 240 -25.89 -24.86 17.87
N THR D 241 -25.71 -24.00 18.87
CA THR D 241 -24.85 -24.26 20.02
C THR D 241 -25.70 -23.78 21.17
N GLY D 242 -26.85 -23.19 20.81
CA GLY D 242 -27.79 -22.69 21.78
C GLY D 242 -27.29 -21.53 22.60
N LEU D 243 -26.62 -20.60 21.95
CA LEU D 243 -26.10 -19.45 22.66
C LEU D 243 -26.69 -18.13 22.21
N LYS D 244 -26.62 -17.16 23.10
CA LYS D 244 -27.11 -15.81 22.87
C LYS D 244 -26.01 -14.96 22.21
N PRO D 245 -26.30 -14.38 21.03
CA PRO D 245 -25.34 -13.54 20.30
C PRO D 245 -24.88 -12.37 21.14
N GLY D 246 -23.57 -12.17 21.23
CA GLY D 246 -23.03 -11.09 22.04
C GLY D 246 -22.51 -9.91 21.24
N ASP D 247 -21.20 -9.87 21.00
CA ASP D 247 -20.60 -8.78 20.26
C ASP D 247 -19.93 -9.24 18.98
N PHE D 248 -19.75 -8.31 18.06
CA PHE D 248 -19.07 -8.57 16.79
C PHE D 248 -17.99 -7.51 16.61
N ILE D 249 -16.75 -7.98 16.58
CA ILE D 249 -15.61 -7.09 16.43
C ILE D 249 -15.15 -7.01 14.99
N HIS D 250 -15.07 -5.79 14.48
CA HIS D 250 -14.60 -5.62 13.11
C HIS D 250 -13.19 -5.06 13.12
N THR D 251 -12.23 -5.91 12.77
CA THR D 251 -10.83 -5.51 12.70
C THR D 251 -10.47 -5.44 11.24
N LEU D 252 -9.94 -4.29 10.84
CA LEU D 252 -9.57 -4.08 9.45
C LEU D 252 -8.12 -3.76 9.23
N GLY D 253 -7.57 -4.32 8.16
CA GLY D 253 -6.20 -4.05 7.80
C GLY D 253 -6.16 -2.71 7.11
N ASP D 254 -6.33 -2.71 5.78
CA ASP D 254 -6.34 -1.47 5.01
C ASP D 254 -7.77 -0.94 4.92
N ALA D 255 -8.03 0.12 5.68
CA ALA D 255 -9.33 0.76 5.72
C ALA D 255 -9.31 1.89 4.70
N HIS D 256 -10.03 1.72 3.60
CA HIS D 256 -10.05 2.72 2.53
C HIS D 256 -11.38 3.10 1.86
N ILE D 257 -11.36 4.27 1.25
CA ILE D 257 -12.49 4.81 0.49
C ILE D 257 -11.92 5.47 -0.79
N TYR D 258 -12.64 5.30 -1.89
CA TYR D 258 -12.20 5.87 -3.16
C TYR D 258 -12.24 7.40 -3.09
N LEU D 259 -11.18 8.05 -3.54
CA LEU D 259 -11.15 9.51 -3.54
C LEU D 259 -12.38 10.09 -4.21
N ASN D 260 -12.88 9.41 -5.23
CA ASN D 260 -14.04 9.85 -5.99
C ASN D 260 -15.35 9.66 -5.27
N HIS D 261 -15.42 8.67 -4.40
CA HIS D 261 -16.66 8.41 -3.69
C HIS D 261 -16.68 9.29 -2.45
N ILE D 262 -15.66 10.12 -2.30
CA ILE D 262 -15.62 10.97 -1.13
C ILE D 262 -16.89 11.77 -0.89
N GLU D 263 -17.24 12.63 -1.84
CA GLU D 263 -18.42 13.46 -1.69
C GLU D 263 -19.69 12.76 -1.22
N PRO D 264 -20.14 11.73 -1.96
CA PRO D 264 -21.36 11.00 -1.59
C PRO D 264 -21.32 10.44 -0.17
N LEU D 265 -20.12 10.21 0.33
CA LEU D 265 -19.99 9.71 1.68
C LEU D 265 -20.12 10.89 2.63
N LYS D 266 -19.53 12.04 2.28
CA LYS D 266 -19.64 13.22 3.12
C LYS D 266 -21.13 13.50 3.30
N ILE D 267 -21.93 12.95 2.38
CA ILE D 267 -23.38 13.12 2.42
C ILE D 267 -24.02 11.96 3.18
N GLN D 268 -23.51 10.75 3.01
CA GLN D 268 -24.06 9.59 3.70
C GLN D 268 -23.70 9.67 5.19
N LEU D 269 -22.99 10.72 5.56
CA LEU D 269 -22.54 10.92 6.94
C LEU D 269 -23.47 11.84 7.73
N GLN D 270 -24.32 12.56 7.01
CA GLN D 270 -25.27 13.46 7.63
C GLN D 270 -26.46 12.66 8.11
N ARG D 271 -26.65 11.49 7.53
CA ARG D 271 -27.78 10.64 7.86
C ARG D 271 -27.76 10.03 9.27
N GLU D 272 -28.94 10.01 9.89
CA GLU D 272 -29.10 9.46 11.23
C GLU D 272 -29.62 8.03 11.09
N PRO D 273 -28.82 7.04 11.49
CA PRO D 273 -29.19 5.63 11.41
C PRO D 273 -30.56 5.29 11.98
N ARG D 274 -31.14 4.21 11.46
CA ARG D 274 -32.45 3.75 11.88
C ARG D 274 -32.37 2.38 12.54
N PRO D 275 -33.43 1.96 13.25
CA PRO D 275 -33.45 0.65 13.93
C PRO D 275 -32.89 -0.52 13.14
N PHE D 276 -32.00 -1.28 13.79
CA PHE D 276 -31.41 -2.45 13.16
C PHE D 276 -32.44 -3.58 13.22
N PRO D 277 -32.95 -3.99 12.05
CA PRO D 277 -33.95 -5.06 11.93
C PRO D 277 -33.51 -6.38 12.53
N LYS D 278 -33.90 -6.67 13.76
CA LYS D 278 -33.50 -7.93 14.39
C LYS D 278 -33.75 -9.06 13.40
N LEU D 279 -32.82 -10.01 13.34
CA LEU D 279 -32.97 -11.14 12.43
C LEU D 279 -33.75 -12.20 13.15
N ARG D 280 -34.51 -13.00 12.40
CA ARG D 280 -35.28 -14.06 13.02
C ARG D 280 -35.13 -15.40 12.35
N ILE D 281 -34.65 -16.35 13.14
CA ILE D 281 -34.46 -17.72 12.69
C ILE D 281 -35.80 -18.39 12.97
N LEU D 282 -36.68 -18.36 11.98
CA LEU D 282 -38.03 -18.90 12.11
C LEU D 282 -38.17 -20.34 12.64
N ARG D 283 -37.80 -21.35 11.84
CA ARG D 283 -37.92 -22.73 12.29
C ARG D 283 -36.79 -23.08 13.27
N LYS D 284 -36.47 -24.36 13.36
CA LYS D 284 -35.40 -24.82 14.24
C LYS D 284 -34.42 -25.62 13.39
N VAL D 285 -33.13 -25.37 13.59
CA VAL D 285 -32.10 -26.03 12.78
C VAL D 285 -31.20 -27.08 13.43
N GLU D 286 -30.91 -28.11 12.65
CA GLU D 286 -30.04 -29.22 13.04
C GLU D 286 -28.59 -28.74 12.98
N LYS D 287 -27.86 -29.18 11.96
CA LYS D 287 -26.48 -28.76 11.77
C LYS D 287 -26.54 -27.44 11.00
N ILE D 288 -25.40 -26.92 10.60
CA ILE D 288 -25.39 -25.65 9.89
C ILE D 288 -25.62 -25.76 8.39
N ASP D 289 -25.21 -26.88 7.79
CA ASP D 289 -25.37 -27.07 6.35
C ASP D 289 -26.84 -27.28 5.99
N ASP D 290 -27.69 -27.24 7.00
CA ASP D 290 -29.13 -27.41 6.83
C ASP D 290 -29.78 -26.08 6.48
N PHE D 291 -29.40 -25.05 7.23
CA PHE D 291 -29.93 -23.70 7.03
C PHE D 291 -30.21 -23.35 5.58
N LYS D 292 -31.37 -22.76 5.34
CA LYS D 292 -31.78 -22.35 4.00
C LYS D 292 -32.24 -20.89 4.16
N ALA D 293 -32.22 -20.12 3.08
CA ALA D 293 -32.62 -18.73 3.17
C ALA D 293 -34.03 -18.61 3.76
N GLU D 294 -34.84 -19.62 3.49
CA GLU D 294 -36.22 -19.70 3.94
C GLU D 294 -36.37 -19.75 5.47
N ASP D 295 -35.42 -19.20 6.20
CA ASP D 295 -35.49 -19.26 7.66
C ASP D 295 -35.19 -17.97 8.40
N PHE D 296 -34.89 -16.90 7.65
CA PHE D 296 -34.60 -15.62 8.29
C PHE D 296 -35.29 -14.49 7.54
N GLN D 297 -35.35 -13.33 8.18
CA GLN D 297 -35.96 -12.14 7.57
C GLN D 297 -35.53 -10.91 8.36
N ILE D 298 -35.50 -9.76 7.68
CA ILE D 298 -35.12 -8.51 8.32
C ILE D 298 -36.38 -7.74 8.72
N GLU D 299 -36.64 -7.67 10.02
CA GLU D 299 -37.82 -6.97 10.53
C GLU D 299 -37.53 -5.53 10.98
N GLY D 300 -37.86 -4.57 10.12
CA GLY D 300 -37.63 -3.17 10.48
C GLY D 300 -36.53 -2.53 9.66
N TYR D 301 -36.09 -3.22 8.62
CA TYR D 301 -35.03 -2.68 7.78
C TYR D 301 -35.53 -1.41 7.13
N ASN D 302 -35.12 -0.28 7.70
CA ASN D 302 -35.50 1.04 7.20
C ASN D 302 -34.29 1.72 6.59
N PRO D 303 -33.90 1.33 5.37
CA PRO D 303 -32.73 1.96 4.74
C PRO D 303 -32.93 3.45 4.62
N HIS D 304 -32.20 4.05 3.70
CA HIS D 304 -32.31 5.47 3.45
C HIS D 304 -32.44 5.54 1.94
N PRO D 305 -32.76 6.74 1.40
CA PRO D 305 -32.89 6.82 -0.05
C PRO D 305 -31.51 6.58 -0.67
N THR D 306 -31.11 7.45 -1.60
CA THR D 306 -29.80 7.32 -2.24
C THR D 306 -29.42 8.60 -2.99
N PRO E 26 1.78 15.66 22.86
CA PRO E 26 2.49 14.36 22.90
C PRO E 26 1.87 13.39 23.92
N PRO E 27 0.78 12.69 23.54
CA PRO E 27 0.09 11.73 24.41
C PRO E 27 0.87 10.41 24.54
N HIS E 28 1.81 10.37 25.48
CA HIS E 28 2.65 9.18 25.71
C HIS E 28 2.05 7.85 25.27
N GLY E 29 2.67 7.25 24.26
CA GLY E 29 2.18 5.99 23.72
C GLY E 29 1.91 4.82 24.65
N GLU E 30 2.56 4.78 25.80
CA GLU E 30 2.36 3.67 26.72
C GLU E 30 1.01 3.67 27.40
N LEU E 31 0.40 4.85 27.51
CA LEU E 31 -0.90 4.99 28.15
C LEU E 31 -1.91 4.05 27.50
N GLN E 32 -1.85 3.95 26.17
CA GLN E 32 -2.76 3.07 25.43
C GLN E 32 -2.73 1.64 25.97
N TYR E 33 -1.70 1.33 26.74
CA TYR E 33 -1.56 0.00 27.32
C TYR E 33 -2.14 -0.02 28.72
N LEU E 34 -1.68 0.89 29.56
CA LEU E 34 -2.17 1.00 30.93
C LEU E 34 -3.64 1.34 30.89
N GLY E 35 -3.97 2.46 30.24
CA GLY E 35 -5.36 2.87 30.11
C GLY E 35 -6.17 1.74 29.51
N GLN E 36 -5.46 0.78 28.92
CA GLN E 36 -6.05 -0.40 28.28
C GLN E 36 -6.28 -1.51 29.29
N ILE E 37 -5.40 -1.59 30.29
CA ILE E 37 -5.53 -2.60 31.34
C ILE E 37 -6.55 -2.14 32.38
N GLN E 38 -6.51 -0.84 32.71
CA GLN E 38 -7.44 -0.26 33.67
C GLN E 38 -8.84 -0.29 33.09
N HIS E 39 -9.04 -1.17 32.11
CA HIS E 39 -10.33 -1.35 31.45
C HIS E 39 -10.64 -2.83 31.64
N ILE E 40 -9.66 -3.67 31.35
CA ILE E 40 -9.82 -5.11 31.48
C ILE E 40 -10.23 -5.46 32.90
N LEU E 41 -9.99 -4.53 33.82
CA LEU E 41 -10.32 -4.69 35.23
C LEU E 41 -11.65 -4.01 35.57
N ARG E 42 -11.62 -2.68 35.51
CA ARG E 42 -12.75 -1.83 35.83
C ARG E 42 -13.97 -1.91 34.91
N CYS E 43 -14.04 -2.96 34.10
CA CYS E 43 -15.15 -3.16 33.16
C CYS E 43 -15.04 -4.56 32.55
N GLY E 44 -14.07 -5.34 33.02
CA GLY E 44 -13.85 -6.67 32.49
C GLY E 44 -14.54 -7.77 33.27
N VAL E 45 -15.10 -8.72 32.53
CA VAL E 45 -15.81 -9.85 33.12
C VAL E 45 -14.86 -10.88 33.71
N ARG E 46 -15.20 -12.16 33.55
CA ARG E 46 -14.38 -13.25 34.05
C ARG E 46 -14.63 -14.56 33.30
N LYS E 47 -13.68 -14.99 32.47
CA LYS E 47 -13.84 -16.26 31.76
C LYS E 47 -13.14 -17.33 32.58
N ASP E 48 -12.99 -18.52 32.01
CA ASP E 48 -12.37 -19.63 32.71
C ASP E 48 -10.84 -19.60 32.67
N ASP E 49 -10.29 -20.59 31.97
CA ASP E 49 -8.87 -20.81 31.79
C ASP E 49 -8.88 -22.23 31.24
N ARG E 50 -7.84 -22.64 30.53
CA ARG E 50 -7.85 -23.99 30.00
C ARG E 50 -7.59 -25.03 31.09
N THR E 51 -7.46 -24.55 32.33
CA THR E 51 -7.24 -25.41 33.51
C THR E 51 -7.52 -24.63 34.79
N GLY E 52 -8.15 -23.47 34.65
CA GLY E 52 -8.48 -22.65 35.80
C GLY E 52 -7.35 -21.78 36.34
N THR E 53 -7.73 -20.59 36.82
CA THR E 53 -6.81 -19.61 37.42
C THR E 53 -7.38 -18.18 37.44
N GLY E 54 -8.69 -18.07 37.21
CA GLY E 54 -9.37 -16.78 37.22
C GLY E 54 -8.79 -15.68 36.36
N THR E 55 -9.57 -15.25 35.38
CA THR E 55 -9.15 -14.20 34.45
C THR E 55 -10.20 -13.10 34.27
N LEU E 56 -9.90 -12.14 33.41
CA LEU E 56 -10.80 -11.03 33.11
C LEU E 56 -10.85 -10.74 31.61
N SER E 57 -11.48 -11.65 30.87
CA SER E 57 -11.61 -11.53 29.41
C SER E 57 -12.32 -10.27 28.93
N VAL E 58 -11.88 -9.77 27.79
CA VAL E 58 -12.45 -8.58 27.16
C VAL E 58 -12.16 -8.74 25.66
N PHE E 59 -12.91 -9.64 25.04
CA PHE E 59 -12.78 -9.98 23.61
C PHE E 59 -12.89 -8.83 22.62
N GLY E 60 -11.80 -8.55 21.91
CA GLY E 60 -11.78 -7.48 20.95
C GLY E 60 -11.10 -6.23 21.49
N MET E 61 -9.83 -6.09 21.17
CA MET E 61 -9.06 -4.93 21.60
C MET E 61 -8.10 -4.52 20.48
N GLN E 62 -7.59 -3.30 20.54
CA GLN E 62 -6.67 -2.85 19.50
C GLN E 62 -5.88 -1.63 19.90
N ALA E 63 -4.56 -1.70 19.73
CA ALA E 63 -3.70 -0.61 20.09
C ALA E 63 -2.71 -0.23 18.98
N ARG E 64 -2.44 1.07 18.87
CA ARG E 64 -1.53 1.61 17.89
C ARG E 64 -0.32 2.18 18.60
N TYR E 65 0.85 1.62 18.31
CA TYR E 65 2.09 2.08 18.93
C TYR E 65 3.00 2.64 17.83
N SER E 66 3.25 3.94 17.92
CA SER E 66 4.09 4.68 16.97
C SER E 66 5.58 4.35 17.04
N LEU E 67 6.13 3.87 15.92
CA LEU E 67 7.53 3.49 15.84
C LEU E 67 8.38 4.61 15.23
N ARG E 68 7.81 5.81 15.18
CA ARG E 68 8.51 6.95 14.60
C ARG E 68 9.39 7.68 15.61
N ASP E 69 10.63 7.21 15.73
CA ASP E 69 11.64 7.78 16.63
C ASP E 69 11.60 7.21 18.04
N GLU E 70 11.28 5.93 18.14
CA GLU E 70 11.22 5.27 19.44
C GLU E 70 10.78 3.83 19.25
N PHE E 71 11.01 3.01 20.29
CA PHE E 71 10.63 1.62 20.24
C PHE E 71 9.67 1.35 21.40
N PRO E 72 8.63 0.55 21.17
CA PRO E 72 7.61 0.19 22.16
C PRO E 72 7.96 -0.83 23.25
N LEU E 73 8.95 -0.49 24.06
CA LEU E 73 9.36 -1.35 25.17
C LEU E 73 8.81 -0.62 26.37
N LEU E 74 8.06 -1.33 27.19
CA LEU E 74 7.43 -0.72 28.34
C LEU E 74 8.34 -0.24 29.46
N THR E 75 8.12 1.00 29.89
CA THR E 75 8.91 1.63 30.94
C THR E 75 8.38 1.51 32.39
N THR E 76 7.07 1.52 32.59
CA THR E 76 6.53 1.42 33.94
C THR E 76 6.90 0.07 34.58
N LYS E 77 6.91 -0.98 33.77
CA LYS E 77 7.25 -2.34 34.20
C LYS E 77 8.66 -2.64 33.65
N ARG E 78 8.90 -3.84 33.15
CA ARG E 78 10.21 -4.17 32.60
C ARG E 78 10.19 -5.44 31.76
N VAL E 79 10.40 -5.27 30.47
CA VAL E 79 10.39 -6.36 29.50
C VAL E 79 11.73 -7.06 29.34
N PHE E 80 11.67 -8.38 29.14
CA PHE E 80 12.86 -9.21 28.93
C PHE E 80 13.36 -9.05 27.49
N TRP E 81 14.21 -8.05 27.28
CA TRP E 81 14.78 -7.76 25.96
C TRP E 81 15.50 -8.93 25.29
N LYS E 82 16.57 -9.41 25.91
CA LYS E 82 17.34 -10.53 25.36
C LYS E 82 16.40 -11.62 24.84
N GLY E 83 15.21 -11.69 25.44
CA GLY E 83 14.22 -12.68 25.04
C GLY E 83 13.68 -12.41 23.66
N VAL E 84 13.14 -11.21 23.46
CA VAL E 84 12.58 -10.82 22.18
C VAL E 84 13.50 -11.20 21.03
N LEU E 85 14.72 -10.66 21.06
CA LEU E 85 15.75 -10.87 20.04
C LEU E 85 16.04 -12.31 19.65
N GLU E 86 16.70 -13.07 20.52
CA GLU E 86 17.05 -14.45 20.21
C GLU E 86 15.80 -15.24 19.82
N GLU E 87 14.67 -14.90 20.44
CA GLU E 87 13.40 -15.56 20.15
C GLU E 87 12.98 -15.24 18.71
N LEU E 88 12.97 -13.95 18.39
CA LEU E 88 12.60 -13.46 17.05
C LEU E 88 13.54 -14.03 15.98
N LEU E 89 14.85 -13.89 16.24
CA LEU E 89 15.90 -14.37 15.36
C LEU E 89 15.81 -15.88 15.24
N TRP E 90 15.25 -16.48 16.28
CA TRP E 90 15.05 -17.92 16.37
C TRP E 90 13.96 -18.37 15.37
N PHE E 91 12.85 -17.62 15.29
CA PHE E 91 11.78 -17.97 14.34
C PHE E 91 12.31 -17.77 12.92
N ILE E 92 13.06 -16.68 12.73
CA ILE E 92 13.60 -16.34 11.43
C ILE E 92 14.49 -17.42 10.83
N LYS E 93 15.20 -18.17 11.67
CA LYS E 93 16.05 -19.27 11.19
C LYS E 93 15.16 -20.37 10.61
N GLY E 94 14.02 -20.56 11.28
CA GLY E 94 13.06 -21.58 10.90
C GLY E 94 13.26 -22.71 11.88
N SER E 95 13.61 -22.33 13.11
CA SER E 95 13.91 -23.27 14.19
C SER E 95 12.76 -23.85 14.99
N THR E 96 12.60 -25.15 14.85
CA THR E 96 11.59 -25.92 15.53
C THR E 96 12.19 -26.68 16.73
N ASN E 97 13.20 -26.11 17.36
CA ASN E 97 13.88 -26.72 18.51
C ASN E 97 14.07 -25.71 19.64
N ALA E 98 13.60 -26.07 20.84
CA ALA E 98 13.69 -25.19 22.01
C ALA E 98 15.09 -25.02 22.57
N LYS E 99 15.86 -26.11 22.52
CA LYS E 99 17.22 -26.11 23.03
C LYS E 99 18.02 -24.99 22.37
N GLU E 100 17.67 -24.67 21.13
CA GLU E 100 18.34 -23.63 20.37
C GLU E 100 18.24 -22.27 21.05
N LEU E 101 17.03 -21.88 21.45
CA LEU E 101 16.83 -20.59 22.11
C LEU E 101 17.45 -20.55 23.51
N SER E 102 17.32 -21.65 24.25
CA SER E 102 17.90 -21.72 25.58
C SER E 102 19.39 -21.44 25.40
N SER E 103 19.98 -22.17 24.47
CA SER E 103 21.39 -22.04 24.11
C SER E 103 21.84 -20.57 24.11
N LYS E 104 21.12 -19.75 23.37
CA LYS E 104 21.46 -18.34 23.26
C LYS E 104 21.18 -17.63 24.58
N GLY E 105 20.84 -18.43 25.59
CA GLY E 105 20.58 -17.89 26.92
C GLY E 105 19.15 -17.53 27.28
N VAL E 106 18.17 -18.01 26.52
CA VAL E 106 16.77 -17.68 26.80
C VAL E 106 15.91 -18.91 27.09
N LYS E 107 15.18 -18.84 28.20
CA LYS E 107 14.33 -19.93 28.70
C LYS E 107 13.01 -20.29 27.99
N ILE E 108 11.92 -19.64 28.42
CA ILE E 108 10.54 -19.83 27.94
C ILE E 108 10.11 -21.06 27.12
N TRP E 109 10.77 -21.36 26.01
CA TRP E 109 10.35 -22.51 25.20
C TRP E 109 10.89 -23.86 25.64
N ASP E 110 11.79 -23.87 26.62
CA ASP E 110 12.37 -25.12 27.11
C ASP E 110 11.29 -25.95 27.80
N ALA E 111 10.43 -25.25 28.54
CA ALA E 111 9.35 -25.89 29.27
C ALA E 111 8.37 -26.67 28.38
N ASN E 112 8.37 -26.39 27.08
CA ASN E 112 7.46 -27.07 26.16
C ASN E 112 8.08 -28.23 25.41
N GLY E 113 9.37 -28.44 25.61
CA GLY E 113 10.05 -29.54 24.96
C GLY E 113 10.25 -30.65 25.96
N SER E 114 10.03 -30.31 27.23
CA SER E 114 10.18 -31.23 28.35
C SER E 114 9.56 -32.58 28.04
N ARG E 115 10.39 -33.62 28.11
CA ARG E 115 10.00 -34.99 27.84
C ARG E 115 8.52 -35.33 28.12
N ASP E 116 8.02 -34.90 29.27
CA ASP E 116 6.63 -35.17 29.67
C ASP E 116 5.61 -34.60 28.68
N PHE E 117 5.70 -33.30 28.46
CA PHE E 117 4.82 -32.57 27.55
C PHE E 117 4.54 -33.31 26.24
N LEU E 118 5.60 -33.62 25.51
CA LEU E 118 5.49 -34.33 24.23
C LEU E 118 4.65 -35.59 24.34
N ASP E 119 4.67 -36.19 25.53
CA ASP E 119 3.91 -37.41 25.81
C ASP E 119 2.44 -37.05 25.96
N SER E 120 2.19 -35.95 26.68
CA SER E 120 0.84 -35.46 26.92
C SER E 120 0.07 -35.36 25.62
N LEU E 121 0.77 -35.03 24.55
CA LEU E 121 0.16 -34.88 23.25
C LEU E 121 0.21 -36.13 22.38
N GLY E 122 0.32 -37.29 23.02
CA GLY E 122 0.35 -38.53 22.29
C GLY E 122 1.57 -38.71 21.41
N PHE E 123 2.36 -37.65 21.26
CA PHE E 123 3.56 -37.73 20.44
C PHE E 123 4.76 -37.83 21.37
N SER E 124 4.96 -39.03 21.90
CA SER E 124 6.04 -39.33 22.84
C SER E 124 7.32 -39.77 22.16
N THR E 125 7.35 -39.73 20.83
CA THR E 125 8.53 -40.12 20.08
C THR E 125 9.23 -38.84 19.64
N ARG E 126 9.38 -37.91 20.58
CA ARG E 126 10.01 -36.63 20.25
C ARG E 126 11.19 -36.15 21.08
N GLU E 127 12.19 -35.66 20.36
CA GLU E 127 13.42 -35.13 20.93
C GLU E 127 13.00 -33.98 21.81
N GLU E 128 13.39 -34.05 23.07
CA GLU E 128 13.07 -33.06 24.11
C GLU E 128 13.11 -31.56 23.70
N GLY E 129 13.21 -31.29 22.41
CA GLY E 129 13.25 -29.91 21.96
C GLY E 129 12.36 -29.68 20.74
N ASP E 130 12.03 -30.78 20.06
CA ASP E 130 11.19 -30.73 18.84
C ASP E 130 9.78 -30.19 19.12
N LEU E 131 9.60 -28.88 18.91
CA LEU E 131 8.33 -28.21 19.14
C LEU E 131 7.29 -28.41 18.05
N GLY E 132 7.69 -29.00 16.93
CA GLY E 132 6.72 -29.21 15.86
C GLY E 132 6.59 -28.00 14.97
N PRO E 133 5.70 -28.05 13.95
CA PRO E 133 5.45 -26.97 12.99
C PRO E 133 5.04 -25.64 13.60
N VAL E 134 5.86 -25.09 14.47
CA VAL E 134 5.54 -23.81 15.08
C VAL E 134 6.20 -22.67 14.29
N TYR E 135 5.80 -21.44 14.62
CA TYR E 135 6.28 -20.23 13.97
C TYR E 135 7.32 -20.39 12.85
N GLY E 136 8.60 -20.33 13.20
CA GLY E 136 9.65 -20.46 12.20
C GLY E 136 9.34 -21.35 11.02
N PHE E 137 8.79 -22.54 11.28
CA PHE E 137 8.47 -23.46 10.20
C PHE E 137 7.37 -22.90 9.32
N GLN E 138 6.38 -22.26 9.95
CA GLN E 138 5.26 -21.68 9.21
C GLN E 138 5.74 -20.47 8.39
N TRP E 139 6.54 -19.62 9.03
CA TRP E 139 7.09 -18.44 8.38
C TRP E 139 7.93 -18.74 7.16
N ARG E 140 8.85 -19.69 7.28
CA ARG E 140 9.73 -19.99 6.17
C ARG E 140 9.41 -21.22 5.35
N HIS E 141 8.38 -21.98 5.73
CA HIS E 141 8.07 -23.20 4.98
C HIS E 141 6.60 -23.54 4.80
N PHE E 142 5.73 -22.82 5.51
CA PHE E 142 4.28 -23.04 5.44
C PHE E 142 3.84 -23.98 4.31
N GLY E 143 3.07 -25.00 4.67
CA GLY E 143 2.56 -25.94 3.67
C GLY E 143 3.53 -27.03 3.32
N ALA E 144 4.11 -27.67 4.33
CA ALA E 144 5.08 -28.72 4.10
C ALA E 144 4.82 -29.95 4.99
N GLU E 145 5.57 -31.01 4.72
CA GLU E 145 5.45 -32.24 5.49
C GLU E 145 6.49 -32.15 6.60
N TYR E 146 6.04 -31.77 7.79
CA TYR E 146 6.95 -31.64 8.93
C TYR E 146 7.23 -32.98 9.59
N ARG E 147 8.46 -33.13 10.07
CA ARG E 147 8.87 -34.36 10.73
C ARG E 147 9.93 -34.13 11.79
N ASP E 148 11.18 -34.42 11.46
CA ASP E 148 12.28 -34.25 12.42
C ASP E 148 12.70 -32.79 12.50
N MET E 149 12.79 -32.27 13.73
CA MET E 149 13.20 -30.89 13.95
C MET E 149 14.67 -30.77 13.57
N GLU E 150 15.14 -31.72 12.78
CA GLU E 150 16.53 -31.78 12.34
C GLU E 150 16.60 -32.02 10.84
N SER E 151 15.48 -32.46 10.26
CA SER E 151 15.43 -32.72 8.83
C SER E 151 15.50 -31.42 8.03
N ASP E 152 15.95 -31.53 6.79
CA ASP E 152 16.08 -30.37 5.91
C ASP E 152 14.80 -30.14 5.11
N TYR E 153 14.40 -28.88 5.05
CA TYR E 153 13.17 -28.48 4.35
C TYR E 153 13.46 -27.54 3.18
N SER E 154 14.30 -26.54 3.44
CA SER E 154 14.69 -25.53 2.44
C SER E 154 14.25 -25.87 1.02
N GLY E 155 13.45 -24.98 0.44
CA GLY E 155 12.96 -25.20 -0.90
C GLY E 155 11.65 -25.95 -0.78
N GLN E 156 11.16 -26.07 0.46
CA GLN E 156 9.92 -26.77 0.73
C GLN E 156 8.88 -25.81 1.30
N GLY E 157 7.67 -25.87 0.75
CA GLY E 157 6.60 -25.01 1.21
C GLY E 157 6.64 -23.63 0.59
N VAL E 158 6.28 -22.63 1.39
CA VAL E 158 6.25 -21.25 0.93
C VAL E 158 6.96 -20.35 1.93
N ASP E 159 7.98 -19.64 1.47
CA ASP E 159 8.73 -18.73 2.33
C ASP E 159 7.97 -17.41 2.47
N GLN E 160 7.01 -17.39 3.39
CA GLN E 160 6.21 -16.19 3.61
C GLN E 160 7.12 -15.01 3.88
N LEU E 161 7.82 -15.04 5.00
CA LEU E 161 8.72 -13.98 5.40
C LEU E 161 9.43 -13.28 4.22
N GLN E 162 10.07 -14.05 3.35
CA GLN E 162 10.77 -13.45 2.21
C GLN E 162 9.83 -12.80 1.20
N LYS E 163 8.70 -13.44 0.92
CA LYS E 163 7.73 -12.89 -0.02
C LYS E 163 7.21 -11.53 0.48
N VAL E 164 7.15 -11.39 1.80
CA VAL E 164 6.72 -10.16 2.41
C VAL E 164 7.73 -9.08 2.12
N ILE E 165 9.01 -9.45 2.19
CA ILE E 165 10.07 -8.50 1.89
C ILE E 165 9.93 -8.14 0.42
N ASP E 166 9.96 -9.16 -0.42
CA ASP E 166 9.85 -8.99 -1.86
C ASP E 166 8.70 -8.06 -2.22
N THR E 167 7.51 -8.40 -1.76
CA THR E 167 6.35 -7.58 -2.09
C THR E 167 6.46 -6.13 -1.65
N ILE E 168 6.99 -5.91 -0.46
CA ILE E 168 7.13 -4.55 0.04
C ILE E 168 8.12 -3.78 -0.82
N LYS E 169 9.07 -4.49 -1.43
CA LYS E 169 10.06 -3.82 -2.26
C LYS E 169 9.49 -3.42 -3.63
N THR E 170 8.56 -4.22 -4.16
CA THR E 170 8.02 -3.93 -5.48
C THR E 170 6.56 -3.51 -5.52
N ASN E 171 5.81 -3.75 -4.45
CA ASN E 171 4.40 -3.39 -4.42
C ASN E 171 3.95 -2.73 -3.13
N PRO E 172 4.62 -1.65 -2.73
CA PRO E 172 4.29 -0.94 -1.50
C PRO E 172 2.79 -0.90 -1.24
N ASP E 173 2.03 -0.57 -2.29
CA ASP E 173 0.58 -0.43 -2.19
C ASP E 173 -0.19 -1.70 -1.86
N ASP E 174 0.38 -2.84 -2.23
CA ASP E 174 -0.24 -4.15 -1.99
C ASP E 174 -0.92 -4.26 -0.63
N ARG E 175 -2.15 -4.73 -0.64
CA ARG E 175 -2.93 -4.88 0.58
C ARG E 175 -3.07 -6.36 0.95
N ARG E 176 -2.15 -7.16 0.43
CA ARG E 176 -2.14 -8.59 0.68
C ARG E 176 -0.81 -9.10 1.25
N ILE E 177 -0.08 -8.22 1.97
CA ILE E 177 1.22 -8.55 2.57
C ILE E 177 0.92 -9.20 3.94
N ILE E 178 0.69 -10.52 3.90
CA ILE E 178 0.36 -11.27 5.10
C ILE E 178 1.20 -12.52 5.30
N MET E 179 1.71 -12.67 6.52
CA MET E 179 2.50 -13.82 6.90
C MET E 179 1.63 -14.52 7.95
N CYS E 180 1.16 -15.73 7.63
CA CYS E 180 0.30 -16.46 8.55
C CYS E 180 0.91 -17.69 9.22
N ALA E 181 0.96 -17.63 10.55
CA ALA E 181 1.49 -18.70 11.37
C ALA E 181 0.37 -19.61 11.89
N TRP E 182 -0.78 -19.64 11.20
CA TRP E 182 -1.88 -20.51 11.63
C TRP E 182 -2.26 -21.57 10.60
N ASN E 183 -1.42 -22.59 10.44
CA ASN E 183 -1.74 -23.67 9.49
C ASN E 183 -2.62 -24.67 10.22
N PRO E 184 -3.88 -24.82 9.78
CA PRO E 184 -4.78 -25.78 10.43
C PRO E 184 -4.53 -27.27 10.14
N ARG E 185 -3.87 -27.60 9.03
CA ARG E 185 -3.57 -29.01 8.72
C ARG E 185 -2.42 -29.43 9.63
N ASP E 186 -1.25 -28.88 9.39
CA ASP E 186 -0.07 -29.17 10.20
C ASP E 186 -0.26 -28.45 11.52
N LEU E 187 -1.46 -28.60 12.09
CA LEU E 187 -1.82 -27.95 13.35
C LEU E 187 -1.94 -28.91 14.55
N PRO E 188 -2.41 -30.15 14.31
CA PRO E 188 -2.51 -31.05 15.45
C PRO E 188 -1.13 -31.60 15.82
N LEU E 189 -0.12 -31.20 15.06
CA LEU E 189 1.26 -31.62 15.30
C LEU E 189 1.98 -30.52 16.05
N MET E 190 1.27 -29.44 16.34
CA MET E 190 1.86 -28.31 17.05
C MET E 190 2.01 -28.61 18.53
N ALA E 191 3.09 -28.08 19.11
CA ALA E 191 3.35 -28.24 20.53
C ALA E 191 2.75 -27.06 21.28
N LEU E 192 2.04 -26.22 20.54
CA LEU E 192 1.40 -25.05 21.11
C LEU E 192 0.79 -24.22 19.98
N PRO E 193 -0.46 -23.74 20.17
CA PRO E 193 -1.18 -22.93 19.18
C PRO E 193 -0.62 -21.50 19.12
N PRO E 194 -0.54 -20.95 17.90
CA PRO E 194 -0.02 -19.60 17.69
C PRO E 194 -0.83 -18.45 18.32
N CYS E 195 -0.25 -17.77 19.30
CA CYS E 195 -0.92 -16.63 19.91
C CYS E 195 -0.79 -15.49 18.90
N HIS E 196 0.06 -15.72 17.90
CA HIS E 196 0.32 -14.77 16.81
C HIS E 196 -0.23 -15.45 15.57
N ALA E 197 -1.54 -15.43 15.40
CA ALA E 197 -2.20 -16.07 14.26
C ALA E 197 -1.67 -15.57 12.91
N LEU E 198 -1.68 -14.25 12.73
CA LEU E 198 -1.18 -13.63 11.50
C LEU E 198 -0.98 -12.14 11.66
N CYS E 199 -0.16 -11.60 10.77
CA CYS E 199 0.16 -10.18 10.75
C CYS E 199 0.16 -9.67 9.31
N GLN E 200 -0.21 -8.40 9.15
CA GLN E 200 -0.24 -7.81 7.84
C GLN E 200 0.70 -6.62 7.80
N PHE E 201 1.22 -6.33 6.61
CA PHE E 201 2.12 -5.21 6.44
C PHE E 201 1.49 -4.19 5.51
N TYR E 202 1.82 -2.93 5.73
CA TYR E 202 1.24 -1.84 4.96
C TYR E 202 2.24 -0.69 4.80
N VAL E 203 2.42 -0.26 3.56
CA VAL E 203 3.33 0.82 3.23
C VAL E 203 2.51 2.02 2.74
N VAL E 204 2.95 3.21 3.12
CA VAL E 204 2.29 4.43 2.70
C VAL E 204 3.24 5.57 3.06
N ASN E 205 3.50 6.42 2.07
CA ASN E 205 4.42 7.55 2.23
C ASN E 205 5.74 7.09 2.85
N SER E 206 6.32 6.04 2.29
CA SER E 206 7.59 5.49 2.73
C SER E 206 7.66 4.83 4.10
N GLU E 207 6.57 4.86 4.86
CA GLU E 207 6.55 4.26 6.18
C GLU E 207 5.99 2.85 6.14
N LEU E 208 6.57 1.97 6.94
CA LEU E 208 6.09 0.59 6.99
C LEU E 208 5.37 0.41 8.31
N SER E 209 4.17 -0.12 8.25
CA SER E 209 3.40 -0.37 9.46
C SER E 209 3.10 -1.86 9.56
N CYS E 210 2.76 -2.30 10.75
CA CYS E 210 2.46 -3.71 11.00
C CYS E 210 1.37 -3.94 12.03
N GLN E 211 0.44 -4.82 11.69
CA GLN E 211 -0.66 -5.17 12.59
C GLN E 211 -0.60 -6.66 12.91
N LEU E 212 -0.92 -6.98 14.17
CA LEU E 212 -0.90 -8.36 14.60
C LEU E 212 -2.23 -8.84 15.15
N TYR E 213 -2.59 -10.08 14.83
CA TYR E 213 -3.82 -10.64 15.36
C TYR E 213 -3.41 -11.71 16.37
N GLN E 214 -3.31 -11.29 17.63
CA GLN E 214 -2.92 -12.17 18.73
C GLN E 214 -4.20 -12.74 19.32
N ARG E 215 -4.53 -13.99 18.96
CA ARG E 215 -5.75 -14.61 19.45
C ARG E 215 -5.91 -14.52 20.97
N SER E 216 -4.82 -14.74 21.71
CA SER E 216 -4.85 -14.66 23.18
C SER E 216 -3.79 -13.71 23.72
N GLY E 217 -4.18 -12.87 24.68
CA GLY E 217 -3.24 -11.90 25.21
C GLY E 217 -3.03 -11.80 26.71
N ASP E 218 -2.08 -12.58 27.22
CA ASP E 218 -1.73 -12.57 28.63
C ASP E 218 -1.14 -11.20 28.93
N MET E 219 -2.01 -10.22 29.16
CA MET E 219 -1.60 -8.83 29.43
C MET E 219 -0.43 -8.66 30.40
N GLY E 220 -0.44 -9.41 31.50
CA GLY E 220 0.61 -9.30 32.50
C GLY E 220 2.01 -9.44 31.95
N LEU E 221 2.33 -10.65 31.52
CA LEU E 221 3.63 -10.95 30.93
C LEU E 221 3.37 -11.75 29.65
N GLY E 222 3.61 -11.12 28.50
CA GLY E 222 3.38 -11.77 27.22
C GLY E 222 3.01 -10.75 26.16
N VAL E 223 2.15 -9.82 26.53
CA VAL E 223 1.73 -8.78 25.62
C VAL E 223 2.86 -7.78 25.43
N PRO E 224 3.32 -7.15 26.52
CA PRO E 224 4.41 -6.16 26.44
C PRO E 224 5.59 -6.72 25.68
N PHE E 225 5.78 -8.03 25.81
CA PHE E 225 6.86 -8.74 25.15
C PHE E 225 6.50 -8.93 23.69
N ASN E 226 5.25 -9.32 23.44
CA ASN E 226 4.75 -9.52 22.09
C ASN E 226 4.76 -8.22 21.30
N ILE E 227 4.54 -7.11 22.00
CA ILE E 227 4.59 -5.79 21.38
C ILE E 227 5.97 -5.71 20.72
N ALA E 228 6.99 -5.48 21.54
CA ALA E 228 8.36 -5.37 21.07
C ALA E 228 8.78 -6.51 20.13
N SER E 229 8.22 -7.69 20.32
CA SER E 229 8.59 -8.82 19.46
C SER E 229 8.13 -8.69 18.02
N TYR E 230 7.40 -7.61 17.71
CA TYR E 230 6.91 -7.39 16.36
C TYR E 230 7.26 -5.99 15.91
N ALA E 231 7.34 -5.09 16.88
CA ALA E 231 7.71 -3.73 16.57
C ALA E 231 9.14 -3.91 16.07
N LEU E 232 9.77 -4.95 16.59
CA LEU E 232 11.15 -5.29 16.22
C LEU E 232 11.18 -5.88 14.82
N LEU E 233 10.25 -6.77 14.49
CA LEU E 233 10.23 -7.36 13.16
C LEU E 233 9.87 -6.31 12.14
N THR E 234 9.38 -5.17 12.61
CA THR E 234 9.03 -4.08 11.72
C THR E 234 10.34 -3.37 11.35
N TYR E 235 11.00 -2.84 12.38
CA TYR E 235 12.27 -2.13 12.17
C TYR E 235 13.15 -2.94 11.25
N MET E 236 13.23 -4.23 11.53
CA MET E 236 14.05 -5.13 10.74
C MET E 236 13.66 -5.18 9.27
N ILE E 237 12.36 -5.21 8.99
CA ILE E 237 11.95 -5.27 7.60
C ILE E 237 11.99 -3.86 7.03
N ALA E 238 11.67 -2.88 7.88
CA ALA E 238 11.70 -1.51 7.44
C ALA E 238 13.13 -1.23 6.97
N HIS E 239 14.08 -1.88 7.63
CA HIS E 239 15.51 -1.73 7.35
C HIS E 239 15.91 -2.37 6.02
N ILE E 240 15.68 -3.66 5.90
CA ILE E 240 16.02 -4.40 4.69
C ILE E 240 15.34 -3.87 3.43
N THR E 241 14.17 -3.25 3.58
CA THR E 241 13.44 -2.75 2.43
C THR E 241 13.62 -1.27 2.09
N GLY E 242 14.30 -0.53 2.97
CA GLY E 242 14.53 0.88 2.73
C GLY E 242 13.35 1.76 3.10
N LEU E 243 12.66 1.39 4.17
CA LEU E 243 11.50 2.16 4.60
C LEU E 243 11.60 2.68 6.04
N LYS E 244 10.80 3.69 6.36
CA LYS E 244 10.75 4.25 7.70
C LYS E 244 9.70 3.46 8.50
N PRO E 245 9.97 3.17 9.77
CA PRO E 245 8.98 2.41 10.54
C PRO E 245 7.76 3.30 10.85
N GLY E 246 6.56 2.71 10.81
CA GLY E 246 5.35 3.47 11.07
C GLY E 246 4.63 3.22 12.40
N ASP E 247 3.62 2.37 12.38
CA ASP E 247 2.87 2.05 13.58
C ASP E 247 2.69 0.56 13.73
N PHE E 248 2.73 0.06 14.96
CA PHE E 248 2.47 -1.35 15.18
C PHE E 248 1.04 -1.44 15.68
N ILE E 249 0.17 -2.08 14.91
CA ILE E 249 -1.20 -2.20 15.33
C ILE E 249 -1.38 -3.51 16.04
N HIS E 250 -1.65 -3.41 17.34
CA HIS E 250 -1.84 -4.59 18.15
C HIS E 250 -3.31 -4.93 18.34
N THR E 251 -3.76 -5.95 17.63
CA THR E 251 -5.13 -6.38 17.72
C THR E 251 -5.19 -7.71 18.46
N LEU E 252 -5.74 -7.64 19.66
CA LEU E 252 -5.91 -8.78 20.56
C LEU E 252 -7.32 -9.40 20.45
N GLY E 253 -7.38 -10.73 20.51
CA GLY E 253 -8.66 -11.42 20.47
C GLY E 253 -9.15 -11.56 21.91
N ASP E 254 -8.63 -12.56 22.64
CA ASP E 254 -9.01 -12.78 24.03
C ASP E 254 -8.07 -12.04 24.96
N ALA E 255 -8.34 -10.76 25.21
CA ALA E 255 -7.49 -9.96 26.09
C ALA E 255 -7.78 -10.24 27.56
N HIS E 256 -7.15 -11.27 28.12
CA HIS E 256 -7.37 -11.64 29.52
C HIS E 256 -6.22 -11.28 30.48
N ILE E 257 -6.56 -11.19 31.76
CA ILE E 257 -5.59 -10.89 32.83
C ILE E 257 -5.77 -11.89 33.95
N TYR E 258 -4.70 -12.58 34.34
CA TYR E 258 -4.79 -13.54 35.44
C TYR E 258 -4.85 -12.75 36.74
N LEU E 259 -5.84 -13.04 37.58
CA LEU E 259 -6.03 -12.35 38.85
C LEU E 259 -4.76 -12.01 39.61
N ASN E 260 -3.91 -13.02 39.77
CA ASN E 260 -2.64 -12.90 40.47
C ASN E 260 -1.92 -11.56 40.27
N HIS E 261 -2.24 -10.87 39.18
CA HIS E 261 -1.59 -9.61 38.83
C HIS E 261 -2.37 -8.36 39.20
N ILE E 262 -3.67 -8.50 39.43
CA ILE E 262 -4.53 -7.36 39.76
C ILE E 262 -3.92 -6.42 40.79
N GLU E 263 -3.19 -7.00 41.74
CA GLU E 263 -2.57 -6.20 42.79
C GLU E 263 -1.19 -5.64 42.40
N PRO E 264 -0.31 -6.48 41.81
CA PRO E 264 0.98 -5.88 41.46
C PRO E 264 0.71 -4.81 40.41
N LEU E 265 -0.34 -5.02 39.62
CA LEU E 265 -0.74 -4.12 38.56
C LEU E 265 -1.34 -2.80 39.05
N LYS E 266 -2.03 -2.82 40.19
CA LYS E 266 -2.65 -1.61 40.71
C LYS E 266 -1.62 -0.51 40.95
N ILE E 267 -0.77 -0.70 41.95
CA ILE E 267 0.26 0.28 42.27
C ILE E 267 1.10 0.58 41.02
N GLN E 268 1.05 -0.31 40.03
CA GLN E 268 1.79 -0.07 38.81
C GLN E 268 0.88 0.68 37.85
N LEU E 269 -0.43 0.47 37.98
CA LEU E 269 -1.42 1.13 37.13
C LEU E 269 -1.50 2.61 37.51
N GLN E 270 -0.34 3.14 37.88
CA GLN E 270 -0.21 4.54 38.24
C GLN E 270 1.25 4.91 38.03
N ARG E 271 2.07 3.89 37.82
CA ARG E 271 3.49 4.11 37.56
C ARG E 271 3.58 5.06 36.39
N GLU E 272 4.56 5.94 36.43
CA GLU E 272 4.76 6.95 35.39
C GLU E 272 5.26 6.42 34.05
N PRO E 273 4.42 6.53 32.99
CA PRO E 273 4.88 6.06 31.69
C PRO E 273 6.07 6.96 31.30
N ARG E 274 7.28 6.46 31.52
CA ARG E 274 8.48 7.23 31.21
C ARG E 274 8.92 7.08 29.76
N PRO E 275 9.28 8.20 29.11
CA PRO E 275 9.72 8.21 27.72
C PRO E 275 10.35 6.92 27.21
N PHE E 276 9.70 6.33 26.21
CA PHE E 276 10.14 5.08 25.57
C PHE E 276 11.60 5.08 25.21
N PRO E 277 12.13 3.92 24.81
CA PRO E 277 13.53 3.76 24.41
C PRO E 277 13.64 4.07 22.91
N LYS E 278 14.64 3.51 22.24
CA LYS E 278 14.83 3.71 20.81
C LYS E 278 15.76 2.69 20.18
N LEU E 279 15.19 1.65 19.57
CA LEU E 279 15.96 0.60 18.93
C LEU E 279 16.80 1.14 17.78
N ARG E 280 18.11 0.90 17.84
CA ARG E 280 19.01 1.40 16.81
C ARG E 280 19.79 0.26 16.16
N ILE E 281 19.78 0.21 14.84
CA ILE E 281 20.55 -0.80 14.12
C ILE E 281 21.92 -0.18 13.91
N LEU E 282 22.96 -0.94 14.20
CA LEU E 282 24.34 -0.44 14.10
C LEU E 282 25.12 -0.89 12.87
N ARG E 283 24.48 -1.65 12.00
CA ARG E 283 25.12 -2.16 10.79
C ARG E 283 24.15 -2.30 9.62
N LYS E 284 24.45 -1.65 8.50
CA LYS E 284 23.58 -1.79 7.34
C LYS E 284 23.59 -3.27 6.95
N VAL E 285 22.44 -3.92 7.14
CA VAL E 285 22.28 -5.34 6.82
C VAL E 285 21.59 -5.52 5.49
N GLU E 286 22.05 -6.51 4.73
CA GLU E 286 21.53 -6.78 3.39
C GLU E 286 20.31 -7.69 3.40
N LYS E 287 20.47 -8.89 3.94
CA LYS E 287 19.35 -9.82 4.01
C LYS E 287 18.78 -9.88 5.42
N ILE E 288 17.57 -10.42 5.54
CA ILE E 288 16.87 -10.52 6.81
C ILE E 288 17.60 -11.46 7.76
N ASP E 289 18.10 -12.57 7.22
CA ASP E 289 18.83 -13.58 8.01
C ASP E 289 20.14 -13.03 8.61
N ASP E 290 20.88 -12.27 7.81
CA ASP E 290 22.14 -11.69 8.22
C ASP E 290 22.09 -10.91 9.53
N PHE E 291 20.92 -10.85 10.16
CA PHE E 291 20.82 -10.12 11.42
C PHE E 291 21.38 -10.94 12.59
N LYS E 292 22.00 -10.25 13.54
CA LYS E 292 22.58 -10.87 14.73
C LYS E 292 22.33 -9.96 15.94
N ALA E 293 22.22 -10.54 17.13
CA ALA E 293 21.95 -9.78 18.35
C ALA E 293 22.67 -8.43 18.56
N GLU E 294 23.95 -8.35 18.21
CA GLU E 294 24.70 -7.08 18.41
C GLU E 294 24.38 -6.02 17.36
N ASP E 295 23.61 -6.41 16.35
CA ASP E 295 23.24 -5.49 15.29
C ASP E 295 22.29 -4.44 15.82
N PHE E 296 21.64 -4.73 16.95
CA PHE E 296 20.67 -3.78 17.54
C PHE E 296 21.06 -3.24 18.92
N GLN E 297 20.54 -2.07 19.25
CA GLN E 297 20.86 -1.43 20.53
C GLN E 297 19.77 -0.53 21.11
N ILE E 298 19.03 -1.07 22.08
CA ILE E 298 17.96 -0.34 22.75
C ILE E 298 18.58 0.71 23.66
N GLU E 299 18.49 1.98 23.30
CA GLU E 299 19.07 3.00 24.15
C GLU E 299 18.08 4.07 24.62
N GLY E 300 17.87 4.12 25.94
CA GLY E 300 16.96 5.07 26.54
C GLY E 300 15.94 4.41 27.45
N TYR E 301 16.03 3.08 27.55
CA TYR E 301 15.13 2.29 28.37
C TYR E 301 15.29 2.59 29.86
N ASN E 302 14.45 3.50 30.37
CA ASN E 302 14.50 3.88 31.78
C ASN E 302 13.22 3.39 32.48
N PRO E 303 13.14 2.09 32.79
CA PRO E 303 12.01 1.45 33.45
C PRO E 303 11.84 1.64 34.96
N HIS E 304 11.37 0.57 35.62
CA HIS E 304 11.14 0.52 37.07
C HIS E 304 11.23 -0.94 37.53
N PRO E 305 11.19 -1.21 38.85
CA PRO E 305 11.27 -2.56 39.40
C PRO E 305 10.42 -3.60 38.65
#